data_1T07
# 
_entry.id   1T07 
# 
_audit_conform.dict_name       mmcif_pdbx.dic 
_audit_conform.dict_version    5.397 
_audit_conform.dict_location   http://mmcif.pdb.org/dictionaries/ascii/mmcif_pdbx.dic 
# 
loop_
_database_2.database_id 
_database_2.database_code 
_database_2.pdbx_database_accession 
_database_2.pdbx_DOI 
PDB   1T07         pdb_00001t07 10.2210/pdb1t07/pdb 
RCSB  RCSB022148   ?            ?                   
WWPDB D_1000022148 ?            ?                   
# 
loop_
_pdbx_audit_revision_history.ordinal 
_pdbx_audit_revision_history.data_content_type 
_pdbx_audit_revision_history.major_revision 
_pdbx_audit_revision_history.minor_revision 
_pdbx_audit_revision_history.revision_date 
1 'Structure model' 1 0 2004-08-03 
2 'Structure model' 1 1 2008-04-30 
3 'Structure model' 1 2 2011-07-13 
4 'Structure model' 1 3 2024-10-30 
# 
_pdbx_audit_revision_details.ordinal             1 
_pdbx_audit_revision_details.revision_ordinal    1 
_pdbx_audit_revision_details.data_content_type   'Structure model' 
_pdbx_audit_revision_details.provider            repository 
_pdbx_audit_revision_details.type                'Initial release' 
_pdbx_audit_revision_details.description         ? 
_pdbx_audit_revision_details.details             ? 
# 
loop_
_pdbx_audit_revision_group.ordinal 
_pdbx_audit_revision_group.revision_ordinal 
_pdbx_audit_revision_group.data_content_type 
_pdbx_audit_revision_group.group 
1 2 'Structure model' 'Version format compliance' 
2 3 'Structure model' 'Version format compliance' 
3 4 'Structure model' 'Data collection'           
4 4 'Structure model' 'Database references'       
5 4 'Structure model' 'Derived calculations'      
6 4 'Structure model' 'Structure summary'         
# 
loop_
_pdbx_audit_revision_category.ordinal 
_pdbx_audit_revision_category.revision_ordinal 
_pdbx_audit_revision_category.data_content_type 
_pdbx_audit_revision_category.category 
1 4 'Structure model' chem_comp_atom            
2 4 'Structure model' chem_comp_bond            
3 4 'Structure model' database_2                
4 4 'Structure model' pdbx_entry_details        
5 4 'Structure model' pdbx_modification_feature 
6 4 'Structure model' struct_conn               
7 4 'Structure model' struct_ref_seq_dif        
# 
loop_
_pdbx_audit_revision_item.ordinal 
_pdbx_audit_revision_item.revision_ordinal 
_pdbx_audit_revision_item.data_content_type 
_pdbx_audit_revision_item.item 
1 4 'Structure model' '_database_2.pdbx_DOI'                
2 4 'Structure model' '_database_2.pdbx_database_accession' 
3 4 'Structure model' '_struct_conn.pdbx_leaving_atom_flag' 
4 4 'Structure model' '_struct_ref_seq_dif.details'         
# 
_pdbx_database_status.status_code                     REL 
_pdbx_database_status.entry_id                        1T07 
_pdbx_database_status.recvd_initial_deposition_date   2004-04-07 
_pdbx_database_status.deposit_site                    RCSB 
_pdbx_database_status.process_site                    RCSB 
_pdbx_database_status.SG_entry                        Y 
_pdbx_database_status.status_code_sf                  REL 
_pdbx_database_status.pdb_format_compatible           Y 
_pdbx_database_status.status_code_mr                  ? 
_pdbx_database_status.status_code_cs                  ? 
_pdbx_database_status.status_code_nmr_data            ? 
_pdbx_database_status.methods_development_category    ? 
# 
_pdbx_database_related.db_name        TargetDB 
_pdbx_database_related.db_id          APC5047 
_pdbx_database_related.details        . 
_pdbx_database_related.content_type   unspecified 
# 
loop_
_audit_author.name 
_audit_author.pdbx_ordinal 
'Kim, Y.'                                       1 
'Joachimiak, A.'                                2 
'Skarina, T.'                                   3 
'Savchenko, A.'                                 4 
'Edwards, A.'                                   5 
'Midwest Center for Structural Genomics (MCSG)' 6 
# 
_citation.id                        primary 
_citation.title                     'Crystal Structure of PA5148 from Pseudomonas aeruginosa' 
_citation.journal_abbrev            'To be Published' 
_citation.journal_volume            ? 
_citation.page_first                ? 
_citation.page_last                 ? 
_citation.year                      ? 
_citation.journal_id_ASTM           ? 
_citation.country                   ? 
_citation.journal_id_ISSN           ? 
_citation.journal_id_CSD            0353 
_citation.book_publisher            ? 
_citation.pdbx_database_id_PubMed   ? 
_citation.pdbx_database_id_DOI      ? 
# 
loop_
_citation_author.citation_id 
_citation_author.name 
_citation_author.ordinal 
_citation_author.identifier_ORCID 
primary 'Kim, Y.'        1 ? 
primary 'Joachimiak, A.' 2 ? 
primary 'Skarina, T.'    3 ? 
primary 'Savchenko, A.'  4 ? 
primary 'Edwards, A.'    5 ? 
# 
loop_
_entity.id 
_entity.type 
_entity.src_method 
_entity.pdbx_description 
_entity.formula_weight 
_entity.pdbx_number_of_molecules 
_entity.pdbx_ec 
_entity.pdbx_mutation 
_entity.pdbx_fragment 
_entity.details 
1 polymer man 'Hypothetical UPF0269 protein PA5148' 11261.718 1   ? ? ? ? 
2 water   nat water                                 18.015    116 ? ? ? ? 
# 
_entity_poly.entity_id                      1 
_entity_poly.type                           'polypeptide(L)' 
_entity_poly.nstd_linkage                   no 
_entity_poly.nstd_monomer                   yes 
_entity_poly.pdbx_seq_one_letter_code       
;GH(MSE)SRTV(MSE)CRKYHEELPGLDRPPYPGAKGEDIYNNVSRKAWDEWQKHQT(MSE)LINERRLN(MSE)(MSE)
NAEDRKFLQQE(MSE)DKFLSGEDYAKADGYVPPSAGS
;
_entity_poly.pdbx_seq_one_letter_code_can   
;GHMSRTVMCRKYHEELPGLDRPPYPGAKGEDIYNNVSRKAWDEWQKHQTMLINERRLNMMNAEDRKFLQQEMDKFLSGED
YAKADGYVPPSAGS
;
_entity_poly.pdbx_strand_id                 A 
_entity_poly.pdbx_target_identifier         APC5047 
# 
_pdbx_entity_nonpoly.entity_id   2 
_pdbx_entity_nonpoly.name        water 
_pdbx_entity_nonpoly.comp_id     HOH 
# 
loop_
_entity_poly_seq.entity_id 
_entity_poly_seq.num 
_entity_poly_seq.mon_id 
_entity_poly_seq.hetero 
1 1  GLY n 
1 2  HIS n 
1 3  MSE n 
1 4  SER n 
1 5  ARG n 
1 6  THR n 
1 7  VAL n 
1 8  MSE n 
1 9  CYS n 
1 10 ARG n 
1 11 LYS n 
1 12 TYR n 
1 13 HIS n 
1 14 GLU n 
1 15 GLU n 
1 16 LEU n 
1 17 PRO n 
1 18 GLY n 
1 19 LEU n 
1 20 ASP n 
1 21 ARG n 
1 22 PRO n 
1 23 PRO n 
1 24 TYR n 
1 25 PRO n 
1 26 GLY n 
1 27 ALA n 
1 28 LYS n 
1 29 GLY n 
1 30 GLU n 
1 31 ASP n 
1 32 ILE n 
1 33 TYR n 
1 34 ASN n 
1 35 ASN n 
1 36 VAL n 
1 37 SER n 
1 38 ARG n 
1 39 LYS n 
1 40 ALA n 
1 41 TRP n 
1 42 ASP n 
1 43 GLU n 
1 44 TRP n 
1 45 GLN n 
1 46 LYS n 
1 47 HIS n 
1 48 GLN n 
1 49 THR n 
1 50 MSE n 
1 51 LEU n 
1 52 ILE n 
1 53 ASN n 
1 54 GLU n 
1 55 ARG n 
1 56 ARG n 
1 57 LEU n 
1 58 ASN n 
1 59 MSE n 
1 60 MSE n 
1 61 ASN n 
1 62 ALA n 
1 63 GLU n 
1 64 ASP n 
1 65 ARG n 
1 66 LYS n 
1 67 PHE n 
1 68 LEU n 
1 69 GLN n 
1 70 GLN n 
1 71 GLU n 
1 72 MSE n 
1 73 ASP n 
1 74 LYS n 
1 75 PHE n 
1 76 LEU n 
1 77 SER n 
1 78 GLY n 
1 79 GLU n 
1 80 ASP n 
1 81 TYR n 
1 82 ALA n 
1 83 LYS n 
1 84 ALA n 
1 85 ASP n 
1 86 GLY n 
1 87 TYR n 
1 88 VAL n 
1 89 PRO n 
1 90 PRO n 
1 91 SER n 
1 92 ALA n 
1 93 GLY n 
1 94 SER n 
# 
_entity_src_gen.entity_id                          1 
_entity_src_gen.pdbx_src_id                        1 
_entity_src_gen.pdbx_alt_source_flag               sample 
_entity_src_gen.pdbx_seq_type                      ? 
_entity_src_gen.pdbx_beg_seq_num                   ? 
_entity_src_gen.pdbx_end_seq_num                   ? 
_entity_src_gen.gene_src_common_name               ? 
_entity_src_gen.gene_src_genus                     Pseudomonas 
_entity_src_gen.pdbx_gene_src_gene                 PA5148 
_entity_src_gen.gene_src_species                   ? 
_entity_src_gen.gene_src_strain                    ? 
_entity_src_gen.gene_src_tissue                    ? 
_entity_src_gen.gene_src_tissue_fraction           ? 
_entity_src_gen.gene_src_details                   ? 
_entity_src_gen.pdbx_gene_src_fragment             ? 
_entity_src_gen.pdbx_gene_src_scientific_name      'Pseudomonas aeruginosa' 
_entity_src_gen.pdbx_gene_src_ncbi_taxonomy_id     287 
_entity_src_gen.pdbx_gene_src_variant              ? 
_entity_src_gen.pdbx_gene_src_cell_line            ? 
_entity_src_gen.pdbx_gene_src_atcc                 ? 
_entity_src_gen.pdbx_gene_src_organ                ? 
_entity_src_gen.pdbx_gene_src_organelle            ? 
_entity_src_gen.pdbx_gene_src_cell                 ? 
_entity_src_gen.pdbx_gene_src_cellular_location    ? 
_entity_src_gen.host_org_common_name               ? 
_entity_src_gen.pdbx_host_org_scientific_name      'Escherichia coli BL21(DE3)' 
_entity_src_gen.pdbx_host_org_ncbi_taxonomy_id     469008 
_entity_src_gen.host_org_genus                     Escherichia 
_entity_src_gen.pdbx_host_org_gene                 ? 
_entity_src_gen.pdbx_host_org_organ                ? 
_entity_src_gen.host_org_species                   'Escherichia coli' 
_entity_src_gen.pdbx_host_org_tissue               ? 
_entity_src_gen.pdbx_host_org_tissue_fraction      ? 
_entity_src_gen.pdbx_host_org_strain               BL21DE3 
_entity_src_gen.pdbx_host_org_variant              ? 
_entity_src_gen.pdbx_host_org_cell_line            ? 
_entity_src_gen.pdbx_host_org_atcc                 ? 
_entity_src_gen.pdbx_host_org_culture_collection   ? 
_entity_src_gen.pdbx_host_org_cell                 ? 
_entity_src_gen.pdbx_host_org_organelle            ? 
_entity_src_gen.pdbx_host_org_cellular_location    ? 
_entity_src_gen.pdbx_host_org_vector_type          plasmid 
_entity_src_gen.pdbx_host_org_vector               ? 
_entity_src_gen.host_org_details                   ? 
_entity_src_gen.expression_system_id               ? 
_entity_src_gen.plasmid_name                       pMCSG7 
_entity_src_gen.plasmid_details                    ? 
_entity_src_gen.pdbx_description                   ? 
# 
loop_
_chem_comp.id 
_chem_comp.type 
_chem_comp.mon_nstd_flag 
_chem_comp.name 
_chem_comp.pdbx_synonyms 
_chem_comp.formula 
_chem_comp.formula_weight 
ALA 'L-peptide linking' y ALANINE          ? 'C3 H7 N O2'     89.093  
ARG 'L-peptide linking' y ARGININE         ? 'C6 H15 N4 O2 1' 175.209 
ASN 'L-peptide linking' y ASPARAGINE       ? 'C4 H8 N2 O3'    132.118 
ASP 'L-peptide linking' y 'ASPARTIC ACID'  ? 'C4 H7 N O4'     133.103 
CYS 'L-peptide linking' y CYSTEINE         ? 'C3 H7 N O2 S'   121.158 
GLN 'L-peptide linking' y GLUTAMINE        ? 'C5 H10 N2 O3'   146.144 
GLU 'L-peptide linking' y 'GLUTAMIC ACID'  ? 'C5 H9 N O4'     147.129 
GLY 'peptide linking'   y GLYCINE          ? 'C2 H5 N O2'     75.067  
HIS 'L-peptide linking' y HISTIDINE        ? 'C6 H10 N3 O2 1' 156.162 
HOH non-polymer         . WATER            ? 'H2 O'           18.015  
ILE 'L-peptide linking' y ISOLEUCINE       ? 'C6 H13 N O2'    131.173 
LEU 'L-peptide linking' y LEUCINE          ? 'C6 H13 N O2'    131.173 
LYS 'L-peptide linking' y LYSINE           ? 'C6 H15 N2 O2 1' 147.195 
MET 'L-peptide linking' y METHIONINE       ? 'C5 H11 N O2 S'  149.211 
MSE 'L-peptide linking' n SELENOMETHIONINE ? 'C5 H11 N O2 Se' 196.106 
PHE 'L-peptide linking' y PHENYLALANINE    ? 'C9 H11 N O2'    165.189 
PRO 'L-peptide linking' y PROLINE          ? 'C5 H9 N O2'     115.130 
SER 'L-peptide linking' y SERINE           ? 'C3 H7 N O3'     105.093 
THR 'L-peptide linking' y THREONINE        ? 'C4 H9 N O3'     119.119 
TRP 'L-peptide linking' y TRYPTOPHAN       ? 'C11 H12 N2 O2'  204.225 
TYR 'L-peptide linking' y TYROSINE         ? 'C9 H11 N O3'    181.189 
VAL 'L-peptide linking' y VALINE           ? 'C5 H11 N O2'    117.146 
# 
loop_
_pdbx_poly_seq_scheme.asym_id 
_pdbx_poly_seq_scheme.entity_id 
_pdbx_poly_seq_scheme.seq_id 
_pdbx_poly_seq_scheme.mon_id 
_pdbx_poly_seq_scheme.ndb_seq_num 
_pdbx_poly_seq_scheme.pdb_seq_num 
_pdbx_poly_seq_scheme.auth_seq_num 
_pdbx_poly_seq_scheme.pdb_mon_id 
_pdbx_poly_seq_scheme.auth_mon_id 
_pdbx_poly_seq_scheme.pdb_strand_id 
_pdbx_poly_seq_scheme.pdb_ins_code 
_pdbx_poly_seq_scheme.hetero 
A 1 1  GLY 1  -1 -1 GLY GLY A . n 
A 1 2  HIS 2  0  0  HIS HIS A . n 
A 1 3  MSE 3  1  1  MSE MSE A . n 
A 1 4  SER 4  2  2  SER SER A . n 
A 1 5  ARG 5  3  3  ARG ARG A . n 
A 1 6  THR 6  4  4  THR THR A . n 
A 1 7  VAL 7  5  5  VAL VAL A . n 
A 1 8  MSE 8  6  6  MSE MSE A . n 
A 1 9  CYS 9  7  7  CYS CYS A . n 
A 1 10 ARG 10 8  8  ARG ARG A . n 
A 1 11 LYS 11 9  9  LYS LYS A . n 
A 1 12 TYR 12 10 10 TYR TYR A . n 
A 1 13 HIS 13 11 11 HIS HIS A . n 
A 1 14 GLU 14 12 12 GLU GLU A . n 
A 1 15 GLU 15 13 13 GLU GLU A . n 
A 1 16 LEU 16 14 14 LEU LEU A . n 
A 1 17 PRO 17 15 15 PRO PRO A . n 
A 1 18 GLY 18 16 16 GLY GLY A . n 
A 1 19 LEU 19 17 17 LEU LEU A . n 
A 1 20 ASP 20 18 18 ASP ASP A . n 
A 1 21 ARG 21 19 19 ARG ARG A . n 
A 1 22 PRO 22 20 20 PRO PRO A . n 
A 1 23 PRO 23 21 21 PRO PRO A . n 
A 1 24 TYR 24 22 22 TYR TYR A . n 
A 1 25 PRO 25 23 23 PRO PRO A . n 
A 1 26 GLY 26 24 24 GLY GLY A . n 
A 1 27 ALA 27 25 25 ALA ALA A . n 
A 1 28 LYS 28 26 26 LYS LYS A . n 
A 1 29 GLY 29 27 27 GLY GLY A . n 
A 1 30 GLU 30 28 28 GLU GLU A . n 
A 1 31 ASP 31 29 29 ASP ASP A . n 
A 1 32 ILE 32 30 30 ILE ILE A . n 
A 1 33 TYR 33 31 31 TYR TYR A . n 
A 1 34 ASN 34 32 32 ASN ASN A . n 
A 1 35 ASN 35 33 33 ASN ASN A . n 
A 1 36 VAL 36 34 34 VAL VAL A . n 
A 1 37 SER 37 35 35 SER SER A . n 
A 1 38 ARG 38 36 36 ARG ARG A . n 
A 1 39 LYS 39 37 37 LYS LYS A . n 
A 1 40 ALA 40 38 38 ALA ALA A . n 
A 1 41 TRP 41 39 39 TRP TRP A . n 
A 1 42 ASP 42 40 40 ASP ASP A . n 
A 1 43 GLU 43 41 41 GLU GLU A . n 
A 1 44 TRP 44 42 42 TRP TRP A . n 
A 1 45 GLN 45 43 43 GLN GLN A . n 
A 1 46 LYS 46 44 44 LYS LYS A . n 
A 1 47 HIS 47 45 45 HIS HIS A . n 
A 1 48 GLN 48 46 46 GLN GLN A . n 
A 1 49 THR 49 47 47 THR THR A . n 
A 1 50 MSE 50 48 48 MSE MSE A . n 
A 1 51 LEU 51 49 49 LEU LEU A . n 
A 1 52 ILE 52 50 50 ILE ILE A . n 
A 1 53 ASN 53 51 51 ASN ASN A . n 
A 1 54 GLU 54 52 52 GLU GLU A . n 
A 1 55 ARG 55 53 53 ARG ARG A . n 
A 1 56 ARG 56 54 54 ARG ARG A . n 
A 1 57 LEU 57 55 55 LEU LEU A . n 
A 1 58 ASN 58 56 56 ASN ASN A . n 
A 1 59 MSE 59 57 57 MSE MSE A . n 
A 1 60 MSE 60 58 58 MSE MSE A . n 
A 1 61 ASN 61 59 59 ASN ASN A . n 
A 1 62 ALA 62 60 60 ALA ALA A . n 
A 1 63 GLU 63 61 61 GLU GLU A . n 
A 1 64 ASP 64 62 62 ASP ASP A . n 
A 1 65 ARG 65 63 63 ARG ARG A . n 
A 1 66 LYS 66 64 64 LYS LYS A . n 
A 1 67 PHE 67 65 65 PHE PHE A . n 
A 1 68 LEU 68 66 66 LEU LEU A . n 
A 1 69 GLN 69 67 67 GLN GLN A . n 
A 1 70 GLN 70 68 68 GLN GLN A . n 
A 1 71 GLU 71 69 69 GLU GLU A . n 
A 1 72 MSE 72 70 70 MSE MSE A . n 
A 1 73 ASP 73 71 71 ASP ASP A . n 
A 1 74 LYS 74 72 72 LYS LYS A . n 
A 1 75 PHE 75 73 73 PHE PHE A . n 
A 1 76 LEU 76 74 74 LEU LEU A . n 
A 1 77 SER 77 75 75 SER SER A . n 
A 1 78 GLY 78 76 76 GLY GLY A . n 
A 1 79 GLU 79 77 77 GLU GLU A . n 
A 1 80 ASP 80 78 78 ASP ASP A . n 
A 1 81 TYR 81 79 79 TYR TYR A . n 
A 1 82 ALA 82 80 ?  ?   ?   A . n 
A 1 83 LYS 83 81 ?  ?   ?   A . n 
A 1 84 ALA 84 82 ?  ?   ?   A . n 
A 1 85 ASP 85 83 ?  ?   ?   A . n 
A 1 86 GLY 86 84 ?  ?   ?   A . n 
A 1 87 TYR 87 85 ?  ?   ?   A . n 
A 1 88 VAL 88 86 ?  ?   ?   A . n 
A 1 89 PRO 89 87 ?  ?   ?   A . n 
A 1 90 PRO 90 88 ?  ?   ?   A . n 
A 1 91 SER 91 89 ?  ?   ?   A . n 
A 1 92 ALA 92 90 ?  ?   ?   A . n 
A 1 93 GLY 93 91 ?  ?   ?   A . n 
A 1 94 SER 94 92 ?  ?   ?   A . n 
# 
loop_
_pdbx_nonpoly_scheme.asym_id 
_pdbx_nonpoly_scheme.entity_id 
_pdbx_nonpoly_scheme.mon_id 
_pdbx_nonpoly_scheme.ndb_seq_num 
_pdbx_nonpoly_scheme.pdb_seq_num 
_pdbx_nonpoly_scheme.auth_seq_num 
_pdbx_nonpoly_scheme.pdb_mon_id 
_pdbx_nonpoly_scheme.auth_mon_id 
_pdbx_nonpoly_scheme.pdb_strand_id 
_pdbx_nonpoly_scheme.pdb_ins_code 
B 2 HOH 1   93  1   HOH HOH A . 
B 2 HOH 2   94  2   HOH HOH A . 
B 2 HOH 3   95  3   HOH HOH A . 
B 2 HOH 4   96  4   HOH HOH A . 
B 2 HOH 5   97  5   HOH HOH A . 
B 2 HOH 6   98  6   HOH HOH A . 
B 2 HOH 7   99  7   HOH HOH A . 
B 2 HOH 8   100 8   HOH HOH A . 
B 2 HOH 9   101 9   HOH HOH A . 
B 2 HOH 10  102 10  HOH HOH A . 
B 2 HOH 11  103 11  HOH HOH A . 
B 2 HOH 12  104 12  HOH HOH A . 
B 2 HOH 13  105 13  HOH HOH A . 
B 2 HOH 14  106 14  HOH HOH A . 
B 2 HOH 15  107 15  HOH HOH A . 
B 2 HOH 16  108 16  HOH HOH A . 
B 2 HOH 17  109 17  HOH HOH A . 
B 2 HOH 18  110 18  HOH HOH A . 
B 2 HOH 19  111 19  HOH HOH A . 
B 2 HOH 20  112 20  HOH HOH A . 
B 2 HOH 21  113 21  HOH HOH A . 
B 2 HOH 22  114 22  HOH HOH A . 
B 2 HOH 23  115 23  HOH HOH A . 
B 2 HOH 24  116 24  HOH HOH A . 
B 2 HOH 25  117 25  HOH HOH A . 
B 2 HOH 26  118 26  HOH HOH A . 
B 2 HOH 27  119 27  HOH HOH A . 
B 2 HOH 28  120 28  HOH HOH A . 
B 2 HOH 29  121 29  HOH HOH A . 
B 2 HOH 30  122 30  HOH HOH A . 
B 2 HOH 31  123 31  HOH HOH A . 
B 2 HOH 32  124 32  HOH HOH A . 
B 2 HOH 33  125 33  HOH HOH A . 
B 2 HOH 34  126 34  HOH HOH A . 
B 2 HOH 35  127 35  HOH HOH A . 
B 2 HOH 36  128 36  HOH HOH A . 
B 2 HOH 37  129 37  HOH HOH A . 
B 2 HOH 38  130 38  HOH HOH A . 
B 2 HOH 39  131 39  HOH HOH A . 
B 2 HOH 40  132 40  HOH HOH A . 
B 2 HOH 41  133 41  HOH HOH A . 
B 2 HOH 42  134 42  HOH HOH A . 
B 2 HOH 43  135 43  HOH HOH A . 
B 2 HOH 44  136 44  HOH HOH A . 
B 2 HOH 45  137 45  HOH HOH A . 
B 2 HOH 46  138 46  HOH HOH A . 
B 2 HOH 47  139 47  HOH HOH A . 
B 2 HOH 48  140 48  HOH HOH A . 
B 2 HOH 49  141 49  HOH HOH A . 
B 2 HOH 50  142 50  HOH HOH A . 
B 2 HOH 51  143 51  HOH HOH A . 
B 2 HOH 52  144 52  HOH HOH A . 
B 2 HOH 53  145 53  HOH HOH A . 
B 2 HOH 54  146 54  HOH HOH A . 
B 2 HOH 55  147 55  HOH HOH A . 
B 2 HOH 56  148 56  HOH HOH A . 
B 2 HOH 57  149 57  HOH HOH A . 
B 2 HOH 58  150 58  HOH HOH A . 
B 2 HOH 59  151 59  HOH HOH A . 
B 2 HOH 60  152 60  HOH HOH A . 
B 2 HOH 61  153 61  HOH HOH A . 
B 2 HOH 62  154 62  HOH HOH A . 
B 2 HOH 63  155 63  HOH HOH A . 
B 2 HOH 64  156 64  HOH HOH A . 
B 2 HOH 65  157 65  HOH HOH A . 
B 2 HOH 66  158 66  HOH HOH A . 
B 2 HOH 67  159 67  HOH HOH A . 
B 2 HOH 68  160 68  HOH HOH A . 
B 2 HOH 69  161 69  HOH HOH A . 
B 2 HOH 70  162 70  HOH HOH A . 
B 2 HOH 71  163 71  HOH HOH A . 
B 2 HOH 72  164 72  HOH HOH A . 
B 2 HOH 73  165 73  HOH HOH A . 
B 2 HOH 74  166 74  HOH HOH A . 
B 2 HOH 75  167 75  HOH HOH A . 
B 2 HOH 76  168 76  HOH HOH A . 
B 2 HOH 77  169 77  HOH HOH A . 
B 2 HOH 78  170 78  HOH HOH A . 
B 2 HOH 79  171 79  HOH HOH A . 
B 2 HOH 80  172 80  HOH HOH A . 
B 2 HOH 81  173 81  HOH HOH A . 
B 2 HOH 82  174 82  HOH HOH A . 
B 2 HOH 83  175 83  HOH HOH A . 
B 2 HOH 84  176 84  HOH HOH A . 
B 2 HOH 85  177 85  HOH HOH A . 
B 2 HOH 86  178 86  HOH HOH A . 
B 2 HOH 87  179 87  HOH HOH A . 
B 2 HOH 88  180 88  HOH HOH A . 
B 2 HOH 89  181 89  HOH HOH A . 
B 2 HOH 90  182 90  HOH HOH A . 
B 2 HOH 91  183 91  HOH HOH A . 
B 2 HOH 92  184 92  HOH HOH A . 
B 2 HOH 93  185 93  HOH HOH A . 
B 2 HOH 94  186 94  HOH HOH A . 
B 2 HOH 95  187 95  HOH HOH A . 
B 2 HOH 96  188 96  HOH HOH A . 
B 2 HOH 97  189 97  HOH HOH A . 
B 2 HOH 98  190 98  HOH HOH A . 
B 2 HOH 99  191 99  HOH HOH A . 
B 2 HOH 100 192 100 HOH HOH A . 
B 2 HOH 101 193 101 HOH HOH A . 
B 2 HOH 102 194 102 HOH HOH A . 
B 2 HOH 103 195 103 HOH HOH A . 
B 2 HOH 104 196 104 HOH HOH A . 
B 2 HOH 105 197 105 HOH HOH A . 
B 2 HOH 106 198 106 HOH HOH A . 
B 2 HOH 107 199 107 HOH HOH A . 
B 2 HOH 108 200 108 HOH HOH A . 
B 2 HOH 109 201 109 HOH HOH A . 
B 2 HOH 110 202 110 HOH HOH A . 
B 2 HOH 111 203 111 HOH HOH A . 
B 2 HOH 112 204 112 HOH HOH A . 
B 2 HOH 113 205 113 HOH HOH A . 
B 2 HOH 114 206 114 HOH HOH A . 
B 2 HOH 115 207 115 HOH HOH A . 
B 2 HOH 116 208 116 HOH HOH A . 
# 
loop_
_software.name 
_software.classification 
_software.version 
_software.citation_id 
_software.pdbx_ordinal 
CNS         refinement        1.1 ? 1 
SBC-Collect 'data collection' .   ? 2 
HKL-2000    'data reduction'  .   ? 3 
HKL-2000    'data scaling'    .   ? 4 
SOLVE       phasing           .   ? 5 
# 
_cell.entry_id           1T07 
_cell.length_a           55.574 
_cell.length_b           55.574 
_cell.length_c           62.412 
_cell.angle_alpha        90.00 
_cell.angle_beta         90.00 
_cell.angle_gamma        90.00 
_cell.Z_PDB              8 
_cell.pdbx_unique_axis   ? 
# 
_symmetry.entry_id                         1T07 
_symmetry.space_group_name_H-M             'P 42 21 2' 
_symmetry.pdbx_full_space_group_name_H-M   ? 
_symmetry.cell_setting                     ? 
_symmetry.Int_Tables_number                94 
_symmetry.space_group_name_Hall            ? 
# 
_exptl.entry_id          1T07 
_exptl.method            'X-RAY DIFFRACTION' 
_exptl.crystals_number   1 
# 
_exptl_crystal.id                    1 
_exptl_crystal.density_meas          ? 
_exptl_crystal.density_percent_sol   49.5 
_exptl_crystal.description           ? 
_exptl_crystal.density_Matthews      2.14 
_exptl_crystal.F_000                 ? 
_exptl_crystal.preparation           ? 
# 
_exptl_crystal_grow.crystal_id      1 
_exptl_crystal_grow.method          'VAPOR DIFFUSION, HANGING DROP' 
_exptl_crystal_grow.temp            298 
_exptl_crystal_grow.temp_details    ? 
_exptl_crystal_grow.pH              3.5 
_exptl_crystal_grow.pdbx_details    'PEG 3350, Citric acid, pH 3.5, VAPOR DIFFUSION, HANGING DROP, temperature 298K' 
_exptl_crystal_grow.pdbx_pH_range   . 
# 
_diffrn.id                     1 
_diffrn.ambient_temp           100 
_diffrn.ambient_temp_details   ? 
_diffrn.crystal_id             1 
# 
_diffrn_detector.diffrn_id              1 
_diffrn_detector.detector               CCD 
_diffrn_detector.type                   SBC-2 
_diffrn_detector.pdbx_collection_date   2004-03-24 
_diffrn_detector.details                mirrors 
# 
_diffrn_radiation.diffrn_id                        1 
_diffrn_radiation.wavelength_id                    1 
_diffrn_radiation.pdbx_monochromatic_or_laue_m_l   M 
_diffrn_radiation.monochromator                    'double crystal' 
_diffrn_radiation.pdbx_diffrn_protocol             'SINGLE WAVELENGTH' 
_diffrn_radiation.pdbx_scattering_type             x-ray 
# 
_diffrn_radiation_wavelength.id           1 
_diffrn_radiation_wavelength.wavelength   0.9793 
_diffrn_radiation_wavelength.wt           1.0 
# 
_diffrn_source.diffrn_id                   1 
_diffrn_source.source                      SYNCHROTRON 
_diffrn_source.type                        'APS BEAMLINE 19-ID' 
_diffrn_source.pdbx_synchrotron_site       APS 
_diffrn_source.pdbx_synchrotron_beamline   19-ID 
_diffrn_source.pdbx_wavelength             ? 
_diffrn_source.pdbx_wavelength_list        0.9793 
# 
_reflns.entry_id                     1T07 
_reflns.observed_criterion_sigma_I   0.0 
_reflns.observed_criterion_sigma_F   0.0 
_reflns.d_resolution_low             50 
_reflns.d_resolution_high            1.75 
_reflns.number_obs                   10400 
_reflns.number_all                   10800 
_reflns.percent_possible_obs         99.7 
_reflns.pdbx_Rmerge_I_obs            0.102 
_reflns.pdbx_Rsym_value              ? 
_reflns.pdbx_netI_over_sigmaI        7.5 
_reflns.B_iso_Wilson_estimate        17.9 
_reflns.pdbx_redundancy              17.7 
_reflns.R_free_details               ? 
_reflns.limit_h_max                  ? 
_reflns.limit_h_min                  ? 
_reflns.limit_k_max                  ? 
_reflns.limit_k_min                  ? 
_reflns.limit_l_max                  ? 
_reflns.limit_l_min                  ? 
_reflns.observed_criterion_F_max     ? 
_reflns.observed_criterion_F_min     ? 
_reflns.pdbx_chi_squared             ? 
_reflns.pdbx_scaling_rejects         ? 
_reflns.pdbx_diffrn_id               1 
_reflns.pdbx_ordinal                 1 
# 
_reflns_shell.d_res_high             1.75 
_reflns_shell.d_res_low              1.81 
_reflns_shell.percent_possible_all   99.2 
_reflns_shell.Rmerge_I_obs           0.572 
_reflns_shell.pdbx_Rsym_value        ? 
_reflns_shell.meanI_over_sigI_obs    2.6 
_reflns_shell.pdbx_redundancy        13.8 
_reflns_shell.percent_possible_obs   ? 
_reflns_shell.number_unique_all      1000 
_reflns_shell.number_measured_all    ? 
_reflns_shell.number_measured_obs    ? 
_reflns_shell.number_unique_obs      ? 
_reflns_shell.pdbx_chi_squared       ? 
_reflns_shell.pdbx_diffrn_id         ? 
_reflns_shell.pdbx_ordinal           1 
# 
_refine.entry_id                                 1T07 
_refine.ls_number_reflns_obs                     9366 
_refine.ls_number_reflns_all                     9541 
_refine.pdbx_ls_sigma_I                          ? 
_refine.pdbx_ls_sigma_F                          0.0 
_refine.pdbx_data_cutoff_high_absF               287466.87 
_refine.pdbx_data_cutoff_low_absF                0.000000 
_refine.pdbx_data_cutoff_high_rms_absF           ? 
_refine.ls_d_res_low                             23.09 
_refine.ls_d_res_high                            1.80 
_refine.ls_percent_reflns_obs                    98.3 
_refine.ls_R_factor_obs                          0.197 
_refine.ls_R_factor_all                          ? 
_refine.ls_R_factor_R_work                       0.192 
_refine.ls_R_factor_R_free                       0.24 
_refine.ls_R_factor_R_free_error                 0.008 
_refine.ls_R_factor_R_free_error_details         ? 
_refine.ls_percent_reflns_R_free                 10.4 
_refine.ls_number_reflns_R_free                  976 
_refine.ls_number_parameters                     ? 
_refine.ls_number_restraints                     ? 
_refine.occupancy_min                            ? 
_refine.occupancy_max                            ? 
_refine.correlation_coeff_Fo_to_Fc               ? 
_refine.correlation_coeff_Fo_to_Fc_free          ? 
_refine.B_iso_mean                               21.0 
_refine.aniso_B[1][1]                            -1.55 
_refine.aniso_B[2][2]                            -1.55 
_refine.aniso_B[3][3]                            3.10 
_refine.aniso_B[1][2]                            0.00 
_refine.aniso_B[1][3]                            0.00 
_refine.aniso_B[2][3]                            0.00 
_refine.solvent_model_details                    'FLAT MODEL' 
_refine.solvent_model_param_ksol                 0.357183 
_refine.solvent_model_param_bsol                 47.8427 
_refine.pdbx_solvent_vdw_probe_radii             ? 
_refine.pdbx_solvent_ion_probe_radii             ? 
_refine.pdbx_solvent_shrinkage_radii             ? 
_refine.pdbx_ls_cross_valid_method               THROUGHOUT 
_refine.details                                  ? 
_refine.pdbx_starting_model                      ? 
_refine.pdbx_method_to_determine_struct          SAD 
_refine.pdbx_isotropic_thermal_model             RESTRAINED 
_refine.pdbx_stereochemistry_target_values       'Engh & Huber' 
_refine.pdbx_stereochem_target_val_spec_case     ? 
_refine.pdbx_R_Free_selection_details            RANDOM 
_refine.pdbx_overall_ESU_R                       ? 
_refine.pdbx_overall_ESU_R_Free                  ? 
_refine.overall_SU_ML                            ? 
_refine.overall_SU_B                             ? 
_refine.ls_redundancy_reflns_obs                 ? 
_refine.B_iso_min                                ? 
_refine.B_iso_max                                ? 
_refine.overall_SU_R_Cruickshank_DPI             ? 
_refine.overall_SU_R_free                        ? 
_refine.ls_wR_factor_R_free                      ? 
_refine.ls_wR_factor_R_work                      ? 
_refine.overall_FOM_free_R_set                   ? 
_refine.overall_FOM_work_R_set                   ? 
_refine.pdbx_refine_id                           'X-RAY DIFFRACTION' 
_refine.pdbx_diffrn_id                           1 
_refine.pdbx_TLS_residual_ADP_flag               ? 
_refine.pdbx_overall_phase_error                 ? 
_refine.pdbx_overall_SU_R_free_Cruickshank_DPI   ? 
_refine.pdbx_overall_SU_R_Blow_DPI               ? 
_refine.pdbx_overall_SU_R_free_Blow_DPI          ? 
# 
_refine_analyze.entry_id                        1T07 
_refine_analyze.Luzzati_coordinate_error_obs    0.19 
_refine_analyze.Luzzati_sigma_a_obs             0.09 
_refine_analyze.Luzzati_d_res_low_obs           5.00 
_refine_analyze.Luzzati_coordinate_error_free   0.23 
_refine_analyze.Luzzati_sigma_a_free            0.13 
_refine_analyze.Luzzati_d_res_low_free          ? 
_refine_analyze.number_disordered_residues      ? 
_refine_analyze.occupancy_sum_hydrogen          ? 
_refine_analyze.occupancy_sum_non_hydrogen      ? 
_refine_analyze.pdbx_Luzzati_d_res_high_obs     ? 
_refine_analyze.pdbx_refine_id                  'X-RAY DIFFRACTION' 
# 
_refine_hist.pdbx_refine_id                   'X-RAY DIFFRACTION' 
_refine_hist.cycle_id                         LAST 
_refine_hist.pdbx_number_atoms_protein        719 
_refine_hist.pdbx_number_atoms_nucleic_acid   0 
_refine_hist.pdbx_number_atoms_ligand         0 
_refine_hist.number_atoms_solvent             116 
_refine_hist.number_atoms_total               835 
_refine_hist.d_res_high                       1.80 
_refine_hist.d_res_low                        23.09 
# 
loop_
_refine_ls_restr.type 
_refine_ls_restr.dev_ideal 
_refine_ls_restr.dev_ideal_target 
_refine_ls_restr.weight 
_refine_ls_restr.number 
_refine_ls_restr.pdbx_refine_id 
_refine_ls_restr.pdbx_restraint_function 
c_bond_d                0.009 ?    ? ? 'X-RAY DIFFRACTION' ? 
c_bond_d_na             ?     ?    ? ? 'X-RAY DIFFRACTION' ? 
c_bond_d_prot           ?     ?    ? ? 'X-RAY DIFFRACTION' ? 
c_angle_d               ?     ?    ? ? 'X-RAY DIFFRACTION' ? 
c_angle_d_na            ?     ?    ? ? 'X-RAY DIFFRACTION' ? 
c_angle_d_prot          ?     ?    ? ? 'X-RAY DIFFRACTION' ? 
c_angle_deg             1.3   ?    ? ? 'X-RAY DIFFRACTION' ? 
c_angle_deg_na          ?     ?    ? ? 'X-RAY DIFFRACTION' ? 
c_angle_deg_prot        ?     ?    ? ? 'X-RAY DIFFRACTION' ? 
c_dihedral_angle_d      20.8  ?    ? ? 'X-RAY DIFFRACTION' ? 
c_dihedral_angle_d_na   ?     ?    ? ? 'X-RAY DIFFRACTION' ? 
c_dihedral_angle_d_prot ?     ?    ? ? 'X-RAY DIFFRACTION' ? 
c_improper_angle_d      0.84  ?    ? ? 'X-RAY DIFFRACTION' ? 
c_improper_angle_d_na   ?     ?    ? ? 'X-RAY DIFFRACTION' ? 
c_improper_angle_d_prot ?     ?    ? ? 'X-RAY DIFFRACTION' ? 
c_mcbond_it             1.61  1.50 ? ? 'X-RAY DIFFRACTION' ? 
c_mcangle_it            2.30  2.00 ? ? 'X-RAY DIFFRACTION' ? 
c_scbond_it             3.32  2.00 ? ? 'X-RAY DIFFRACTION' ? 
c_scangle_it            4.94  2.50 ? ? 'X-RAY DIFFRACTION' ? 
# 
_refine_ls_shell.pdbx_total_number_of_bins_used   6 
_refine_ls_shell.d_res_high                       1.80 
_refine_ls_shell.d_res_low                        1.91 
_refine_ls_shell.number_reflns_R_work             1306 
_refine_ls_shell.R_factor_R_work                  0.216 
_refine_ls_shell.percent_reflns_obs               94.8 
_refine_ls_shell.R_factor_R_free                  0.252 
_refine_ls_shell.R_factor_R_free_error            0.020 
_refine_ls_shell.percent_reflns_R_free            10.5 
_refine_ls_shell.number_reflns_R_free             154 
_refine_ls_shell.number_reflns_obs                1306 
_refine_ls_shell.redundancy_reflns_obs            ? 
_refine_ls_shell.number_reflns_all                ? 
_refine_ls_shell.pdbx_refine_id                   'X-RAY DIFFRACTION' 
_refine_ls_shell.R_factor_all                     ? 
# 
loop_
_pdbx_xplor_file.serial_no 
_pdbx_xplor_file.param_file 
_pdbx_xplor_file.topol_file 
_pdbx_xplor_file.pdbx_refine_id 
1 PROTEIN_REP.PARAM PROTEIN.TOP 'X-RAY DIFFRACTION' 
2 WATER_REP.PARAM   WATER.TOP   'X-RAY DIFFRACTION' 
3 ION.PARAM         ION.TOP     'X-RAY DIFFRACTION' 
# 
_struct.entry_id                  1T07 
_struct.title                     'Crystal Structure of Conserved Protein of Unknown Function PA5148 from Pseudomonas aeruginosa' 
_struct.pdbx_model_details        ? 
_struct.pdbx_CASP_flag            ? 
_struct.pdbx_model_type_details   ? 
# 
_struct_keywords.entry_id        1T07 
_struct_keywords.pdbx_keywords   'Structural genomics, unknown function' 
_struct_keywords.text            
;Structural genomics, APC5047, PA5148, Conserved hypothetical protein, Pseudomonas aeruginosa, PSI, Protein Structure Initiative, Midwest Center for Structural Genomics, MCSG, unknown function
;
# 
loop_
_struct_asym.id 
_struct_asym.pdbx_blank_PDB_chainid_flag 
_struct_asym.pdbx_modified 
_struct_asym.entity_id 
_struct_asym.details 
A N N 1 ? 
B N N 2 ? 
# 
_struct_ref.id                         1 
_struct_ref.db_name                    UNP 
_struct_ref.db_code                    FETP_PSEAE 
_struct_ref.pdbx_db_accession          Q9HU36 
_struct_ref.entity_id                  1 
_struct_ref.pdbx_seq_one_letter_code   
;MSRTVMCRKYHEELPGLDRPPYPGAKGEDIYNNVSRKAWDEWQKHQTMLINERRLNMMNAEDRKFLQQEMDKFLSGEDYA
KADGYVPPSA
;
_struct_ref.pdbx_align_begin           1 
_struct_ref.pdbx_db_isoform            ? 
# 
_struct_ref_seq.align_id                      1 
_struct_ref_seq.ref_id                        1 
_struct_ref_seq.pdbx_PDB_id_code              1T07 
_struct_ref_seq.pdbx_strand_id                A 
_struct_ref_seq.seq_align_beg                 3 
_struct_ref_seq.pdbx_seq_align_beg_ins_code   ? 
_struct_ref_seq.seq_align_end                 92 
_struct_ref_seq.pdbx_seq_align_end_ins_code   ? 
_struct_ref_seq.pdbx_db_accession             Q9HU36 
_struct_ref_seq.db_align_beg                  1 
_struct_ref_seq.pdbx_db_align_beg_ins_code    ? 
_struct_ref_seq.db_align_end                  90 
_struct_ref_seq.pdbx_db_align_end_ins_code    ? 
_struct_ref_seq.pdbx_auth_seq_align_beg       1 
_struct_ref_seq.pdbx_auth_seq_align_end       90 
# 
loop_
_struct_ref_seq_dif.align_id 
_struct_ref_seq_dif.pdbx_pdb_id_code 
_struct_ref_seq_dif.mon_id 
_struct_ref_seq_dif.pdbx_pdb_strand_id 
_struct_ref_seq_dif.seq_num 
_struct_ref_seq_dif.pdbx_pdb_ins_code 
_struct_ref_seq_dif.pdbx_seq_db_name 
_struct_ref_seq_dif.pdbx_seq_db_accession_code 
_struct_ref_seq_dif.db_mon_id 
_struct_ref_seq_dif.pdbx_seq_db_seq_num 
_struct_ref_seq_dif.details 
_struct_ref_seq_dif.pdbx_auth_seq_num 
_struct_ref_seq_dif.pdbx_ordinal 
1 1T07 GLY A 1  ? UNP Q9HU36 ?   ?  'cloning artifact' -1 1  
1 1T07 HIS A 2  ? UNP Q9HU36 ?   ?  'cloning artifact' 0  2  
1 1T07 MSE A 3  ? UNP Q9HU36 MET 1  'modified residue' 1  3  
1 1T07 MSE A 8  ? UNP Q9HU36 MET 6  'modified residue' 6  4  
1 1T07 MSE A 50 ? UNP Q9HU36 MET 48 'modified residue' 48 5  
1 1T07 MSE A 59 ? UNP Q9HU36 MET 57 'modified residue' 57 6  
1 1T07 MSE A 60 ? UNP Q9HU36 MET 58 'modified residue' 58 7  
1 1T07 MSE A 72 ? UNP Q9HU36 MET 70 'modified residue' 70 8  
1 1T07 GLY A 93 ? UNP Q9HU36 ?   ?  'cloning artifact' 91 9  
1 1T07 SER A 94 ? UNP Q9HU36 ?   ?  'cloning artifact' 92 10 
# 
_pdbx_struct_assembly.id                   1 
_pdbx_struct_assembly.details              author_defined_assembly 
_pdbx_struct_assembly.method_details       ? 
_pdbx_struct_assembly.oligomeric_details   monomeric 
_pdbx_struct_assembly.oligomeric_count     1 
# 
_pdbx_struct_assembly_gen.assembly_id       1 
_pdbx_struct_assembly_gen.oper_expression   1 
_pdbx_struct_assembly_gen.asym_id_list      A,B 
# 
_pdbx_struct_oper_list.id                   1 
_pdbx_struct_oper_list.type                 'identity operation' 
_pdbx_struct_oper_list.name                 1_555 
_pdbx_struct_oper_list.symmetry_operation   x,y,z 
_pdbx_struct_oper_list.matrix[1][1]         1.0000000000 
_pdbx_struct_oper_list.matrix[1][2]         0.0000000000 
_pdbx_struct_oper_list.matrix[1][3]         0.0000000000 
_pdbx_struct_oper_list.vector[1]            0.0000000000 
_pdbx_struct_oper_list.matrix[2][1]         0.0000000000 
_pdbx_struct_oper_list.matrix[2][2]         1.0000000000 
_pdbx_struct_oper_list.matrix[2][3]         0.0000000000 
_pdbx_struct_oper_list.vector[2]            0.0000000000 
_pdbx_struct_oper_list.matrix[3][1]         0.0000000000 
_pdbx_struct_oper_list.matrix[3][2]         0.0000000000 
_pdbx_struct_oper_list.matrix[3][3]         1.0000000000 
_pdbx_struct_oper_list.vector[3]            0.0000000000 
# 
loop_
_struct_conf.conf_type_id 
_struct_conf.id 
_struct_conf.pdbx_PDB_helix_id 
_struct_conf.beg_label_comp_id 
_struct_conf.beg_label_asym_id 
_struct_conf.beg_label_seq_id 
_struct_conf.pdbx_beg_PDB_ins_code 
_struct_conf.end_label_comp_id 
_struct_conf.end_label_asym_id 
_struct_conf.end_label_seq_id 
_struct_conf.pdbx_end_PDB_ins_code 
_struct_conf.beg_auth_comp_id 
_struct_conf.beg_auth_asym_id 
_struct_conf.beg_auth_seq_id 
_struct_conf.end_auth_comp_id 
_struct_conf.end_auth_asym_id 
_struct_conf.end_auth_seq_id 
_struct_conf.pdbx_PDB_helix_class 
_struct_conf.details 
_struct_conf.pdbx_PDB_helix_length 
HELX_P HELX_P1 1 GLY A 26 ? VAL A 36 ? GLY A 24 VAL A 34 1 ? 11 
HELX_P HELX_P2 2 SER A 37 ? ARG A 56 ? SER A 35 ARG A 54 1 ? 20 
HELX_P HELX_P3 3 ASN A 61 ? LEU A 76 ? ASN A 59 LEU A 74 1 ? 16 
# 
_struct_conf_type.id          HELX_P 
_struct_conf_type.criteria    ? 
_struct_conf_type.reference   ? 
# 
loop_
_struct_conn.id 
_struct_conn.conn_type_id 
_struct_conn.pdbx_leaving_atom_flag 
_struct_conn.pdbx_PDB_id 
_struct_conn.ptnr1_label_asym_id 
_struct_conn.ptnr1_label_comp_id 
_struct_conn.ptnr1_label_seq_id 
_struct_conn.ptnr1_label_atom_id 
_struct_conn.pdbx_ptnr1_label_alt_id 
_struct_conn.pdbx_ptnr1_PDB_ins_code 
_struct_conn.pdbx_ptnr1_standard_comp_id 
_struct_conn.ptnr1_symmetry 
_struct_conn.ptnr2_label_asym_id 
_struct_conn.ptnr2_label_comp_id 
_struct_conn.ptnr2_label_seq_id 
_struct_conn.ptnr2_label_atom_id 
_struct_conn.pdbx_ptnr2_label_alt_id 
_struct_conn.pdbx_ptnr2_PDB_ins_code 
_struct_conn.ptnr1_auth_asym_id 
_struct_conn.ptnr1_auth_comp_id 
_struct_conn.ptnr1_auth_seq_id 
_struct_conn.ptnr2_auth_asym_id 
_struct_conn.ptnr2_auth_comp_id 
_struct_conn.ptnr2_auth_seq_id 
_struct_conn.ptnr2_symmetry 
_struct_conn.pdbx_ptnr3_label_atom_id 
_struct_conn.pdbx_ptnr3_label_seq_id 
_struct_conn.pdbx_ptnr3_label_comp_id 
_struct_conn.pdbx_ptnr3_label_asym_id 
_struct_conn.pdbx_ptnr3_label_alt_id 
_struct_conn.pdbx_ptnr3_PDB_ins_code 
_struct_conn.details 
_struct_conn.pdbx_dist_value 
_struct_conn.pdbx_value_order 
_struct_conn.pdbx_role 
covale1  covale both ? A HIS 2  C ? ? ? 1_555 A MSE 3  N ? ? A HIS 0  A MSE 1  1_555 ? ? ? ? ? ? ? 1.322 ? ? 
covale2  covale both ? A MSE 3  C ? ? ? 1_555 A SER 4  N ? ? A MSE 1  A SER 2  1_555 ? ? ? ? ? ? ? 1.323 ? ? 
covale3  covale both ? A VAL 7  C ? ? ? 1_555 A MSE 8  N ? ? A VAL 5  A MSE 6  1_555 ? ? ? ? ? ? ? 1.331 ? ? 
covale4  covale both ? A MSE 8  C ? ? ? 1_555 A CYS 9  N ? ? A MSE 6  A CYS 7  1_555 ? ? ? ? ? ? ? 1.328 ? ? 
covale5  covale both ? A THR 49 C ? ? ? 1_555 A MSE 50 N A ? A THR 47 A MSE 48 1_555 ? ? ? ? ? ? ? 1.327 ? ? 
covale6  covale both ? A THR 49 C ? ? ? 1_555 A MSE 50 N B ? A THR 47 A MSE 48 1_555 ? ? ? ? ? ? ? 1.329 ? ? 
covale7  covale both ? A MSE 50 C A ? ? 1_555 A LEU 51 N ? ? A MSE 48 A LEU 49 1_555 ? ? ? ? ? ? ? 1.332 ? ? 
covale8  covale both ? A MSE 50 C B ? ? 1_555 A LEU 51 N ? ? A MSE 48 A LEU 49 1_555 ? ? ? ? ? ? ? 1.333 ? ? 
covale9  covale both ? A ASN 58 C ? ? ? 1_555 A MSE 59 N ? ? A ASN 56 A MSE 57 1_555 ? ? ? ? ? ? ? 1.329 ? ? 
covale10 covale both ? A MSE 59 C ? ? ? 1_555 A MSE 60 N ? ? A MSE 57 A MSE 58 1_555 ? ? ? ? ? ? ? 1.326 ? ? 
covale11 covale both ? A MSE 60 C ? ? ? 1_555 A ASN 61 N ? ? A MSE 58 A ASN 59 1_555 ? ? ? ? ? ? ? 1.333 ? ? 
covale12 covale both ? A GLU 71 C ? ? ? 1_555 A MSE 72 N ? ? A GLU 69 A MSE 70 1_555 ? ? ? ? ? ? ? 1.327 ? ? 
covale13 covale both ? A MSE 72 C ? ? ? 1_555 A ASP 73 N ? ? A MSE 70 A ASP 71 1_555 ? ? ? ? ? ? ? 1.336 ? ? 
# 
_struct_conn_type.id          covale 
_struct_conn_type.criteria    ? 
_struct_conn_type.reference   ? 
# 
loop_
_pdbx_modification_feature.ordinal 
_pdbx_modification_feature.label_comp_id 
_pdbx_modification_feature.label_asym_id 
_pdbx_modification_feature.label_seq_id 
_pdbx_modification_feature.label_alt_id 
_pdbx_modification_feature.modified_residue_label_comp_id 
_pdbx_modification_feature.modified_residue_label_asym_id 
_pdbx_modification_feature.modified_residue_label_seq_id 
_pdbx_modification_feature.modified_residue_label_alt_id 
_pdbx_modification_feature.auth_comp_id 
_pdbx_modification_feature.auth_asym_id 
_pdbx_modification_feature.auth_seq_id 
_pdbx_modification_feature.PDB_ins_code 
_pdbx_modification_feature.symmetry 
_pdbx_modification_feature.modified_residue_auth_comp_id 
_pdbx_modification_feature.modified_residue_auth_asym_id 
_pdbx_modification_feature.modified_residue_auth_seq_id 
_pdbx_modification_feature.modified_residue_PDB_ins_code 
_pdbx_modification_feature.modified_residue_symmetry 
_pdbx_modification_feature.comp_id_linking_atom 
_pdbx_modification_feature.modified_residue_id_linking_atom 
_pdbx_modification_feature.modified_residue_id 
_pdbx_modification_feature.ref_pcm_id 
_pdbx_modification_feature.ref_comp_id 
_pdbx_modification_feature.type 
_pdbx_modification_feature.category 
1 MSE A 3  ? . . . . MSE A 1  ? 1_555 . . . . . . . MET 1 MSE Selenomethionine 'Named protein modification' 
2 MSE A 8  ? . . . . MSE A 6  ? 1_555 . . . . . . . MET 1 MSE Selenomethionine 'Named protein modification' 
3 MSE A 50 A . . . . MSE A 48 ? 1_555 . . . . . . . MET 1 MSE Selenomethionine 'Named protein modification' 
4 MSE A 50 B . . . . MSE A 48 ? 1_555 . . . . . . . MET 1 MSE Selenomethionine 'Named protein modification' 
5 MSE A 59 ? . . . . MSE A 57 ? 1_555 . . . . . . . MET 1 MSE Selenomethionine 'Named protein modification' 
6 MSE A 60 ? . . . . MSE A 58 ? 1_555 . . . . . . . MET 1 MSE Selenomethionine 'Named protein modification' 
7 MSE A 72 ? . . . . MSE A 70 ? 1_555 . . . . . . . MET 1 MSE Selenomethionine 'Named protein modification' 
# 
_struct_sheet.id               A 
_struct_sheet.type             ? 
_struct_sheet.number_strands   2 
_struct_sheet.details          ? 
# 
_struct_sheet_order.sheet_id     A 
_struct_sheet_order.range_id_1   1 
_struct_sheet_order.range_id_2   2 
_struct_sheet_order.offset       ? 
_struct_sheet_order.sense        anti-parallel 
# 
loop_
_struct_sheet_range.sheet_id 
_struct_sheet_range.id 
_struct_sheet_range.beg_label_comp_id 
_struct_sheet_range.beg_label_asym_id 
_struct_sheet_range.beg_label_seq_id 
_struct_sheet_range.pdbx_beg_PDB_ins_code 
_struct_sheet_range.end_label_comp_id 
_struct_sheet_range.end_label_asym_id 
_struct_sheet_range.end_label_seq_id 
_struct_sheet_range.pdbx_end_PDB_ins_code 
_struct_sheet_range.beg_auth_comp_id 
_struct_sheet_range.beg_auth_asym_id 
_struct_sheet_range.beg_auth_seq_id 
_struct_sheet_range.end_auth_comp_id 
_struct_sheet_range.end_auth_asym_id 
_struct_sheet_range.end_auth_seq_id 
A 1 THR A 6  ? CYS A 9  ? THR A 4  CYS A 7  
A 2 GLU A 14 ? PRO A 17 ? GLU A 12 PRO A 15 
# 
_pdbx_struct_sheet_hbond.sheet_id                A 
_pdbx_struct_sheet_hbond.range_id_1              1 
_pdbx_struct_sheet_hbond.range_id_2              2 
_pdbx_struct_sheet_hbond.range_1_label_atom_id   N 
_pdbx_struct_sheet_hbond.range_1_label_comp_id   CYS 
_pdbx_struct_sheet_hbond.range_1_label_asym_id   A 
_pdbx_struct_sheet_hbond.range_1_label_seq_id    9 
_pdbx_struct_sheet_hbond.range_1_PDB_ins_code    ? 
_pdbx_struct_sheet_hbond.range_1_auth_atom_id    N 
_pdbx_struct_sheet_hbond.range_1_auth_comp_id    CYS 
_pdbx_struct_sheet_hbond.range_1_auth_asym_id    A 
_pdbx_struct_sheet_hbond.range_1_auth_seq_id     7 
_pdbx_struct_sheet_hbond.range_2_label_atom_id   O 
_pdbx_struct_sheet_hbond.range_2_label_comp_id   GLU 
_pdbx_struct_sheet_hbond.range_2_label_asym_id   A 
_pdbx_struct_sheet_hbond.range_2_label_seq_id    14 
_pdbx_struct_sheet_hbond.range_2_PDB_ins_code    ? 
_pdbx_struct_sheet_hbond.range_2_auth_atom_id    O 
_pdbx_struct_sheet_hbond.range_2_auth_comp_id    GLU 
_pdbx_struct_sheet_hbond.range_2_auth_asym_id    A 
_pdbx_struct_sheet_hbond.range_2_auth_seq_id     12 
# 
_pdbx_entry_details.entry_id                   1T07 
_pdbx_entry_details.compound_details           ? 
_pdbx_entry_details.source_details             ? 
_pdbx_entry_details.nonpolymer_details         ? 
_pdbx_entry_details.sequence_details           ? 
_pdbx_entry_details.has_ligand_of_interest     ? 
_pdbx_entry_details.has_protein_modification   Y 
# 
_pdbx_SG_project.id                    1 
_pdbx_SG_project.project_name          'PSI, Protein Structure Initiative' 
_pdbx_SG_project.full_name_of_center   'Midwest Center for Structural Genomics' 
_pdbx_SG_project.initial_of_center     MCSG 
# 
loop_
_pdbx_struct_mod_residue.id 
_pdbx_struct_mod_residue.label_asym_id 
_pdbx_struct_mod_residue.label_comp_id 
_pdbx_struct_mod_residue.label_seq_id 
_pdbx_struct_mod_residue.auth_asym_id 
_pdbx_struct_mod_residue.auth_comp_id 
_pdbx_struct_mod_residue.auth_seq_id 
_pdbx_struct_mod_residue.PDB_ins_code 
_pdbx_struct_mod_residue.parent_comp_id 
_pdbx_struct_mod_residue.details 
1 A MSE 3  A MSE 1  ? MET SELENOMETHIONINE 
2 A MSE 8  A MSE 6  ? MET SELENOMETHIONINE 
3 A MSE 50 A MSE 48 ? MET SELENOMETHIONINE 
4 A MSE 59 A MSE 57 ? MET SELENOMETHIONINE 
5 A MSE 60 A MSE 58 ? MET SELENOMETHIONINE 
6 A MSE 72 A MSE 70 ? MET SELENOMETHIONINE 
# 
_pdbx_database_remark.id     300 
_pdbx_database_remark.text   
;BIOMOLECULE:
THIS ENTRY CONTAINS THE CRYSTALLOGRAPHIC ASYMMETRIC UNIT
WHICH CONSISTS OF 1 CHAIN. THE BIOLOGICAL UNIT IS UNKNOWN.
;
# 
loop_
_pdbx_unobs_or_zero_occ_residues.id 
_pdbx_unobs_or_zero_occ_residues.PDB_model_num 
_pdbx_unobs_or_zero_occ_residues.polymer_flag 
_pdbx_unobs_or_zero_occ_residues.occupancy_flag 
_pdbx_unobs_or_zero_occ_residues.auth_asym_id 
_pdbx_unobs_or_zero_occ_residues.auth_comp_id 
_pdbx_unobs_or_zero_occ_residues.auth_seq_id 
_pdbx_unobs_or_zero_occ_residues.PDB_ins_code 
_pdbx_unobs_or_zero_occ_residues.label_asym_id 
_pdbx_unobs_or_zero_occ_residues.label_comp_id 
_pdbx_unobs_or_zero_occ_residues.label_seq_id 
1  1 Y 1 A ALA 80 ? A ALA 82 
2  1 Y 1 A LYS 81 ? A LYS 83 
3  1 Y 1 A ALA 82 ? A ALA 84 
4  1 Y 1 A ASP 83 ? A ASP 85 
5  1 Y 1 A GLY 84 ? A GLY 86 
6  1 Y 1 A TYR 85 ? A TYR 87 
7  1 Y 1 A VAL 86 ? A VAL 88 
8  1 Y 1 A PRO 87 ? A PRO 89 
9  1 Y 1 A PRO 88 ? A PRO 90 
10 1 Y 1 A SER 89 ? A SER 91 
11 1 Y 1 A ALA 90 ? A ALA 92 
12 1 Y 1 A GLY 91 ? A GLY 93 
13 1 Y 1 A SER 92 ? A SER 94 
# 
loop_
_chem_comp_atom.comp_id 
_chem_comp_atom.atom_id 
_chem_comp_atom.type_symbol 
_chem_comp_atom.pdbx_aromatic_flag 
_chem_comp_atom.pdbx_stereo_config 
_chem_comp_atom.pdbx_ordinal 
ALA N    N  N N 1   
ALA CA   C  N S 2   
ALA C    C  N N 3   
ALA O    O  N N 4   
ALA CB   C  N N 5   
ALA OXT  O  N N 6   
ALA H    H  N N 7   
ALA H2   H  N N 8   
ALA HA   H  N N 9   
ALA HB1  H  N N 10  
ALA HB2  H  N N 11  
ALA HB3  H  N N 12  
ALA HXT  H  N N 13  
ARG N    N  N N 14  
ARG CA   C  N S 15  
ARG C    C  N N 16  
ARG O    O  N N 17  
ARG CB   C  N N 18  
ARG CG   C  N N 19  
ARG CD   C  N N 20  
ARG NE   N  N N 21  
ARG CZ   C  N N 22  
ARG NH1  N  N N 23  
ARG NH2  N  N N 24  
ARG OXT  O  N N 25  
ARG H    H  N N 26  
ARG H2   H  N N 27  
ARG HA   H  N N 28  
ARG HB2  H  N N 29  
ARG HB3  H  N N 30  
ARG HG2  H  N N 31  
ARG HG3  H  N N 32  
ARG HD2  H  N N 33  
ARG HD3  H  N N 34  
ARG HE   H  N N 35  
ARG HH11 H  N N 36  
ARG HH12 H  N N 37  
ARG HH21 H  N N 38  
ARG HH22 H  N N 39  
ARG HXT  H  N N 40  
ASN N    N  N N 41  
ASN CA   C  N S 42  
ASN C    C  N N 43  
ASN O    O  N N 44  
ASN CB   C  N N 45  
ASN CG   C  N N 46  
ASN OD1  O  N N 47  
ASN ND2  N  N N 48  
ASN OXT  O  N N 49  
ASN H    H  N N 50  
ASN H2   H  N N 51  
ASN HA   H  N N 52  
ASN HB2  H  N N 53  
ASN HB3  H  N N 54  
ASN HD21 H  N N 55  
ASN HD22 H  N N 56  
ASN HXT  H  N N 57  
ASP N    N  N N 58  
ASP CA   C  N S 59  
ASP C    C  N N 60  
ASP O    O  N N 61  
ASP CB   C  N N 62  
ASP CG   C  N N 63  
ASP OD1  O  N N 64  
ASP OD2  O  N N 65  
ASP OXT  O  N N 66  
ASP H    H  N N 67  
ASP H2   H  N N 68  
ASP HA   H  N N 69  
ASP HB2  H  N N 70  
ASP HB3  H  N N 71  
ASP HD2  H  N N 72  
ASP HXT  H  N N 73  
CYS N    N  N N 74  
CYS CA   C  N R 75  
CYS C    C  N N 76  
CYS O    O  N N 77  
CYS CB   C  N N 78  
CYS SG   S  N N 79  
CYS OXT  O  N N 80  
CYS H    H  N N 81  
CYS H2   H  N N 82  
CYS HA   H  N N 83  
CYS HB2  H  N N 84  
CYS HB3  H  N N 85  
CYS HG   H  N N 86  
CYS HXT  H  N N 87  
GLN N    N  N N 88  
GLN CA   C  N S 89  
GLN C    C  N N 90  
GLN O    O  N N 91  
GLN CB   C  N N 92  
GLN CG   C  N N 93  
GLN CD   C  N N 94  
GLN OE1  O  N N 95  
GLN NE2  N  N N 96  
GLN OXT  O  N N 97  
GLN H    H  N N 98  
GLN H2   H  N N 99  
GLN HA   H  N N 100 
GLN HB2  H  N N 101 
GLN HB3  H  N N 102 
GLN HG2  H  N N 103 
GLN HG3  H  N N 104 
GLN HE21 H  N N 105 
GLN HE22 H  N N 106 
GLN HXT  H  N N 107 
GLU N    N  N N 108 
GLU CA   C  N S 109 
GLU C    C  N N 110 
GLU O    O  N N 111 
GLU CB   C  N N 112 
GLU CG   C  N N 113 
GLU CD   C  N N 114 
GLU OE1  O  N N 115 
GLU OE2  O  N N 116 
GLU OXT  O  N N 117 
GLU H    H  N N 118 
GLU H2   H  N N 119 
GLU HA   H  N N 120 
GLU HB2  H  N N 121 
GLU HB3  H  N N 122 
GLU HG2  H  N N 123 
GLU HG3  H  N N 124 
GLU HE2  H  N N 125 
GLU HXT  H  N N 126 
GLY N    N  N N 127 
GLY CA   C  N N 128 
GLY C    C  N N 129 
GLY O    O  N N 130 
GLY OXT  O  N N 131 
GLY H    H  N N 132 
GLY H2   H  N N 133 
GLY HA2  H  N N 134 
GLY HA3  H  N N 135 
GLY HXT  H  N N 136 
HIS N    N  N N 137 
HIS CA   C  N S 138 
HIS C    C  N N 139 
HIS O    O  N N 140 
HIS CB   C  N N 141 
HIS CG   C  Y N 142 
HIS ND1  N  Y N 143 
HIS CD2  C  Y N 144 
HIS CE1  C  Y N 145 
HIS NE2  N  Y N 146 
HIS OXT  O  N N 147 
HIS H    H  N N 148 
HIS H2   H  N N 149 
HIS HA   H  N N 150 
HIS HB2  H  N N 151 
HIS HB3  H  N N 152 
HIS HD1  H  N N 153 
HIS HD2  H  N N 154 
HIS HE1  H  N N 155 
HIS HE2  H  N N 156 
HIS HXT  H  N N 157 
HOH O    O  N N 158 
HOH H1   H  N N 159 
HOH H2   H  N N 160 
ILE N    N  N N 161 
ILE CA   C  N S 162 
ILE C    C  N N 163 
ILE O    O  N N 164 
ILE CB   C  N S 165 
ILE CG1  C  N N 166 
ILE CG2  C  N N 167 
ILE CD1  C  N N 168 
ILE OXT  O  N N 169 
ILE H    H  N N 170 
ILE H2   H  N N 171 
ILE HA   H  N N 172 
ILE HB   H  N N 173 
ILE HG12 H  N N 174 
ILE HG13 H  N N 175 
ILE HG21 H  N N 176 
ILE HG22 H  N N 177 
ILE HG23 H  N N 178 
ILE HD11 H  N N 179 
ILE HD12 H  N N 180 
ILE HD13 H  N N 181 
ILE HXT  H  N N 182 
LEU N    N  N N 183 
LEU CA   C  N S 184 
LEU C    C  N N 185 
LEU O    O  N N 186 
LEU CB   C  N N 187 
LEU CG   C  N N 188 
LEU CD1  C  N N 189 
LEU CD2  C  N N 190 
LEU OXT  O  N N 191 
LEU H    H  N N 192 
LEU H2   H  N N 193 
LEU HA   H  N N 194 
LEU HB2  H  N N 195 
LEU HB3  H  N N 196 
LEU HG   H  N N 197 
LEU HD11 H  N N 198 
LEU HD12 H  N N 199 
LEU HD13 H  N N 200 
LEU HD21 H  N N 201 
LEU HD22 H  N N 202 
LEU HD23 H  N N 203 
LEU HXT  H  N N 204 
LYS N    N  N N 205 
LYS CA   C  N S 206 
LYS C    C  N N 207 
LYS O    O  N N 208 
LYS CB   C  N N 209 
LYS CG   C  N N 210 
LYS CD   C  N N 211 
LYS CE   C  N N 212 
LYS NZ   N  N N 213 
LYS OXT  O  N N 214 
LYS H    H  N N 215 
LYS H2   H  N N 216 
LYS HA   H  N N 217 
LYS HB2  H  N N 218 
LYS HB3  H  N N 219 
LYS HG2  H  N N 220 
LYS HG3  H  N N 221 
LYS HD2  H  N N 222 
LYS HD3  H  N N 223 
LYS HE2  H  N N 224 
LYS HE3  H  N N 225 
LYS HZ1  H  N N 226 
LYS HZ2  H  N N 227 
LYS HZ3  H  N N 228 
LYS HXT  H  N N 229 
MET N    N  N N 230 
MET CA   C  N S 231 
MET C    C  N N 232 
MET O    O  N N 233 
MET CB   C  N N 234 
MET CG   C  N N 235 
MET SD   S  N N 236 
MET CE   C  N N 237 
MET OXT  O  N N 238 
MET H    H  N N 239 
MET H2   H  N N 240 
MET HA   H  N N 241 
MET HB2  H  N N 242 
MET HB3  H  N N 243 
MET HG2  H  N N 244 
MET HG3  H  N N 245 
MET HE1  H  N N 246 
MET HE2  H  N N 247 
MET HE3  H  N N 248 
MET HXT  H  N N 249 
MSE N    N  N N 250 
MSE CA   C  N S 251 
MSE C    C  N N 252 
MSE O    O  N N 253 
MSE OXT  O  N N 254 
MSE CB   C  N N 255 
MSE CG   C  N N 256 
MSE SE   SE N N 257 
MSE CE   C  N N 258 
MSE H    H  N N 259 
MSE H2   H  N N 260 
MSE HA   H  N N 261 
MSE HXT  H  N N 262 
MSE HB2  H  N N 263 
MSE HB3  H  N N 264 
MSE HG2  H  N N 265 
MSE HG3  H  N N 266 
MSE HE1  H  N N 267 
MSE HE2  H  N N 268 
MSE HE3  H  N N 269 
PHE N    N  N N 270 
PHE CA   C  N S 271 
PHE C    C  N N 272 
PHE O    O  N N 273 
PHE CB   C  N N 274 
PHE CG   C  Y N 275 
PHE CD1  C  Y N 276 
PHE CD2  C  Y N 277 
PHE CE1  C  Y N 278 
PHE CE2  C  Y N 279 
PHE CZ   C  Y N 280 
PHE OXT  O  N N 281 
PHE H    H  N N 282 
PHE H2   H  N N 283 
PHE HA   H  N N 284 
PHE HB2  H  N N 285 
PHE HB3  H  N N 286 
PHE HD1  H  N N 287 
PHE HD2  H  N N 288 
PHE HE1  H  N N 289 
PHE HE2  H  N N 290 
PHE HZ   H  N N 291 
PHE HXT  H  N N 292 
PRO N    N  N N 293 
PRO CA   C  N S 294 
PRO C    C  N N 295 
PRO O    O  N N 296 
PRO CB   C  N N 297 
PRO CG   C  N N 298 
PRO CD   C  N N 299 
PRO OXT  O  N N 300 
PRO H    H  N N 301 
PRO HA   H  N N 302 
PRO HB2  H  N N 303 
PRO HB3  H  N N 304 
PRO HG2  H  N N 305 
PRO HG3  H  N N 306 
PRO HD2  H  N N 307 
PRO HD3  H  N N 308 
PRO HXT  H  N N 309 
SER N    N  N N 310 
SER CA   C  N S 311 
SER C    C  N N 312 
SER O    O  N N 313 
SER CB   C  N N 314 
SER OG   O  N N 315 
SER OXT  O  N N 316 
SER H    H  N N 317 
SER H2   H  N N 318 
SER HA   H  N N 319 
SER HB2  H  N N 320 
SER HB3  H  N N 321 
SER HG   H  N N 322 
SER HXT  H  N N 323 
THR N    N  N N 324 
THR CA   C  N S 325 
THR C    C  N N 326 
THR O    O  N N 327 
THR CB   C  N R 328 
THR OG1  O  N N 329 
THR CG2  C  N N 330 
THR OXT  O  N N 331 
THR H    H  N N 332 
THR H2   H  N N 333 
THR HA   H  N N 334 
THR HB   H  N N 335 
THR HG1  H  N N 336 
THR HG21 H  N N 337 
THR HG22 H  N N 338 
THR HG23 H  N N 339 
THR HXT  H  N N 340 
TRP N    N  N N 341 
TRP CA   C  N S 342 
TRP C    C  N N 343 
TRP O    O  N N 344 
TRP CB   C  N N 345 
TRP CG   C  Y N 346 
TRP CD1  C  Y N 347 
TRP CD2  C  Y N 348 
TRP NE1  N  Y N 349 
TRP CE2  C  Y N 350 
TRP CE3  C  Y N 351 
TRP CZ2  C  Y N 352 
TRP CZ3  C  Y N 353 
TRP CH2  C  Y N 354 
TRP OXT  O  N N 355 
TRP H    H  N N 356 
TRP H2   H  N N 357 
TRP HA   H  N N 358 
TRP HB2  H  N N 359 
TRP HB3  H  N N 360 
TRP HD1  H  N N 361 
TRP HE1  H  N N 362 
TRP HE3  H  N N 363 
TRP HZ2  H  N N 364 
TRP HZ3  H  N N 365 
TRP HH2  H  N N 366 
TRP HXT  H  N N 367 
TYR N    N  N N 368 
TYR CA   C  N S 369 
TYR C    C  N N 370 
TYR O    O  N N 371 
TYR CB   C  N N 372 
TYR CG   C  Y N 373 
TYR CD1  C  Y N 374 
TYR CD2  C  Y N 375 
TYR CE1  C  Y N 376 
TYR CE2  C  Y N 377 
TYR CZ   C  Y N 378 
TYR OH   O  N N 379 
TYR OXT  O  N N 380 
TYR H    H  N N 381 
TYR H2   H  N N 382 
TYR HA   H  N N 383 
TYR HB2  H  N N 384 
TYR HB3  H  N N 385 
TYR HD1  H  N N 386 
TYR HD2  H  N N 387 
TYR HE1  H  N N 388 
TYR HE2  H  N N 389 
TYR HH   H  N N 390 
TYR HXT  H  N N 391 
VAL N    N  N N 392 
VAL CA   C  N S 393 
VAL C    C  N N 394 
VAL O    O  N N 395 
VAL CB   C  N N 396 
VAL CG1  C  N N 397 
VAL CG2  C  N N 398 
VAL OXT  O  N N 399 
VAL H    H  N N 400 
VAL H2   H  N N 401 
VAL HA   H  N N 402 
VAL HB   H  N N 403 
VAL HG11 H  N N 404 
VAL HG12 H  N N 405 
VAL HG13 H  N N 406 
VAL HG21 H  N N 407 
VAL HG22 H  N N 408 
VAL HG23 H  N N 409 
VAL HXT  H  N N 410 
# 
loop_
_chem_comp_bond.comp_id 
_chem_comp_bond.atom_id_1 
_chem_comp_bond.atom_id_2 
_chem_comp_bond.value_order 
_chem_comp_bond.pdbx_aromatic_flag 
_chem_comp_bond.pdbx_stereo_config 
_chem_comp_bond.pdbx_ordinal 
ALA N   CA   sing N N 1   
ALA N   H    sing N N 2   
ALA N   H2   sing N N 3   
ALA CA  C    sing N N 4   
ALA CA  CB   sing N N 5   
ALA CA  HA   sing N N 6   
ALA C   O    doub N N 7   
ALA C   OXT  sing N N 8   
ALA CB  HB1  sing N N 9   
ALA CB  HB2  sing N N 10  
ALA CB  HB3  sing N N 11  
ALA OXT HXT  sing N N 12  
ARG N   CA   sing N N 13  
ARG N   H    sing N N 14  
ARG N   H2   sing N N 15  
ARG CA  C    sing N N 16  
ARG CA  CB   sing N N 17  
ARG CA  HA   sing N N 18  
ARG C   O    doub N N 19  
ARG C   OXT  sing N N 20  
ARG CB  CG   sing N N 21  
ARG CB  HB2  sing N N 22  
ARG CB  HB3  sing N N 23  
ARG CG  CD   sing N N 24  
ARG CG  HG2  sing N N 25  
ARG CG  HG3  sing N N 26  
ARG CD  NE   sing N N 27  
ARG CD  HD2  sing N N 28  
ARG CD  HD3  sing N N 29  
ARG NE  CZ   sing N N 30  
ARG NE  HE   sing N N 31  
ARG CZ  NH1  sing N N 32  
ARG CZ  NH2  doub N N 33  
ARG NH1 HH11 sing N N 34  
ARG NH1 HH12 sing N N 35  
ARG NH2 HH21 sing N N 36  
ARG NH2 HH22 sing N N 37  
ARG OXT HXT  sing N N 38  
ASN N   CA   sing N N 39  
ASN N   H    sing N N 40  
ASN N   H2   sing N N 41  
ASN CA  C    sing N N 42  
ASN CA  CB   sing N N 43  
ASN CA  HA   sing N N 44  
ASN C   O    doub N N 45  
ASN C   OXT  sing N N 46  
ASN CB  CG   sing N N 47  
ASN CB  HB2  sing N N 48  
ASN CB  HB3  sing N N 49  
ASN CG  OD1  doub N N 50  
ASN CG  ND2  sing N N 51  
ASN ND2 HD21 sing N N 52  
ASN ND2 HD22 sing N N 53  
ASN OXT HXT  sing N N 54  
ASP N   CA   sing N N 55  
ASP N   H    sing N N 56  
ASP N   H2   sing N N 57  
ASP CA  C    sing N N 58  
ASP CA  CB   sing N N 59  
ASP CA  HA   sing N N 60  
ASP C   O    doub N N 61  
ASP C   OXT  sing N N 62  
ASP CB  CG   sing N N 63  
ASP CB  HB2  sing N N 64  
ASP CB  HB3  sing N N 65  
ASP CG  OD1  doub N N 66  
ASP CG  OD2  sing N N 67  
ASP OD2 HD2  sing N N 68  
ASP OXT HXT  sing N N 69  
CYS N   CA   sing N N 70  
CYS N   H    sing N N 71  
CYS N   H2   sing N N 72  
CYS CA  C    sing N N 73  
CYS CA  CB   sing N N 74  
CYS CA  HA   sing N N 75  
CYS C   O    doub N N 76  
CYS C   OXT  sing N N 77  
CYS CB  SG   sing N N 78  
CYS CB  HB2  sing N N 79  
CYS CB  HB3  sing N N 80  
CYS SG  HG   sing N N 81  
CYS OXT HXT  sing N N 82  
GLN N   CA   sing N N 83  
GLN N   H    sing N N 84  
GLN N   H2   sing N N 85  
GLN CA  C    sing N N 86  
GLN CA  CB   sing N N 87  
GLN CA  HA   sing N N 88  
GLN C   O    doub N N 89  
GLN C   OXT  sing N N 90  
GLN CB  CG   sing N N 91  
GLN CB  HB2  sing N N 92  
GLN CB  HB3  sing N N 93  
GLN CG  CD   sing N N 94  
GLN CG  HG2  sing N N 95  
GLN CG  HG3  sing N N 96  
GLN CD  OE1  doub N N 97  
GLN CD  NE2  sing N N 98  
GLN NE2 HE21 sing N N 99  
GLN NE2 HE22 sing N N 100 
GLN OXT HXT  sing N N 101 
GLU N   CA   sing N N 102 
GLU N   H    sing N N 103 
GLU N   H2   sing N N 104 
GLU CA  C    sing N N 105 
GLU CA  CB   sing N N 106 
GLU CA  HA   sing N N 107 
GLU C   O    doub N N 108 
GLU C   OXT  sing N N 109 
GLU CB  CG   sing N N 110 
GLU CB  HB2  sing N N 111 
GLU CB  HB3  sing N N 112 
GLU CG  CD   sing N N 113 
GLU CG  HG2  sing N N 114 
GLU CG  HG3  sing N N 115 
GLU CD  OE1  doub N N 116 
GLU CD  OE2  sing N N 117 
GLU OE2 HE2  sing N N 118 
GLU OXT HXT  sing N N 119 
GLY N   CA   sing N N 120 
GLY N   H    sing N N 121 
GLY N   H2   sing N N 122 
GLY CA  C    sing N N 123 
GLY CA  HA2  sing N N 124 
GLY CA  HA3  sing N N 125 
GLY C   O    doub N N 126 
GLY C   OXT  sing N N 127 
GLY OXT HXT  sing N N 128 
HIS N   CA   sing N N 129 
HIS N   H    sing N N 130 
HIS N   H2   sing N N 131 
HIS CA  C    sing N N 132 
HIS CA  CB   sing N N 133 
HIS CA  HA   sing N N 134 
HIS C   O    doub N N 135 
HIS C   OXT  sing N N 136 
HIS CB  CG   sing N N 137 
HIS CB  HB2  sing N N 138 
HIS CB  HB3  sing N N 139 
HIS CG  ND1  sing Y N 140 
HIS CG  CD2  doub Y N 141 
HIS ND1 CE1  doub Y N 142 
HIS ND1 HD1  sing N N 143 
HIS CD2 NE2  sing Y N 144 
HIS CD2 HD2  sing N N 145 
HIS CE1 NE2  sing Y N 146 
HIS CE1 HE1  sing N N 147 
HIS NE2 HE2  sing N N 148 
HIS OXT HXT  sing N N 149 
HOH O   H1   sing N N 150 
HOH O   H2   sing N N 151 
ILE N   CA   sing N N 152 
ILE N   H    sing N N 153 
ILE N   H2   sing N N 154 
ILE CA  C    sing N N 155 
ILE CA  CB   sing N N 156 
ILE CA  HA   sing N N 157 
ILE C   O    doub N N 158 
ILE C   OXT  sing N N 159 
ILE CB  CG1  sing N N 160 
ILE CB  CG2  sing N N 161 
ILE CB  HB   sing N N 162 
ILE CG1 CD1  sing N N 163 
ILE CG1 HG12 sing N N 164 
ILE CG1 HG13 sing N N 165 
ILE CG2 HG21 sing N N 166 
ILE CG2 HG22 sing N N 167 
ILE CG2 HG23 sing N N 168 
ILE CD1 HD11 sing N N 169 
ILE CD1 HD12 sing N N 170 
ILE CD1 HD13 sing N N 171 
ILE OXT HXT  sing N N 172 
LEU N   CA   sing N N 173 
LEU N   H    sing N N 174 
LEU N   H2   sing N N 175 
LEU CA  C    sing N N 176 
LEU CA  CB   sing N N 177 
LEU CA  HA   sing N N 178 
LEU C   O    doub N N 179 
LEU C   OXT  sing N N 180 
LEU CB  CG   sing N N 181 
LEU CB  HB2  sing N N 182 
LEU CB  HB3  sing N N 183 
LEU CG  CD1  sing N N 184 
LEU CG  CD2  sing N N 185 
LEU CG  HG   sing N N 186 
LEU CD1 HD11 sing N N 187 
LEU CD1 HD12 sing N N 188 
LEU CD1 HD13 sing N N 189 
LEU CD2 HD21 sing N N 190 
LEU CD2 HD22 sing N N 191 
LEU CD2 HD23 sing N N 192 
LEU OXT HXT  sing N N 193 
LYS N   CA   sing N N 194 
LYS N   H    sing N N 195 
LYS N   H2   sing N N 196 
LYS CA  C    sing N N 197 
LYS CA  CB   sing N N 198 
LYS CA  HA   sing N N 199 
LYS C   O    doub N N 200 
LYS C   OXT  sing N N 201 
LYS CB  CG   sing N N 202 
LYS CB  HB2  sing N N 203 
LYS CB  HB3  sing N N 204 
LYS CG  CD   sing N N 205 
LYS CG  HG2  sing N N 206 
LYS CG  HG3  sing N N 207 
LYS CD  CE   sing N N 208 
LYS CD  HD2  sing N N 209 
LYS CD  HD3  sing N N 210 
LYS CE  NZ   sing N N 211 
LYS CE  HE2  sing N N 212 
LYS CE  HE3  sing N N 213 
LYS NZ  HZ1  sing N N 214 
LYS NZ  HZ2  sing N N 215 
LYS NZ  HZ3  sing N N 216 
LYS OXT HXT  sing N N 217 
MET N   CA   sing N N 218 
MET N   H    sing N N 219 
MET N   H2   sing N N 220 
MET CA  C    sing N N 221 
MET CA  CB   sing N N 222 
MET CA  HA   sing N N 223 
MET C   O    doub N N 224 
MET C   OXT  sing N N 225 
MET CB  CG   sing N N 226 
MET CB  HB2  sing N N 227 
MET CB  HB3  sing N N 228 
MET CG  SD   sing N N 229 
MET CG  HG2  sing N N 230 
MET CG  HG3  sing N N 231 
MET SD  CE   sing N N 232 
MET CE  HE1  sing N N 233 
MET CE  HE2  sing N N 234 
MET CE  HE3  sing N N 235 
MET OXT HXT  sing N N 236 
MSE N   CA   sing N N 237 
MSE N   H    sing N N 238 
MSE N   H2   sing N N 239 
MSE CA  C    sing N N 240 
MSE CA  CB   sing N N 241 
MSE CA  HA   sing N N 242 
MSE C   O    doub N N 243 
MSE C   OXT  sing N N 244 
MSE OXT HXT  sing N N 245 
MSE CB  CG   sing N N 246 
MSE CB  HB2  sing N N 247 
MSE CB  HB3  sing N N 248 
MSE CG  SE   sing N N 249 
MSE CG  HG2  sing N N 250 
MSE CG  HG3  sing N N 251 
MSE SE  CE   sing N N 252 
MSE CE  HE1  sing N N 253 
MSE CE  HE2  sing N N 254 
MSE CE  HE3  sing N N 255 
PHE N   CA   sing N N 256 
PHE N   H    sing N N 257 
PHE N   H2   sing N N 258 
PHE CA  C    sing N N 259 
PHE CA  CB   sing N N 260 
PHE CA  HA   sing N N 261 
PHE C   O    doub N N 262 
PHE C   OXT  sing N N 263 
PHE CB  CG   sing N N 264 
PHE CB  HB2  sing N N 265 
PHE CB  HB3  sing N N 266 
PHE CG  CD1  doub Y N 267 
PHE CG  CD2  sing Y N 268 
PHE CD1 CE1  sing Y N 269 
PHE CD1 HD1  sing N N 270 
PHE CD2 CE2  doub Y N 271 
PHE CD2 HD2  sing N N 272 
PHE CE1 CZ   doub Y N 273 
PHE CE1 HE1  sing N N 274 
PHE CE2 CZ   sing Y N 275 
PHE CE2 HE2  sing N N 276 
PHE CZ  HZ   sing N N 277 
PHE OXT HXT  sing N N 278 
PRO N   CA   sing N N 279 
PRO N   CD   sing N N 280 
PRO N   H    sing N N 281 
PRO CA  C    sing N N 282 
PRO CA  CB   sing N N 283 
PRO CA  HA   sing N N 284 
PRO C   O    doub N N 285 
PRO C   OXT  sing N N 286 
PRO CB  CG   sing N N 287 
PRO CB  HB2  sing N N 288 
PRO CB  HB3  sing N N 289 
PRO CG  CD   sing N N 290 
PRO CG  HG2  sing N N 291 
PRO CG  HG3  sing N N 292 
PRO CD  HD2  sing N N 293 
PRO CD  HD3  sing N N 294 
PRO OXT HXT  sing N N 295 
SER N   CA   sing N N 296 
SER N   H    sing N N 297 
SER N   H2   sing N N 298 
SER CA  C    sing N N 299 
SER CA  CB   sing N N 300 
SER CA  HA   sing N N 301 
SER C   O    doub N N 302 
SER C   OXT  sing N N 303 
SER CB  OG   sing N N 304 
SER CB  HB2  sing N N 305 
SER CB  HB3  sing N N 306 
SER OG  HG   sing N N 307 
SER OXT HXT  sing N N 308 
THR N   CA   sing N N 309 
THR N   H    sing N N 310 
THR N   H2   sing N N 311 
THR CA  C    sing N N 312 
THR CA  CB   sing N N 313 
THR CA  HA   sing N N 314 
THR C   O    doub N N 315 
THR C   OXT  sing N N 316 
THR CB  OG1  sing N N 317 
THR CB  CG2  sing N N 318 
THR CB  HB   sing N N 319 
THR OG1 HG1  sing N N 320 
THR CG2 HG21 sing N N 321 
THR CG2 HG22 sing N N 322 
THR CG2 HG23 sing N N 323 
THR OXT HXT  sing N N 324 
TRP N   CA   sing N N 325 
TRP N   H    sing N N 326 
TRP N   H2   sing N N 327 
TRP CA  C    sing N N 328 
TRP CA  CB   sing N N 329 
TRP CA  HA   sing N N 330 
TRP C   O    doub N N 331 
TRP C   OXT  sing N N 332 
TRP CB  CG   sing N N 333 
TRP CB  HB2  sing N N 334 
TRP CB  HB3  sing N N 335 
TRP CG  CD1  doub Y N 336 
TRP CG  CD2  sing Y N 337 
TRP CD1 NE1  sing Y N 338 
TRP CD1 HD1  sing N N 339 
TRP CD2 CE2  doub Y N 340 
TRP CD2 CE3  sing Y N 341 
TRP NE1 CE2  sing Y N 342 
TRP NE1 HE1  sing N N 343 
TRP CE2 CZ2  sing Y N 344 
TRP CE3 CZ3  doub Y N 345 
TRP CE3 HE3  sing N N 346 
TRP CZ2 CH2  doub Y N 347 
TRP CZ2 HZ2  sing N N 348 
TRP CZ3 CH2  sing Y N 349 
TRP CZ3 HZ3  sing N N 350 
TRP CH2 HH2  sing N N 351 
TRP OXT HXT  sing N N 352 
TYR N   CA   sing N N 353 
TYR N   H    sing N N 354 
TYR N   H2   sing N N 355 
TYR CA  C    sing N N 356 
TYR CA  CB   sing N N 357 
TYR CA  HA   sing N N 358 
TYR C   O    doub N N 359 
TYR C   OXT  sing N N 360 
TYR CB  CG   sing N N 361 
TYR CB  HB2  sing N N 362 
TYR CB  HB3  sing N N 363 
TYR CG  CD1  doub Y N 364 
TYR CG  CD2  sing Y N 365 
TYR CD1 CE1  sing Y N 366 
TYR CD1 HD1  sing N N 367 
TYR CD2 CE2  doub Y N 368 
TYR CD2 HD2  sing N N 369 
TYR CE1 CZ   doub Y N 370 
TYR CE1 HE1  sing N N 371 
TYR CE2 CZ   sing Y N 372 
TYR CE2 HE2  sing N N 373 
TYR CZ  OH   sing N N 374 
TYR OH  HH   sing N N 375 
TYR OXT HXT  sing N N 376 
VAL N   CA   sing N N 377 
VAL N   H    sing N N 378 
VAL N   H2   sing N N 379 
VAL CA  C    sing N N 380 
VAL CA  CB   sing N N 381 
VAL CA  HA   sing N N 382 
VAL C   O    doub N N 383 
VAL C   OXT  sing N N 384 
VAL CB  CG1  sing N N 385 
VAL CB  CG2  sing N N 386 
VAL CB  HB   sing N N 387 
VAL CG1 HG11 sing N N 388 
VAL CG1 HG12 sing N N 389 
VAL CG1 HG13 sing N N 390 
VAL CG2 HG21 sing N N 391 
VAL CG2 HG22 sing N N 392 
VAL CG2 HG23 sing N N 393 
VAL OXT HXT  sing N N 394 
# 
_atom_sites.entry_id                    1T07 
_atom_sites.fract_transf_matrix[1][1]   -0.00370603 
_atom_sites.fract_transf_matrix[1][2]   0.01631042 
_atom_sites.fract_transf_matrix[1][3]   0.00663474 
_atom_sites.fract_transf_matrix[2][1]   -0.01557581 
_atom_sites.fract_transf_matrix[2][2]   -0.00619885 
_atom_sites.fract_transf_matrix[2][3]   0.00653852 
_atom_sites.fract_transf_matrix[3][1]   0.00731283 
_atom_sites.fract_transf_matrix[3][2]   -0.00391486 
_atom_sites.fract_transf_matrix[3][3]   0.01370886 
_atom_sites.fract_transf_vector[1]      0.338034 
_atom_sites.fract_transf_vector[2]      0.136142 
_atom_sites.fract_transf_vector[3]      0.200004 
# 
loop_
_atom_type.symbol 
C  
N  
O  
S  
SE 
# 
loop_
_atom_site.group_PDB 
_atom_site.id 
_atom_site.type_symbol 
_atom_site.label_atom_id 
_atom_site.label_alt_id 
_atom_site.label_comp_id 
_atom_site.label_asym_id 
_atom_site.label_entity_id 
_atom_site.label_seq_id 
_atom_site.pdbx_PDB_ins_code 
_atom_site.Cartn_x 
_atom_site.Cartn_y 
_atom_site.Cartn_z 
_atom_site.occupancy 
_atom_site.B_iso_or_equiv 
_atom_site.pdbx_formal_charge 
_atom_site.auth_seq_id 
_atom_site.auth_comp_id 
_atom_site.auth_asym_id 
_atom_site.auth_atom_id 
_atom_site.pdbx_PDB_model_num 
ATOM   1   N  N   . GLY A 1 1  ? -2.917  -4.437  -26.532 1.00 39.03 ? -1  GLY A N   1 
ATOM   2   C  CA  . GLY A 1 1  ? -2.623  -4.818  -25.122 1.00 37.49 ? -1  GLY A CA  1 
ATOM   3   C  C   . GLY A 1 1  ? -1.146  -4.719  -24.791 1.00 37.68 ? -1  GLY A C   1 
ATOM   4   O  O   . GLY A 1 1  ? -0.320  -4.417  -25.660 1.00 39.78 ? -1  GLY A O   1 
ATOM   5   N  N   . HIS A 1 2  ? -0.809  -4.969  -23.529 1.00 34.93 ? 0   HIS A N   1 
ATOM   6   C  CA  . HIS A 1 2  ? 0.573   -4.911  -23.075 1.00 32.68 ? 0   HIS A CA  1 
ATOM   7   C  C   . HIS A 1 2  ? 0.868   -6.164  -22.271 1.00 27.96 ? 0   HIS A C   1 
ATOM   8   O  O   . HIS A 1 2  ? -0.006  -7.001  -22.063 1.00 26.80 ? 0   HIS A O   1 
ATOM   9   C  CB  . HIS A 1 2  ? 0.788   -3.689  -22.181 1.00 36.19 ? 0   HIS A CB  1 
ATOM   10  C  CG  . HIS A 1 2  ? -0.016  -2.496  -22.587 1.00 41.26 ? 0   HIS A CG  1 
ATOM   11  N  ND1 . HIS A 1 2  ? 0.021   -1.974  -23.865 1.00 44.88 ? 0   HIS A ND1 1 
ATOM   12  C  CD2 . HIS A 1 2  ? -0.892  -1.734  -21.894 1.00 43.14 ? 0   HIS A CD2 1 
ATOM   13  C  CE1 . HIS A 1 2  ? -0.801  -0.944  -23.939 1.00 44.97 ? 0   HIS A CE1 1 
ATOM   14  N  NE2 . HIS A 1 2  ? -1.368  -0.777  -22.756 1.00 45.77 ? 0   HIS A NE2 1 
HETATM 15  N  N   . MSE A 1 3  ? 2.103   -6.286  -21.817 1.00 25.44 ? 1   MSE A N   1 
HETATM 16  C  CA  . MSE A 1 3  ? 2.499   -7.432  -21.012 1.00 23.53 ? 1   MSE A CA  1 
HETATM 17  C  C   . MSE A 1 3  ? 2.771   -6.913  -19.627 1.00 22.92 ? 1   MSE A C   1 
HETATM 18  O  O   . MSE A 1 3  ? 3.427   -5.879  -19.458 1.00 22.60 ? 1   MSE A O   1 
HETATM 19  C  CB  . MSE A 1 3  ? 3.785   -8.060  -21.525 1.00 25.44 ? 1   MSE A CB  1 
HETATM 20  C  CG  . MSE A 1 3  ? 3.697   -8.755  -22.831 1.00 30.75 ? 1   MSE A CG  1 
HETATM 21  SE SE  . MSE A 1 3  ? 5.449   -9.521  -23.082 0.88 33.06 ? 1   MSE A SE  1 
HETATM 22  C  CE  . MSE A 1 3  ? 5.398   -10.864 -21.721 1.00 33.86 ? 1   MSE A CE  1 
ATOM   23  N  N   . SER A 1 4  ? 2.301   -7.643  -18.628 1.00 17.96 ? 2   SER A N   1 
ATOM   24  C  CA  . SER A 1 4  ? 2.518   -7.211  -17.274 1.00 17.68 ? 2   SER A CA  1 
ATOM   25  C  C   . SER A 1 4  ? 2.688   -8.371  -16.321 1.00 19.03 ? 2   SER A C   1 
ATOM   26  O  O   . SER A 1 4  ? 2.149   -9.461  -16.526 1.00 17.97 ? 2   SER A O   1 
ATOM   27  C  CB  . SER A 1 4  ? 1.344   -6.335  -16.823 1.00 21.83 ? 2   SER A CB  1 
ATOM   28  O  OG  . SER A 1 4  ? 1.421   -6.087  -15.436 1.00 26.88 ? 2   SER A OG  1 
ATOM   29  N  N   . ARG A 1 5  ? 3.502   -8.146  -15.302 1.00 17.17 ? 3   ARG A N   1 
ATOM   30  C  CA  . ARG A 1 5  ? 3.685   -9.127  -14.265 1.00 16.35 ? 3   ARG A CA  1 
ATOM   31  C  C   . ARG A 1 5  ? 2.395   -8.885  -13.478 1.00 16.03 ? 3   ARG A C   1 
ATOM   32  O  O   . ARG A 1 5  ? 1.996   -7.731  -13.322 1.00 17.72 ? 3   ARG A O   1 
ATOM   33  C  CB  . ARG A 1 5  ? 4.898   -8.752  -13.405 1.00 18.70 ? 3   ARG A CB  1 
ATOM   34  C  CG  . ARG A 1 5  ? 4.910   -9.417  -12.054 1.00 20.79 ? 3   ARG A CG  1 
ATOM   35  C  CD  . ARG A 1 5  ? 6.133   -9.049  -11.222 1.00 18.16 ? 3   ARG A CD  1 
ATOM   36  N  NE  . ARG A 1 5  ? 6.076   -9.816  -9.989  1.00 19.95 ? 3   ARG A NE  1 
ATOM   37  C  CZ  . ARG A 1 5  ? 5.474   -9.392  -8.884  1.00 18.95 ? 3   ARG A CZ  1 
ATOM   38  N  NH1 . ARG A 1 5  ? 4.903   -8.188  -8.851  1.00 18.02 ? 3   ARG A NH1 1 
ATOM   39  N  NH2 . ARG A 1 5  ? 5.377   -10.201 -7.847  1.00 19.31 ? 3   ARG A NH2 1 
ATOM   40  N  N   . THR A 1 6  ? 1.718   -9.940  -13.039 1.00 14.46 ? 4   THR A N   1 
ATOM   41  C  CA  . THR A 1 6  ? 0.504   -9.746  -12.244 1.00 14.67 ? 4   THR A CA  1 
ATOM   42  C  C   . THR A 1 6  ? 0.571   -10.611 -10.981 1.00 14.97 ? 4   THR A C   1 
ATOM   43  O  O   . THR A 1 6  ? 1.359   -11.569 -10.883 1.00 16.76 ? 4   THR A O   1 
ATOM   44  C  CB  . THR A 1 6  ? -0.806  -10.128 -13.007 1.00 15.84 ? 4   THR A CB  1 
ATOM   45  O  OG1 . THR A 1 6  ? -0.772  -11.511 -13.352 1.00 15.70 ? 4   THR A OG1 1 
ATOM   46  C  CG2 . THR A 1 6  ? -0.984  -9.280  -14.285 1.00 15.76 ? 4   THR A CG2 1 
ATOM   47  N  N   . VAL A 1 7  ? -0.252  -10.255 -10.004 1.00 12.03 ? 5   VAL A N   1 
ATOM   48  C  CA  . VAL A 1 7  ? -0.318  -11.011 -8.758  1.00 12.69 ? 5   VAL A CA  1 
ATOM   49  C  C   . VAL A 1 7  ? -1.768  -11.086 -8.337  1.00 10.99 ? 5   VAL A C   1 
ATOM   50  O  O   . VAL A 1 7  ? -2.578  -10.317 -8.839  1.00 10.67 ? 5   VAL A O   1 
ATOM   51  C  CB  . VAL A 1 7  ? 0.422   -10.297 -7.613  1.00 13.72 ? 5   VAL A CB  1 
ATOM   52  C  CG1 . VAL A 1 7  ? 1.910   -10.115 -7.971  1.00 16.66 ? 5   VAL A CG1 1 
ATOM   53  C  CG2 . VAL A 1 7  ? -0.234  -8.940  -7.331  1.00 15.07 ? 5   VAL A CG2 1 
HETATM 54  N  N   . MSE A 1 8  ? -2.090  -12.015 -7.440  1.00 11.66 ? 6   MSE A N   1 
HETATM 55  C  CA  . MSE A 1 8  ? -3.440  -12.073 -6.876  1.00 11.29 ? 6   MSE A CA  1 
HETATM 56  C  C   . MSE A 1 8  ? -3.307  -11.012 -5.771  1.00 10.91 ? 6   MSE A C   1 
HETATM 57  O  O   . MSE A 1 8  ? -2.563  -11.198 -4.792  1.00 11.88 ? 6   MSE A O   1 
HETATM 58  C  CB  . MSE A 1 8  ? -3.739  -13.447 -6.258  1.00 11.29 ? 6   MSE A CB  1 
HETATM 59  C  CG  . MSE A 1 8  ? -5.120  -13.524 -5.580  1.00 13.73 ? 6   MSE A CG  1 
HETATM 60  SE SE  . MSE A 1 8  ? -6.609  -13.343 -6.872  0.90 19.80 ? 6   MSE A SE  1 
HETATM 61  C  CE  . MSE A 1 8  ? -6.428  -15.072 -7.711  1.00 15.15 ? 6   MSE A CE  1 
ATOM   62  N  N   . CYS A 1 9  ? -4.009  -9.897  -5.934  1.00 8.59  ? 7   CYS A N   1 
ATOM   63  C  CA  . CYS A 1 9  ? -3.916  -8.797  -4.975  1.00 10.41 ? 7   CYS A CA  1 
ATOM   64  C  C   . CYS A 1 9  ? -4.635  -9.117  -3.673  1.00 10.92 ? 7   CYS A C   1 
ATOM   65  O  O   . CYS A 1 9  ? -5.812  -9.460  -3.680  1.00 11.93 ? 7   CYS A O   1 
ATOM   66  C  CB  . CYS A 1 9  ? -4.500  -7.516  -5.579  1.00 11.08 ? 7   CYS A CB  1 
ATOM   67  S  SG  . CYS A 1 9  ? -4.333  -6.074  -4.482  1.00 10.32 ? 7   CYS A SG  1 
ATOM   68  N  N   . ARG A 1 10 ? -3.924  -9.008  -2.558  1.00 9.58  ? 8   ARG A N   1 
ATOM   69  C  CA  . ARG A 1 10 ? -4.508  -9.293  -1.249  1.00 9.78  ? 8   ARG A CA  1 
ATOM   70  C  C   . ARG A 1 10 ? -5.598  -8.279  -0.934  1.00 10.88 ? 8   ARG A C   1 
ATOM   71  O  O   . ARG A 1 10 ? -6.611  -8.609  -0.316  1.00 11.81 ? 8   ARG A O   1 
ATOM   72  C  CB  . ARG A 1 10 ? -3.433  -9.259  -0.150  1.00 10.92 ? 8   ARG A CB  1 
ATOM   73  C  CG  . ARG A 1 10 ? -3.980  -9.619  1.249   1.00 12.00 ? 8   ARG A CG  1 
ATOM   74  C  CD  . ARG A 1 10 ? -2.843  -9.841  2.234   1.00 12.82 ? 8   ARG A CD  1 
ATOM   75  N  NE  . ARG A 1 10 ? -2.065  -8.616  2.368   1.00 16.85 ? 8   ARG A NE  1 
ATOM   76  C  CZ  . ARG A 1 10 ? -0.737  -8.565  2.433   1.00 16.11 ? 8   ARG A CZ  1 
ATOM   77  N  NH1 . ARG A 1 10 ? -0.008  -9.675  2.380   1.00 14.88 ? 8   ARG A NH1 1 
ATOM   78  N  NH2 . ARG A 1 10 ? -0.144  -7.383  2.542   1.00 17.13 ? 8   ARG A NH2 1 
ATOM   79  N  N   . LYS A 1 11 ? -5.421  -7.041  -1.379  1.00 11.26 ? 9   LYS A N   1 
ATOM   80  C  CA  . LYS A 1 11 ? -6.455  -6.055  -1.089  1.00 10.76 ? 9   LYS A CA  1 
ATOM   81  C  C   . LYS A 1 11 ? -7.724  -6.259  -1.909  1.00 9.98  ? 9   LYS A C   1 
ATOM   82  O  O   . LYS A 1 11 ? -8.835  -6.356  -1.354  1.00 10.67 ? 9   LYS A O   1 
ATOM   83  C  CB  . LYS A 1 11 ? -5.947  -4.630  -1.335  1.00 11.98 ? 9   LYS A CB  1 
ATOM   84  C  CG  . LYS A 1 11 ? -7.027  -3.562  -1.086  1.00 11.02 ? 9   LYS A CG  1 
ATOM   85  C  CD  . LYS A 1 11 ? -6.493  -2.149  -1.379  1.00 10.62 ? 9   LYS A CD  1 
ATOM   86  C  CE  . LYS A 1 11 ? -7.573  -1.081  -1.158  1.00 10.34 ? 9   LYS A CE  1 
ATOM   87  N  NZ  . LYS A 1 11 ? -8.088  -1.036  0.279   1.00 13.13 ? 9   LYS A NZ  1 
ATOM   88  N  N   . TYR A 1 12 ? -7.567  -6.336  -3.227  1.00 11.33 ? 10  TYR A N   1 
ATOM   89  C  CA  . TYR A 1 12 ? -8.723  -6.459  -4.103  1.00 11.51 ? 10  TYR A CA  1 
ATOM   90  C  C   . TYR A 1 12 ? -9.216  -7.866  -4.391  1.00 11.70 ? 10  TYR A C   1 
ATOM   91  O  O   . TYR A 1 12 ? -10.257 -8.032  -5.036  1.00 11.31 ? 10  TYR A O   1 
ATOM   92  C  CB  . TYR A 1 12 ? -8.458  -5.704  -5.417  1.00 9.79  ? 10  TYR A CB  1 
ATOM   93  C  CG  . TYR A 1 12 ? -8.249  -4.222  -5.218  1.00 12.71 ? 10  TYR A CG  1 
ATOM   94  C  CD1 . TYR A 1 12 ? -9.242  -3.425  -4.637  1.00 13.76 ? 10  TYR A CD1 1 
ATOM   95  C  CD2 . TYR A 1 12 ? -7.050  -3.611  -5.593  1.00 12.68 ? 10  TYR A CD2 1 
ATOM   96  C  CE1 . TYR A 1 12 ? -9.041  -2.052  -4.431  1.00 14.11 ? 10  TYR A CE1 1 
ATOM   97  C  CE2 . TYR A 1 12 ? -6.846  -2.243  -5.398  1.00 14.85 ? 10  TYR A CE2 1 
ATOM   98  C  CZ  . TYR A 1 12 ? -7.845  -1.475  -4.813  1.00 11.74 ? 10  TYR A CZ  1 
ATOM   99  O  OH  . TYR A 1 12 ? -7.638  -0.132  -4.588  1.00 15.86 ? 10  TYR A OH  1 
ATOM   100 N  N   . HIS A 1 13 ? -8.510  -8.885  -3.905  1.00 10.41 ? 11  HIS A N   1 
ATOM   101 C  CA  . HIS A 1 13 ? -8.943  -10.273 -4.158  1.00 9.75  ? 11  HIS A CA  1 
ATOM   102 C  C   . HIS A 1 13 ? -9.151  -10.579 -5.653  1.00 12.21 ? 11  HIS A C   1 
ATOM   103 O  O   . HIS A 1 13 ? -10.153 -11.209 -6.037  1.00 11.19 ? 11  HIS A O   1 
ATOM   104 C  CB  . HIS A 1 13 ? -10.259 -10.591 -3.421  1.00 10.01 ? 11  HIS A CB  1 
ATOM   105 C  CG  . HIS A 1 13 ? -10.139 -10.642 -1.924  1.00 10.96 ? 11  HIS A CG  1 
ATOM   106 N  ND1 . HIS A 1 13 ? -9.885  -9.526  -1.155  1.00 15.38 ? 11  HIS A ND1 1 
ATOM   107 C  CD2 . HIS A 1 13 ? -10.295 -11.669 -1.049  1.00 8.68  ? 11  HIS A CD2 1 
ATOM   108 C  CE1 . HIS A 1 13 ? -9.885  -9.861  0.125   1.00 9.30  ? 11  HIS A CE1 1 
ATOM   109 N  NE2 . HIS A 1 13 ? -10.130 -11.155 0.215   1.00 15.62 ? 11  HIS A NE2 1 
ATOM   110 N  N   . GLU A 1 14 ? -8.214  -10.143 -6.494  1.00 10.56 ? 12  GLU A N   1 
ATOM   111 C  CA  . GLU A 1 14 ? -8.303  -10.402 -7.932  1.00 12.86 ? 12  GLU A CA  1 
ATOM   112 C  C   . GLU A 1 14 ? -6.926  -10.225 -8.556  1.00 12.07 ? 12  GLU A C   1 
ATOM   113 O  O   . GLU A 1 14 ? -6.054  -9.549  -7.987  1.00 11.16 ? 12  GLU A O   1 
ATOM   114 C  CB  . GLU A 1 14 ? -9.306  -9.448  -8.595  1.00 18.34 ? 12  GLU A CB  1 
ATOM   115 C  CG  . GLU A 1 14 ? -9.021  -7.980  -8.396  1.00 24.94 ? 12  GLU A CG  1 
ATOM   116 C  CD  . GLU A 1 14 ? -10.197 -7.092  -8.838  1.00 29.19 ? 12  GLU A CD  1 
ATOM   117 O  OE1 . GLU A 1 14 ? -10.067 -5.849  -8.815  1.00 34.01 ? 12  GLU A OE1 1 
ATOM   118 O  OE2 . GLU A 1 14 ? -11.256 -7.638  -9.198  1.00 32.80 ? 12  GLU A OE2 1 
ATOM   119 N  N   A GLU A 1 15 ? -6.746  -10.806 -9.735  0.52 12.03 ? 13  GLU A N   1 
ATOM   120 N  N   B GLU A 1 15 ? -6.703  -10.847 -9.708  0.48 12.80 ? 13  GLU A N   1 
ATOM   121 C  CA  A GLU A 1 15 ? -5.468  -10.723 -10.435 0.48 12.01 ? 13  GLU A CA  1 
ATOM   122 C  CA  B GLU A 1 15 ? -5.394  -10.729 -10.344 0.52 13.09 ? 13  GLU A CA  1 
ATOM   123 C  C   A GLU A 1 15 ? -5.301  -9.346  -11.056 0.48 11.72 ? 13  GLU A C   1 
ATOM   124 C  C   B GLU A 1 15 ? -5.270  -9.392  -11.052 0.52 12.27 ? 13  GLU A C   1 
ATOM   125 O  O   A GLU A 1 15 ? -6.141  -8.909  -11.851 0.50 10.69 ? 13  GLU A O   1 
ATOM   126 O  O   B GLU A 1 15 ? -6.095  -9.034  -11.897 0.50 11.32 ? 13  GLU A O   1 
ATOM   127 C  CB  A GLU A 1 15 ? -5.403  -11.788 -11.528 0.53 13.74 ? 13  GLU A CB  1 
ATOM   128 C  CB  B GLU A 1 15 ? -5.146  -11.885 -11.317 0.47 16.35 ? 13  GLU A CB  1 
ATOM   129 C  CG  A GLU A 1 15 ? -4.031  -11.941 -12.182 0.66 13.77 ? 13  GLU A CG  1 
ATOM   130 C  CG  B GLU A 1 15 ? -6.032  -11.912 -12.535 0.34 19.57 ? 13  GLU A CG  1 
ATOM   131 C  CD  A GLU A 1 15 ? -3.063  -12.754 -11.332 0.65 17.88 ? 13  GLU A CD  1 
ATOM   132 C  CD  B GLU A 1 15 ? -5.472  -12.815 -13.628 0.35 23.20 ? 13  GLU A CD  1 
ATOM   133 O  OE1 A GLU A 1 15 ? -3.522  -13.661 -10.603 0.52 19.71 ? 13  GLU A OE1 1 
ATOM   134 O  OE1 B GLU A 1 15 ? -5.187  -13.997 -13.346 0.48 23.69 ? 13  GLU A OE1 1 
ATOM   135 O  OE2 A GLU A 1 15 ? -1.843  -12.498 -11.399 0.56 19.72 ? 13  GLU A OE2 1 
ATOM   136 O  OE2 B GLU A 1 15 ? -5.318  -12.341 -14.773 0.44 26.60 ? 13  GLU A OE2 1 
ATOM   137 N  N   . LEU A 1 16 ? -4.213  -8.664  -10.700 1.00 10.59 ? 14  LEU A N   1 
ATOM   138 C  CA  . LEU A 1 16 ? -3.946  -7.331  -11.228 1.00 11.08 ? 14  LEU A CA  1 
ATOM   139 C  C   . LEU A 1 16 ? -2.458  -7.123  -11.468 1.00 10.85 ? 14  LEU A C   1 
ATOM   140 O  O   . LEU A 1 16 ? -1.643  -7.857  -10.951 1.00 11.64 ? 14  LEU A O   1 
ATOM   141 C  CB  . LEU A 1 16 ? -4.385  -6.279  -10.204 1.00 10.14 ? 14  LEU A CB  1 
ATOM   142 C  CG  . LEU A 1 16 ? -5.863  -6.324  -9.800  1.00 10.23 ? 14  LEU A CG  1 
ATOM   143 C  CD1 . LEU A 1 16 ? -6.100  -5.562  -8.485  1.00 10.38 ? 14  LEU A CD1 1 
ATOM   144 C  CD2 . LEU A 1 16 ? -6.667  -5.722  -10.920 1.00 10.46 ? 14  LEU A CD2 1 
ATOM   145 N  N   . PRO A 1 17 ? -2.100  -6.103  -12.262 1.00 9.98  ? 15  PRO A N   1 
ATOM   146 C  CA  . PRO A 1 17 ? -0.691  -5.823  -12.528 1.00 12.25 ? 15  PRO A CA  1 
ATOM   147 C  C   . PRO A 1 17 ? 0.035   -5.599  -11.194 1.00 13.68 ? 15  PRO A C   1 
ATOM   148 O  O   . PRO A 1 17 ? -0.463  -4.896  -10.300 1.00 12.19 ? 15  PRO A O   1 
ATOM   149 C  CB  . PRO A 1 17 ? -0.750  -4.554  -13.378 1.00 12.37 ? 15  PRO A CB  1 
ATOM   150 C  CG  . PRO A 1 17 ? -2.044  -4.710  -14.139 1.00 12.79 ? 15  PRO A CG  1 
ATOM   151 C  CD  . PRO A 1 17 ? -2.989  -5.249  -13.080 1.00 10.94 ? 15  PRO A CD  1 
ATOM   152 N  N   . GLY A 1 18 ? 1.198   -6.220  -11.055 1.00 12.37 ? 16  GLY A N   1 
ATOM   153 C  CA  . GLY A 1 18 ? 1.948   -6.066  -9.826  1.00 14.95 ? 16  GLY A CA  1 
ATOM   154 C  C   . GLY A 1 18 ? 3.030   -5.017  -9.987  1.00 14.91 ? 16  GLY A C   1 
ATOM   155 O  O   . GLY A 1 18 ? 3.195   -4.440  -11.070 1.00 15.59 ? 16  GLY A O   1 
ATOM   156 N  N   . LEU A 1 19 ? 3.758   -4.760  -8.909  1.00 14.33 ? 17  LEU A N   1 
ATOM   157 C  CA  . LEU A 1 19 ? 4.845   -3.788  -8.939  1.00 16.65 ? 17  LEU A CA  1 
ATOM   158 C  C   . LEU A 1 19 ? 6.005   -4.383  -9.730  1.00 17.97 ? 17  LEU A C   1 
ATOM   159 O  O   . LEU A 1 19 ? 6.181   -5.596  -9.751  1.00 17.88 ? 17  LEU A O   1 
ATOM   160 C  CB  . LEU A 1 19 ? 5.316   -3.472  -7.509  1.00 15.88 ? 17  LEU A CB  1 
ATOM   161 C  CG  . LEU A 1 19 ? 4.373   -2.695  -6.605  1.00 17.02 ? 17  LEU A CG  1 
ATOM   162 C  CD1 . LEU A 1 19 ? 5.058   -2.450  -5.263  1.00 20.12 ? 17  LEU A CD1 1 
ATOM   163 C  CD2 . LEU A 1 19 ? 4.016   -1.365  -7.267  1.00 18.67 ? 17  LEU A CD2 1 
ATOM   164 N  N   . ASP A 1 20 ? 6.816   -3.532  -10.356 1.00 20.35 ? 18  ASP A N   1 
ATOM   165 C  CA  . ASP A 1 20 ? 7.959   -4.023  -11.117 1.00 23.72 ? 18  ASP A CA  1 
ATOM   166 C  C   . ASP A 1 20 ? 9.029   -4.550  -10.176 1.00 23.38 ? 18  ASP A C   1 
ATOM   167 O  O   . ASP A 1 20 ? 9.806   -5.439  -10.532 1.00 24.58 ? 18  ASP A O   1 
ATOM   168 C  CB  . ASP A 1 20 ? 8.544   -2.904  -11.989 1.00 29.16 ? 18  ASP A CB  1 
ATOM   169 C  CG  . ASP A 1 20 ? 7.566   -2.410  -13.021 1.00 34.62 ? 18  ASP A CG  1 
ATOM   170 O  OD1 . ASP A 1 20 ? 7.106   -3.236  -13.839 1.00 37.04 ? 18  ASP A OD1 1 
ATOM   171 O  OD2 . ASP A 1 20 ? 7.249   -1.201  -13.014 1.00 39.57 ? 18  ASP A OD2 1 
ATOM   172 N  N   . ARG A 1 21 ? 9.058   -4.013  -8.959  1.00 22.05 ? 19  ARG A N   1 
ATOM   173 C  CA  . ARG A 1 21 ? 10.038  -4.441  -7.970  1.00 20.39 ? 19  ARG A CA  1 
ATOM   174 C  C   . ARG A 1 21 ? 9.556   -4.049  -6.572  1.00 16.46 ? 19  ARG A C   1 
ATOM   175 O  O   . ARG A 1 21 ? 8.640   -3.227  -6.422  1.00 15.86 ? 19  ARG A O   1 
ATOM   176 C  CB  . ARG A 1 21 ? 11.387  -3.773  -8.267  1.00 24.52 ? 19  ARG A CB  1 
ATOM   177 C  CG  . ARG A 1 21 ? 11.330  -2.263  -8.121  1.00 30.91 ? 19  ARG A CG  1 
ATOM   178 C  CD  . ARG A 1 21 ? 12.580  -1.589  -8.658  1.00 39.46 ? 19  ARG A CD  1 
ATOM   179 N  NE  . ARG A 1 21 ? 12.675  -1.684  -10.111 1.00 45.53 ? 19  ARG A NE  1 
ATOM   180 C  CZ  . ARG A 1 21 ? 11.807  -1.127  -10.955 1.00 47.52 ? 19  ARG A CZ  1 
ATOM   181 N  NH1 . ARG A 1 21 ? 10.775  -0.430  -10.494 1.00 49.17 ? 19  ARG A NH1 1 
ATOM   182 N  NH2 . ARG A 1 21 ? 11.975  -1.267  -12.265 1.00 48.50 ? 19  ARG A NH2 1 
ATOM   183 N  N   . PRO A 1 22 ? 10.159  -4.630  -5.527  1.00 14.16 ? 20  PRO A N   1 
ATOM   184 C  CA  . PRO A 1 22 ? 9.713   -4.269  -4.179  1.00 13.87 ? 20  PRO A CA  1 
ATOM   185 C  C   . PRO A 1 22 ? 9.945   -2.775  -3.953  1.00 12.08 ? 20  PRO A C   1 
ATOM   186 O  O   . PRO A 1 22 ? 10.892  -2.201  -4.489  1.00 12.16 ? 20  PRO A O   1 
ATOM   187 C  CB  . PRO A 1 22 ? 10.598  -5.122  -3.271  1.00 14.83 ? 20  PRO A CB  1 
ATOM   188 C  CG  . PRO A 1 22 ? 10.994  -6.284  -4.138  1.00 15.34 ? 20  PRO A CG  1 
ATOM   189 C  CD  . PRO A 1 22 ? 11.198  -5.676  -5.490  1.00 17.26 ? 20  PRO A CD  1 
ATOM   190 N  N   . PRO A 1 23 ? 9.078   -2.118  -3.167  1.00 11.97 ? 21  PRO A N   1 
ATOM   191 C  CA  . PRO A 1 23 ? 9.257   -0.676  -2.915  1.00 12.06 ? 21  PRO A CA  1 
ATOM   192 C  C   . PRO A 1 23 ? 10.497  -0.358  -2.073  1.00 13.35 ? 21  PRO A C   1 
ATOM   193 O  O   . PRO A 1 23 ? 11.005  0.767   -2.083  1.00 13.24 ? 21  PRO A O   1 
ATOM   194 C  CB  . PRO A 1 23 ? 7.978   -0.285  -2.175  1.00 12.03 ? 21  PRO A CB  1 
ATOM   195 C  CG  . PRO A 1 23 ? 7.577   -1.567  -1.480  1.00 12.27 ? 21  PRO A CG  1 
ATOM   196 C  CD  . PRO A 1 23 ? 7.846   -2.622  -2.531  1.00 11.95 ? 21  PRO A CD  1 
ATOM   197 N  N   . TYR A 1 24 ? 10.952  -1.351  -1.323  1.00 11.88 ? 22  TYR A N   1 
ATOM   198 C  CA  . TYR A 1 24 ? 12.132  -1.199  -0.471  1.00 13.08 ? 22  TYR A CA  1 
ATOM   199 C  C   . TYR A 1 24 ? 12.620  -2.567  -0.031  1.00 15.71 ? 22  TYR A C   1 
ATOM   200 O  O   . TYR A 1 24 ? 11.919  -3.571  -0.183  1.00 15.97 ? 22  TYR A O   1 
ATOM   201 C  CB  . TYR A 1 24 ? 11.836  -0.316  0.759   1.00 13.90 ? 22  TYR A CB  1 
ATOM   202 C  CG  . TYR A 1 24 ? 10.410  -0.395  1.309   1.00 13.62 ? 22  TYR A CG  1 
ATOM   203 C  CD1 . TYR A 1 24 ? 9.992   -1.468  2.104   1.00 13.48 ? 22  TYR A CD1 1 
ATOM   204 C  CD2 . TYR A 1 24 ? 9.492   0.632   1.052   1.00 12.41 ? 22  TYR A CD2 1 
ATOM   205 C  CE1 . TYR A 1 24 ? 8.688   -1.512  2.639   1.00 14.88 ? 22  TYR A CE1 1 
ATOM   206 C  CE2 . TYR A 1 24 ? 8.180   0.595   1.585   1.00 15.48 ? 22  TYR A CE2 1 
ATOM   207 C  CZ  . TYR A 1 24 ? 7.798   -0.472  2.373   1.00 16.08 ? 22  TYR A CZ  1 
ATOM   208 O  OH  . TYR A 1 24 ? 6.534   -0.483  2.925   1.00 16.55 ? 22  TYR A OH  1 
ATOM   209 N  N   . PRO A 1 25 ? 13.840  -2.627  0.507   1.00 15.37 ? 23  PRO A N   1 
ATOM   210 C  CA  . PRO A 1 25 ? 14.398  -3.897  0.966   1.00 15.76 ? 23  PRO A CA  1 
ATOM   211 C  C   . PRO A 1 25 ? 13.724  -4.404  2.235   1.00 13.63 ? 23  PRO A C   1 
ATOM   212 O  O   . PRO A 1 25 ? 13.109  -3.632  2.983   1.00 13.23 ? 23  PRO A O   1 
ATOM   213 C  CB  . PRO A 1 25 ? 15.877  -3.574  1.165   1.00 19.19 ? 23  PRO A CB  1 
ATOM   214 C  CG  . PRO A 1 25 ? 15.887  -2.087  1.425   1.00 18.74 ? 23  PRO A CG  1 
ATOM   215 C  CD  . PRO A 1 25 ? 14.869  -1.571  0.461   1.00 18.28 ? 23  PRO A CD  1 
ATOM   216 N  N   . GLY A 1 26 ? 13.813  -5.709  2.453   1.00 15.09 ? 24  GLY A N   1 
ATOM   217 C  CA  . GLY A 1 26 ? 13.231  -6.283  3.647   1.00 15.72 ? 24  GLY A CA  1 
ATOM   218 C  C   . GLY A 1 26 ? 11.964  -7.097  3.466   1.00 19.36 ? 24  GLY A C   1 
ATOM   219 O  O   . GLY A 1 26 ? 11.345  -7.101  2.395   1.00 17.95 ? 24  GLY A O   1 
ATOM   220 N  N   . ALA A 1 27 ? 11.573  -7.769  4.544   1.00 19.04 ? 25  ALA A N   1 
ATOM   221 C  CA  . ALA A 1 27 ? 10.391  -8.624  4.557   1.00 19.94 ? 25  ALA A CA  1 
ATOM   222 C  C   . ALA A 1 27 ? 9.086   -7.930  4.146   1.00 18.75 ? 25  ALA A C   1 
ATOM   223 O  O   . ALA A 1 27 ? 8.322   -8.485  3.345   1.00 21.15 ? 25  ALA A O   1 
ATOM   224 C  CB  . ALA A 1 27 ? 10.235  -9.262  5.951   1.00 21.49 ? 25  ALA A CB  1 
ATOM   225 N  N   . LYS A 1 28 ? 8.828   -6.738  4.684   1.00 16.32 ? 26  LYS A N   1 
ATOM   226 C  CA  . LYS A 1 28 ? 7.615   -6.003  4.358   1.00 17.69 ? 26  LYS A CA  1 
ATOM   227 C  C   . LYS A 1 28 ? 7.597   -5.653  2.879   1.00 17.66 ? 26  LYS A C   1 
ATOM   228 O  O   . LYS A 1 28 ? 6.571   -5.793  2.218   1.00 12.80 ? 26  LYS A O   1 
ATOM   229 C  CB  . LYS A 1 28 ? 7.528   -4.723  5.182   1.00 23.38 ? 26  LYS A CB  1 
ATOM   230 C  CG  . LYS A 1 28 ? 6.281   -4.617  6.019   1.00 31.33 ? 26  LYS A CG  1 
ATOM   231 C  CD  . LYS A 1 28 ? 6.228   -5.718  7.065   1.00 34.84 ? 26  LYS A CD  1 
ATOM   232 C  CE  . LYS A 1 28 ? 4.904   -5.679  7.824   1.00 38.73 ? 26  LYS A CE  1 
ATOM   233 N  NZ  . LYS A 1 28 ? 4.854   -6.616  8.982   1.00 41.10 ? 26  LYS A NZ  1 
ATOM   234 N  N   . GLY A 1 29 ? 8.733   -5.171  2.371   1.00 13.70 ? 27  GLY A N   1 
ATOM   235 C  CA  . GLY A 1 29 ? 8.822   -4.818  0.969   1.00 13.34 ? 27  GLY A CA  1 
ATOM   236 C  C   . GLY A 1 29 ? 8.583   -6.020  0.072   1.00 12.54 ? 27  GLY A C   1 
ATOM   237 O  O   . GLY A 1 29 ? 7.995   -5.906  -1.000  1.00 11.52 ? 27  GLY A O   1 
ATOM   238 N  N   . GLU A 1 30 ? 9.032   -7.185  0.521   1.00 12.13 ? 28  GLU A N   1 
ATOM   239 C  CA  . GLU A 1 30 ? 8.867   -8.410  -0.242  1.00 15.66 ? 28  GLU A CA  1 
ATOM   240 C  C   . GLU A 1 30 ? 7.386   -8.833  -0.236  1.00 15.00 ? 28  GLU A C   1 
ATOM   241 O  O   . GLU A 1 30 ? 6.854   -9.293  -1.257  1.00 14.07 ? 28  GLU A O   1 
ATOM   242 C  CB  . GLU A 1 30 ? 9.749   -9.494  0.373   1.00 19.72 ? 28  GLU A CB  1 
ATOM   243 C  CG  . GLU A 1 30 ? 10.352  -10.458 -0.609  1.00 29.97 ? 28  GLU A CG  1 
ATOM   244 C  CD  . GLU A 1 30 ? 11.494  -11.249 0.018   1.00 35.58 ? 28  GLU A CD  1 
ATOM   245 O  OE1 . GLU A 1 30 ? 11.254  -11.958 1.020   1.00 36.14 ? 28  GLU A OE1 1 
ATOM   246 O  OE2 . GLU A 1 30 ? 12.635  -11.151 -0.489  1.00 40.53 ? 28  GLU A OE2 1 
ATOM   247 N  N   . ASP A 1 31 ? 6.730   -8.653  0.901   1.00 16.38 ? 29  ASP A N   1 
ATOM   248 C  CA  . ASP A 1 31 ? 5.301   -8.978  1.031   1.00 14.80 ? 29  ASP A CA  1 
ATOM   249 C  C   . ASP A 1 31 ? 4.505   -8.130  0.049   1.00 13.60 ? 29  ASP A C   1 
ATOM   250 O  O   . ASP A 1 31 ? 3.609   -8.622  -0.642  1.00 13.58 ? 29  ASP A O   1 
ATOM   251 C  CB  . ASP A 1 31 ? 4.808   -8.680  2.443   1.00 17.80 ? 29  ASP A CB  1 
ATOM   252 C  CG  . ASP A 1 31 ? 3.293   -8.806  2.570   1.00 18.11 ? 29  ASP A CG  1 
ATOM   253 O  OD1 . ASP A 1 31 ? 2.785   -9.915  2.352   1.00 18.52 ? 29  ASP A OD1 1 
ATOM   254 O  OD2 . ASP A 1 31 ? 2.608   -7.804  2.883   1.00 21.66 ? 29  ASP A OD2 1 
ATOM   255 N  N   . ILE A 1 32 ? 4.818   -6.842  -0.001  1.00 12.56 ? 30  ILE A N   1 
ATOM   256 C  CA  . ILE A 1 32 ? 4.119   -5.944  -0.918  1.00 11.92 ? 30  ILE A CA  1 
ATOM   257 C  C   . ILE A 1 32 ? 4.356   -6.390  -2.366  1.00 13.04 ? 30  ILE A C   1 
ATOM   258 O  O   . ILE A 1 32 ? 3.415   -6.490  -3.146  1.00 9.83  ? 30  ILE A O   1 
ATOM   259 C  CB  . ILE A 1 32 ? 4.579   -4.473  -0.700  1.00 9.99  ? 30  ILE A CB  1 
ATOM   260 C  CG1 . ILE A 1 32 ? 4.103   -4.001  0.690   1.00 12.23 ? 30  ILE A CG1 1 
ATOM   261 C  CG2 . ILE A 1 32 ? 4.048   -3.579  -1.826  1.00 11.96 ? 30  ILE A CG2 1 
ATOM   262 C  CD1 . ILE A 1 32 ? 4.744   -2.723  1.178   1.00 14.42 ? 30  ILE A CD1 1 
ATOM   263 N  N   . TYR A 1 33 ? 5.603   -6.684  -2.719  1.00 10.98 ? 31  TYR A N   1 
ATOM   264 C  CA  . TYR A 1 33 ? 5.930   -7.114  -4.072  1.00 12.60 ? 31  TYR A CA  1 
ATOM   265 C  C   . TYR A 1 33 ? 5.171   -8.382  -4.491  1.00 13.60 ? 31  TYR A C   1 
ATOM   266 O  O   . TYR A 1 33 ? 4.693   -8.498  -5.608  1.00 13.00 ? 31  TYR A O   1 
ATOM   267 C  CB  . TYR A 1 33 ? 7.431   -7.368  -4.181  1.00 13.36 ? 31  TYR A CB  1 
ATOM   268 C  CG  . TYR A 1 33 ? 7.868   -7.942  -5.515  1.00 14.12 ? 31  TYR A CG  1 
ATOM   269 C  CD1 . TYR A 1 33 ? 7.881   -7.160  -6.663  1.00 17.01 ? 31  TYR A CD1 1 
ATOM   270 C  CD2 . TYR A 1 33 ? 8.297   -9.262  -5.611  1.00 19.17 ? 31  TYR A CD2 1 
ATOM   271 C  CE1 . TYR A 1 33 ? 8.319   -7.679  -7.883  1.00 19.98 ? 31  TYR A CE1 1 
ATOM   272 C  CE2 . TYR A 1 33 ? 8.733   -9.790  -6.825  1.00 20.95 ? 31  TYR A CE2 1 
ATOM   273 C  CZ  . TYR A 1 33 ? 8.742   -8.994  -7.950  1.00 18.91 ? 31  TYR A CZ  1 
ATOM   274 O  OH  . TYR A 1 33 ? 9.186   -9.505  -9.154  1.00 24.10 ? 31  TYR A OH  1 
ATOM   275 N  N   . ASN A 1 34 ? 5.068   -9.329  -3.574  1.00 12.82 ? 32  ASN A N   1 
ATOM   276 C  CA  . ASN A 1 34 ? 4.404   -10.593 -3.861  1.00 14.48 ? 32  ASN A CA  1 
ATOM   277 C  C   . ASN A 1 34 ? 2.892   -10.592 -3.753  1.00 11.88 ? 32  ASN A C   1 
ATOM   278 O  O   . ASN A 1 34 ? 2.226   -11.352 -4.454  1.00 14.13 ? 32  ASN A O   1 
ATOM   279 C  CB  . ASN A 1 34 ? 4.891   -11.684 -2.894  1.00 14.05 ? 32  ASN A CB  1 
ATOM   280 C  CG  . ASN A 1 34 ? 6.340   -12.066 -3.108  1.00 17.17 ? 32  ASN A CG  1 
ATOM   281 O  OD1 . ASN A 1 34 ? 6.819   -12.112 -4.244  1.00 19.40 ? 32  ASN A OD1 1 
ATOM   282 N  ND2 . ASN A 1 34 ? 7.039   -12.383 -2.017  1.00 20.32 ? 32  ASN A ND2 1 
ATOM   283 N  N   . ASN A 1 35 ? 2.350   -9.750  -2.874  1.00 11.63 ? 33  ASN A N   1 
ATOM   284 C  CA  . ASN A 1 35 ? 0.918   -9.802  -2.589  1.00 11.10 ? 33  ASN A CA  1 
ATOM   285 C  C   . ASN A 1 35 ? 0.067   -8.556  -2.734  1.00 11.12 ? 33  ASN A C   1 
ATOM   286 O  O   . ASN A 1 35 ? -1.121  -8.593  -2.401  1.00 12.54 ? 33  ASN A O   1 
ATOM   287 C  CB  . ASN A 1 35 ? 0.740   -10.313 -1.167  1.00 13.46 ? 33  ASN A CB  1 
ATOM   288 C  CG  . ASN A 1 35 ? 1.535   -11.573 -0.895  1.00 16.44 ? 33  ASN A CG  1 
ATOM   289 O  OD1 . ASN A 1 35 ? 2.405   -11.605 -0.004  1.00 21.44 ? 33  ASN A OD1 1 
ATOM   290 N  ND2 . ASN A 1 35 ? 1.252   -12.619 -1.658  1.00 12.82 ? 33  ASN A ND2 1 
ATOM   291 N  N   . VAL A 1 36 ? 0.655   -7.467  -3.206  1.00 10.43 ? 34  VAL A N   1 
ATOM   292 C  CA  . VAL A 1 36 ? -0.080  -6.210  -3.353  1.00 10.71 ? 34  VAL A CA  1 
ATOM   293 C  C   . VAL A 1 36 ? 0.016   -5.664  -4.769  1.00 10.27 ? 34  VAL A C   1 
ATOM   294 O  O   . VAL A 1 36 ? 1.112   -5.496  -5.303  1.00 8.50  ? 34  VAL A O   1 
ATOM   295 C  CB  . VAL A 1 36 ? 0.466   -5.157  -2.343  1.00 8.42  ? 34  VAL A CB  1 
ATOM   296 C  CG1 . VAL A 1 36 ? -0.175  -3.772  -2.604  1.00 8.40  ? 34  VAL A CG1 1 
ATOM   297 C  CG2 . VAL A 1 36 ? 0.169   -5.626  -0.910  1.00 9.23  ? 34  VAL A CG2 1 
ATOM   298 N  N   . SER A 1 37 ? -1.131  -5.397  -5.384  1.00 9.43  ? 35  SER A N   1 
ATOM   299 C  CA  . SER A 1 37 ? -1.161  -4.876  -6.752  1.00 11.68 ? 35  SER A CA  1 
ATOM   300 C  C   . SER A 1 37 ? -0.614  -3.455  -6.863  1.00 13.35 ? 35  SER A C   1 
ATOM   301 O  O   . SER A 1 37 ? -0.575  -2.704  -5.880  1.00 10.15 ? 35  SER A O   1 
ATOM   302 C  CB  . SER A 1 37 ? -2.600  -4.882  -7.295  1.00 12.32 ? 35  SER A CB  1 
ATOM   303 O  OG  . SER A 1 37 ? -3.470  -4.011  -6.565  1.00 10.04 ? 35  SER A OG  1 
ATOM   304 N  N   . ARG A 1 38 ? -0.212  -3.071  -8.073  1.00 13.58 ? 36  ARG A N   1 
ATOM   305 C  CA  . ARG A 1 38 ? 0.273   -1.708  -8.276  1.00 15.90 ? 36  ARG A CA  1 
ATOM   306 C  C   . ARG A 1 38 ? -0.888  -0.756  -7.956  1.00 14.21 ? 36  ARG A C   1 
ATOM   307 O  O   . ARG A 1 38 ? -0.687  0.291   -7.330  1.00 15.09 ? 36  ARG A O   1 
ATOM   308 C  CB  . ARG A 1 38 ? 0.723   -1.500  -9.724  1.00 17.67 ? 36  ARG A CB  1 
ATOM   309 C  CG  . ARG A 1 38 ? 1.176   -0.064  -9.992  1.00 25.52 ? 36  ARG A CG  1 
ATOM   310 C  CD  . ARG A 1 38 ? 1.393   0.163   -11.482 1.00 32.68 ? 36  ARG A CD  1 
ATOM   311 N  NE  . ARG A 1 38 ? 2.457   -0.687  -12.007 1.00 38.68 ? 36  ARG A NE  1 
ATOM   312 C  CZ  . ARG A 1 38 ? 2.412   -1.297  -13.190 1.00 43.56 ? 36  ARG A CZ  1 
ATOM   313 N  NH1 . ARG A 1 38 ? 1.348   -1.161  -13.978 1.00 40.99 ? 36  ARG A NH1 1 
ATOM   314 N  NH2 . ARG A 1 38 ? 3.440   -2.036  -13.587 1.00 44.88 ? 36  ARG A NH2 1 
ATOM   315 N  N   . LYS A 1 39 ? -2.102  -1.131  -8.362  1.00 12.93 ? 37  LYS A N   1 
ATOM   316 C  CA  . LYS A 1 39 ? -3.277  -0.295  -8.091  1.00 15.76 ? 37  LYS A CA  1 
ATOM   317 C  C   . LYS A 1 39 ? -3.452  -0.082  -6.584  1.00 15.19 ? 37  LYS A C   1 
ATOM   318 O  O   . LYS A 1 39 ? -3.657  1.037   -6.136  1.00 14.52 ? 37  LYS A O   1 
ATOM   319 C  CB  . LYS A 1 39 ? -4.561  -0.923  -8.640  1.00 15.88 ? 37  LYS A CB  1 
ATOM   320 C  CG  . LYS A 1 39 ? -5.835  -0.151  -8.263  1.00 20.64 ? 37  LYS A CG  1 
ATOM   321 C  CD  . LYS A 1 39 ? -7.080  -0.902  -8.722  1.00 24.94 ? 37  LYS A CD  1 
ATOM   322 C  CE  . LYS A 1 39 ? -8.351  -0.072  -8.534  1.00 30.15 ? 37  LYS A CE  1 
ATOM   323 N  NZ  . LYS A 1 39 ? -9.572  -0.905  -8.734  1.00 31.99 ? 37  LYS A NZ  1 
ATOM   324 N  N   . ALA A 1 40 ? -3.390  -1.163  -5.818  1.00 12.40 ? 38  ALA A N   1 
ATOM   325 C  CA  . ALA A 1 40 ? -3.543  -1.063  -4.367  1.00 12.90 ? 38  ALA A CA  1 
ATOM   326 C  C   . ALA A 1 40 ? -2.461  -0.176  -3.785  1.00 13.09 ? 38  ALA A C   1 
ATOM   327 O  O   . ALA A 1 40 ? -2.732  0.643   -2.908  1.00 11.64 ? 38  ALA A O   1 
ATOM   328 C  CB  . ALA A 1 40 ? -3.483  -2.450  -3.709  1.00 12.39 ? 38  ALA A CB  1 
ATOM   329 N  N   . TRP A 1 41 ? -1.234  -0.349  -4.262  1.00 12.83 ? 39  TRP A N   1 
ATOM   330 C  CA  . TRP A 1 41 ? -0.105  0.438   -3.770  1.00 14.14 ? 39  TRP A CA  1 
ATOM   331 C  C   . TRP A 1 41 ? -0.306  1.919   -4.085  1.00 14.23 ? 39  TRP A C   1 
ATOM   332 O  O   . TRP A 1 41 ? -0.064  2.786   -3.233  1.00 12.89 ? 39  TRP A O   1 
ATOM   333 C  CB  . TRP A 1 41 ? 1.203   -0.057  -4.406  1.00 13.71 ? 39  TRP A CB  1 
ATOM   334 C  CG  . TRP A 1 41 ? 2.454   0.512   -3.761  1.00 16.92 ? 39  TRP A CG  1 
ATOM   335 C  CD1 . TRP A 1 41 ? 3.470   1.181   -4.391  1.00 18.83 ? 39  TRP A CD1 1 
ATOM   336 C  CD2 . TRP A 1 41 ? 2.826   0.430   -2.382  1.00 15.57 ? 39  TRP A CD2 1 
ATOM   337 N  NE1 . TRP A 1 41 ? 4.453   1.518   -3.485  1.00 17.61 ? 39  TRP A NE1 1 
ATOM   338 C  CE2 . TRP A 1 41 ? 4.083   1.070   -2.244  1.00 18.47 ? 39  TRP A CE2 1 
ATOM   339 C  CE3 . TRP A 1 41 ? 2.222   -0.119  -1.241  1.00 15.99 ? 39  TRP A CE3 1 
ATOM   340 C  CZ2 . TRP A 1 41 ? 4.743   1.172   -1.014  1.00 16.96 ? 39  TRP A CZ2 1 
ATOM   341 C  CZ3 . TRP A 1 41 ? 2.882   -0.014  -0.016  1.00 17.48 ? 39  TRP A CZ3 1 
ATOM   342 C  CH2 . TRP A 1 41 ? 4.130   0.629   0.081   1.00 18.21 ? 39  TRP A CH2 1 
ATOM   343 N  N   . ASP A 1 42 ? -0.743  2.207   -5.310  1.00 13.87 ? 40  ASP A N   1 
ATOM   344 C  CA  . ASP A 1 42 ? -0.979  3.592   -5.732  1.00 15.29 ? 40  ASP A CA  1 
ATOM   345 C  C   . ASP A 1 42 ? -2.127  4.217   -4.948  1.00 16.24 ? 40  ASP A C   1 
ATOM   346 O  O   . ASP A 1 42 ? -2.049  5.393   -4.553  1.00 14.47 ? 40  ASP A O   1 
ATOM   347 C  CB  . ASP A 1 42 ? -1.306  3.664   -7.229  1.00 18.28 ? 40  ASP A CB  1 
ATOM   348 C  CG  . ASP A 1 42 ? -0.096  3.422   -8.100  1.00 24.47 ? 40  ASP A CG  1 
ATOM   349 O  OD1 . ASP A 1 42 ? 1.038   3.467   -7.573  1.00 27.99 ? 40  ASP A OD1 1 
ATOM   350 O  OD2 . ASP A 1 42 ? -0.276  3.199   -9.317  1.00 29.28 ? 40  ASP A OD2 1 
ATOM   351 N  N   . GLU A 1 43 ? -3.193  3.441   -4.744  1.00 15.04 ? 41  GLU A N   1 
ATOM   352 C  CA  . GLU A 1 43 ? -4.349  3.916   -3.993  1.00 13.86 ? 41  GLU A CA  1 
ATOM   353 C  C   . GLU A 1 43 ? -3.914  4.179   -2.546  1.00 13.37 ? 41  GLU A C   1 
ATOM   354 O  O   . GLU A 1 43 ? -4.386  5.128   -1.924  1.00 13.54 ? 41  GLU A O   1 
ATOM   355 C  CB  . GLU A 1 43 ? -5.496  2.896   -4.040  1.00 14.83 ? 41  GLU A CB  1 
ATOM   356 C  CG  . GLU A 1 43 ? -6.316  2.907   -5.356  1.00 16.15 ? 41  GLU A CG  1 
ATOM   357 C  CD  . GLU A 1 43 ? -6.795  4.297   -5.737  1.00 20.00 ? 41  GLU A CD  1 
ATOM   358 O  OE1 . GLU A 1 43 ? -7.440  4.956   -4.898  1.00 19.18 ? 41  GLU A OE1 1 
ATOM   359 O  OE2 . GLU A 1 43 ? -6.518  4.724   -6.881  1.00 21.92 ? 41  GLU A OE2 1 
ATOM   360 N  N   . TRP A 1 44 ? -3.019  3.349   -2.013  1.00 11.70 ? 42  TRP A N   1 
ATOM   361 C  CA  . TRP A 1 44 ? -2.532  3.589   -0.651  1.00 13.09 ? 42  TRP A CA  1 
ATOM   362 C  C   . TRP A 1 44 ? -1.756  4.913   -0.618  1.00 13.69 ? 42  TRP A C   1 
ATOM   363 O  O   . TRP A 1 44 ? -1.927  5.715   0.295   1.00 12.08 ? 42  TRP A O   1 
ATOM   364 C  CB  . TRP A 1 44 ? -1.614  2.463   -0.150  1.00 12.73 ? 42  TRP A CB  1 
ATOM   365 C  CG  . TRP A 1 44 ? -0.849  2.897   1.055   1.00 14.11 ? 42  TRP A CG  1 
ATOM   366 C  CD1 . TRP A 1 44 ? 0.511   3.026   1.168   1.00 14.72 ? 42  TRP A CD1 1 
ATOM   367 C  CD2 . TRP A 1 44 ? -1.401  3.402   2.281   1.00 13.09 ? 42  TRP A CD2 1 
ATOM   368 N  NE1 . TRP A 1 44 ? 0.832   3.585   2.381   1.00 15.85 ? 42  TRP A NE1 1 
ATOM   369 C  CE2 . TRP A 1 44 ? -0.322  3.828   3.084   1.00 14.80 ? 42  TRP A CE2 1 
ATOM   370 C  CE3 . TRP A 1 44 ? -2.709  3.538   2.773   1.00 15.18 ? 42  TRP A CE3 1 
ATOM   371 C  CZ2 . TRP A 1 44 ? -0.506  4.386   4.360   1.00 14.42 ? 42  TRP A CZ2 1 
ATOM   372 C  CZ3 . TRP A 1 44 ? -2.898  4.091   4.038   1.00 14.96 ? 42  TRP A CZ3 1 
ATOM   373 C  CH2 . TRP A 1 44 ? -1.799  4.511   4.816   1.00 15.75 ? 42  TRP A CH2 1 
ATOM   374 N  N   . GLN A 1 45 ? -0.893  5.141   -1.605  1.00 14.84 ? 43  GLN A N   1 
ATOM   375 C  CA  . GLN A 1 45 ? -0.133  6.393   -1.629  1.00 17.37 ? 43  GLN A CA  1 
ATOM   376 C  C   . GLN A 1 45 ? -1.077  7.589   -1.662  1.00 15.25 ? 43  GLN A C   1 
ATOM   377 O  O   . GLN A 1 45 ? -0.844  8.576   -0.958  1.00 17.92 ? 43  GLN A O   1 
ATOM   378 C  CB  . GLN A 1 45 ? 0.828   6.433   -2.827  1.00 20.38 ? 43  GLN A CB  1 
ATOM   379 C  CG  . GLN A 1 45 ? 1.845   5.295   -2.824  1.00 22.16 ? 43  GLN A CG  1 
ATOM   380 C  CD  . GLN A 1 45 ? 2.788   5.334   -1.638  1.00 26.36 ? 43  GLN A CD  1 
ATOM   381 O  OE1 . GLN A 1 45 ? 3.350   4.310   -1.244  1.00 31.07 ? 43  GLN A OE1 1 
ATOM   382 N  NE2 . GLN A 1 45 ? 2.983   6.519   -1.071  1.00 27.61 ? 43  GLN A NE2 1 
ATOM   383 N  N   . LYS A 1 46 ? -2.154  7.503   -2.449  1.00 16.57 ? 44  LYS A N   1 
ATOM   384 C  CA  . LYS A 1 46 ? -3.120  8.600   -2.534  1.00 16.42 ? 44  LYS A CA  1 
ATOM   385 C  C   . LYS A 1 46 ? -3.816  8.787   -1.195  1.00 17.37 ? 44  LYS A C   1 
ATOM   386 O  O   . LYS A 1 46 ? -4.006  9.918   -0.730  1.00 16.16 ? 44  LYS A O   1 
ATOM   387 C  CB  . LYS A 1 46 ? -4.175  8.333   -3.628  1.00 19.23 ? 44  LYS A CB  1 
ATOM   388 C  CG  . LYS A 1 46 ? -3.561  8.168   -5.030  1.00 22.50 ? 44  LYS A CG  1 
ATOM   389 C  CD  . LYS A 1 46 ? -4.548  8.375   -6.176  1.00 25.58 ? 44  LYS A CD  1 
ATOM   390 C  CE  . LYS A 1 46 ? -5.767  7.477   -6.090  1.00 27.17 ? 44  LYS A CE  1 
ATOM   391 N  NZ  . LYS A 1 46 ? -6.466  7.418   -7.420  1.00 27.17 ? 44  LYS A NZ  1 
ATOM   392 N  N   . HIS A 1 47 ? -4.199  7.680   -0.566  1.00 15.95 ? 45  HIS A N   1 
ATOM   393 C  CA  . HIS A 1 47 ? -4.879  7.767   0.724   1.00 15.41 ? 45  HIS A CA  1 
ATOM   394 C  C   . HIS A 1 47 ? -3.926  8.312   1.784   1.00 14.42 ? 45  HIS A C   1 
ATOM   395 O  O   . HIS A 1 47 ? -4.327  9.105   2.640   1.00 14.71 ? 45  HIS A O   1 
ATOM   396 C  CB  . HIS A 1 47 ? -5.421  6.392   1.155   1.00 16.37 ? 45  HIS A CB  1 
ATOM   397 C  CG  . HIS A 1 47 ? -6.343  6.451   2.333   1.00 20.57 ? 45  HIS A CG  1 
ATOM   398 N  ND1 . HIS A 1 47 ? -7.525  7.158   2.315   1.00 25.17 ? 45  HIS A ND1 1 
ATOM   399 C  CD2 . HIS A 1 47 ? -6.241  5.921   3.576   1.00 20.77 ? 45  HIS A CD2 1 
ATOM   400 C  CE1 . HIS A 1 47 ? -8.113  7.065   3.496   1.00 24.49 ? 45  HIS A CE1 1 
ATOM   401 N  NE2 . HIS A 1 47 ? -7.353  6.320   4.281   1.00 21.45 ? 45  HIS A NE2 1 
ATOM   402 N  N   . GLN A 1 48 ? -2.661  7.915   1.713   1.00 14.51 ? 46  GLN A N   1 
ATOM   403 C  CA  . GLN A 1 48 ? -1.674  8.374   2.687   1.00 15.35 ? 46  GLN A CA  1 
ATOM   404 C  C   . GLN A 1 48 ? -1.487  9.884   2.587   1.00 15.83 ? 46  GLN A C   1 
ATOM   405 O  O   . GLN A 1 48 ? -1.349  10.569  3.595   1.00 15.04 ? 46  GLN A O   1 
ATOM   406 C  CB  . GLN A 1 48 ? -0.341  7.664   2.455   1.00 17.91 ? 46  GLN A CB  1 
ATOM   407 C  CG  . GLN A 1 48 ? 0.753   8.087   3.412   1.00 19.92 ? 46  GLN A CG  1 
ATOM   408 C  CD  . GLN A 1 48 ? 2.001   7.264   3.235   1.00 24.94 ? 46  GLN A CD  1 
ATOM   409 O  OE1 . GLN A 1 48 ? 2.652   7.319   2.192   1.00 28.42 ? 46  GLN A OE1 1 
ATOM   410 N  NE2 . GLN A 1 48 ? 2.335   6.485   4.244   1.00 24.65 ? 46  GLN A NE2 1 
ATOM   411 N  N   . THR A 1 49 ? -1.472  10.397  1.359   1.00 15.28 ? 47  THR A N   1 
ATOM   412 C  CA  . THR A 1 49 ? -1.323  11.833  1.137   1.00 14.53 ? 47  THR A CA  1 
ATOM   413 C  C   . THR A 1 49 ? -2.531  12.561  1.726   1.00 14.91 ? 47  THR A C   1 
ATOM   414 O  O   . THR A 1 49 ? -2.395  13.626  2.330   1.00 17.16 ? 47  THR A O   1 
ATOM   415 C  CB  . THR A 1 49 ? -1.221  12.134  -0.367  1.00 17.07 ? 47  THR A CB  1 
ATOM   416 O  OG1 . THR A 1 49 ? -0.050  11.503  -0.886  1.00 16.78 ? 47  THR A OG1 1 
ATOM   417 C  CG2 . THR A 1 49 ? -1.155  13.643  -0.616  1.00 17.92 ? 47  THR A CG2 1 
HETATM 418 N  N   A MSE A 1 50 ? -3.707  11.973  1.545   0.50 14.79 ? 48  MSE A N   1 
HETATM 419 N  N   B MSE A 1 50 ? -3.718  11.994  1.542   0.50 14.16 ? 48  MSE A N   1 
HETATM 420 C  CA  A MSE A 1 50 ? -4.948  12.541  2.059   0.49 17.36 ? 48  MSE A CA  1 
HETATM 421 C  CA  B MSE A 1 50 ? -4.929  12.603  2.083   0.51 16.34 ? 48  MSE A CA  1 
HETATM 422 C  C   A MSE A 1 50 ? -4.902  12.627  3.588   0.49 16.32 ? 48  MSE A C   1 
HETATM 423 C  C   B MSE A 1 50 ? -4.857  12.658  3.609   0.51 15.58 ? 48  MSE A C   1 
HETATM 424 O  O   A MSE A 1 50 ? -5.293  13.643  4.172   0.49 14.36 ? 48  MSE A O   1 
HETATM 425 O  O   B MSE A 1 50 ? -5.190  13.683  4.212   0.51 13.49 ? 48  MSE A O   1 
HETATM 426 C  CB  A MSE A 1 50 ? -6.131  11.669  1.616   0.49 22.03 ? 48  MSE A CB  1 
HETATM 427 C  CB  B MSE A 1 50 ? -6.173  11.811  1.648   0.51 19.96 ? 48  MSE A CB  1 
HETATM 428 C  CG  A MSE A 1 50 ? -7.493  12.321  1.751   0.40 29.59 ? 48  MSE A CG  1 
HETATM 429 C  CG  B MSE A 1 50 ? -7.495  12.351  2.199   0.60 26.18 ? 48  MSE A CG  1 
HETATM 430 SE SE  A MSE A 1 50 ? -8.895  11.169  1.076   0.48 42.67 ? 48  MSE A SE  1 
HETATM 431 SE SE  B MSE A 1 50 ? -7.906  11.797  4.007   0.52 37.47 ? 48  MSE A SE  1 
HETATM 432 C  CE  A MSE A 1 50 ? -8.336  11.058  -0.771  0.68 32.15 ? 48  MSE A CE  1 
HETATM 433 C  CE  B MSE A 1 50 ? -9.702  12.502  4.151   0.32 33.59 ? 48  MSE A CE  1 
ATOM   434 N  N   . LEU A 1 51 ? -4.426  11.560  4.229   1.00 14.18 ? 49  LEU A N   1 
ATOM   435 C  CA  . LEU A 1 51 ? -4.329  11.510  5.697   1.00 14.09 ? 49  LEU A CA  1 
ATOM   436 C  C   . LEU A 1 51 ? -3.299  12.514  6.225   1.00 13.87 ? 49  LEU A C   1 
ATOM   437 O  O   . LEU A 1 51 ? -3.520  13.182  7.241   1.00 13.31 ? 49  LEU A O   1 
ATOM   438 C  CB  . LEU A 1 51 ? -3.971  10.089  6.171   1.00 13.63 ? 49  LEU A CB  1 
ATOM   439 C  CG  . LEU A 1 51 ? -5.026  8.981   6.022   1.00 15.18 ? 49  LEU A CG  1 
ATOM   440 C  CD1 . LEU A 1 51 ? -4.405  7.650   6.465   1.00 13.97 ? 49  LEU A CD1 1 
ATOM   441 C  CD2 . LEU A 1 51 ? -6.267  9.293   6.882   1.00 16.14 ? 49  LEU A CD2 1 
ATOM   442 N  N   . ILE A 1 52 ? -2.173  12.619  5.532   1.00 13.23 ? 50  ILE A N   1 
ATOM   443 C  CA  . ILE A 1 52 ? -1.123  13.554  5.926   1.00 12.91 ? 50  ILE A CA  1 
ATOM   444 C  C   . ILE A 1 52 ? -1.662  14.984  5.833   1.00 15.72 ? 50  ILE A C   1 
ATOM   445 O  O   . ILE A 1 52 ? -1.405  15.817  6.712   1.00 15.81 ? 50  ILE A O   1 
ATOM   446 C  CB  . ILE A 1 52 ? 0.117   13.412  5.013   1.00 12.07 ? 50  ILE A CB  1 
ATOM   447 C  CG1 . ILE A 1 52 ? 0.821   12.087  5.287   1.00 13.22 ? 50  ILE A CG1 1 
ATOM   448 C  CG2 . ILE A 1 52 ? 1.083   14.603  5.216   1.00 13.55 ? 50  ILE A CG2 1 
ATOM   449 C  CD1 . ILE A 1 52 ? 1.934   11.788  4.278   1.00 13.62 ? 50  ILE A CD1 1 
ATOM   450 N  N   . ASN A 1 53 ? -2.421  15.275  4.781   1.00 13.78 ? 51  ASN A N   1 
ATOM   451 C  CA  . ASN A 1 53 ? -2.970  16.622  4.624   1.00 16.77 ? 51  ASN A CA  1 
ATOM   452 C  C   . ASN A 1 53 ? -4.104  16.926  5.605   1.00 16.78 ? 51  ASN A C   1 
ATOM   453 O  O   . ASN A 1 53 ? -4.130  17.996  6.217   1.00 20.14 ? 51  ASN A O   1 
ATOM   454 C  CB  . ASN A 1 53 ? -3.449  16.844  3.184   1.00 16.13 ? 51  ASN A CB  1 
ATOM   455 C  CG  . ASN A 1 53 ? -2.297  16.887  2.191   1.00 21.38 ? 51  ASN A CG  1 
ATOM   456 O  OD1 . ASN A 1 53 ? -1.169  17.185  2.562   1.00 23.75 ? 51  ASN A OD1 1 
ATOM   457 N  ND2 . ASN A 1 53 ? -2.581  16.608  0.917   1.00 23.31 ? 51  ASN A ND2 1 
ATOM   458 N  N   . GLU A 1 54 ? -5.012  15.980  5.777   1.00 16.46 ? 52  GLU A N   1 
ATOM   459 C  CA  . GLU A 1 54 ? -6.153  16.158  6.666   1.00 19.39 ? 52  GLU A CA  1 
ATOM   460 C  C   . GLU A 1 54 ? -5.805  16.138  8.155   1.00 18.45 ? 52  GLU A C   1 
ATOM   461 O  O   . GLU A 1 54 ? -6.504  16.754  8.962   1.00 19.32 ? 52  GLU A O   1 
ATOM   462 C  CB  . GLU A 1 54 ? -7.190  15.072  6.391   1.00 22.73 ? 52  GLU A CB  1 
ATOM   463 C  CG  . GLU A 1 54 ? -7.662  15.014  4.946   1.00 32.30 ? 52  GLU A CG  1 
ATOM   464 C  CD  . GLU A 1 54 ? -8.767  16.001  4.630   1.00 40.54 ? 52  GLU A CD  1 
ATOM   465 O  OE1 . GLU A 1 54 ? -8.575  17.219  4.861   1.00 45.22 ? 52  GLU A OE1 1 
ATOM   466 O  OE2 . GLU A 1 54 ? -9.831  15.554  4.142   1.00 44.07 ? 52  GLU A OE2 1 
ATOM   467 N  N   . ARG A 1 55 ? -4.739  15.439  8.529   1.00 14.76 ? 53  ARG A N   1 
ATOM   468 C  CA  . ARG A 1 55 ? -4.384  15.364  9.942   1.00 13.05 ? 53  ARG A CA  1 
ATOM   469 C  C   . ARG A 1 55 ? -3.112  16.139  10.312  1.00 12.34 ? 53  ARG A C   1 
ATOM   470 O  O   . ARG A 1 55 ? -2.685  16.109  11.456  1.00 11.69 ? 53  ARG A O   1 
ATOM   471 C  CB  . ARG A 1 55 ? -4.276  13.886  10.372  1.00 11.97 ? 53  ARG A CB  1 
ATOM   472 C  CG  . ARG A 1 55 ? -5.587  13.114  10.154  1.00 12.77 ? 53  ARG A CG  1 
ATOM   473 C  CD  . ARG A 1 55 ? -5.432  11.647  10.456  1.00 13.17 ? 53  ARG A CD  1 
ATOM   474 N  NE  . ARG A 1 55 ? -5.117  11.438  11.863  1.00 12.69 ? 53  ARG A NE  1 
ATOM   475 C  CZ  . ARG A 1 55 ? -5.965  10.962  12.771  1.00 9.86  ? 53  ARG A CZ  1 
ATOM   476 N  NH1 . ARG A 1 55 ? -7.198  10.627  12.420  1.00 12.77 ? 53  ARG A NH1 1 
ATOM   477 N  NH2 . ARG A 1 55 ? -5.577  10.864  14.045  1.00 12.05 ? 53  ARG A NH2 1 
ATOM   478 N  N   A ARG A 1 56 ? -2.531  16.834  9.337   0.50 11.01 ? 54  ARG A N   1 
ATOM   479 N  N   B ARG A 1 56 ? -2.526  16.832  9.340   0.50 11.18 ? 54  ARG A N   1 
ATOM   480 C  CA  A ARG A 1 56 ? -1.311  17.621  9.557   0.50 11.11 ? 54  ARG A CA  1 
ATOM   481 C  CA  B ARG A 1 56 ? -1.315  17.622  9.580   0.50 11.32 ? 54  ARG A CA  1 
ATOM   482 C  C   A ARG A 1 56 ? -0.189  16.738  10.112  0.50 12.17 ? 54  ARG A C   1 
ATOM   483 C  C   B ARG A 1 56 ? -0.192  16.730  10.123  0.50 12.31 ? 54  ARG A C   1 
ATOM   484 O  O   A ARG A 1 56 ? 0.409   17.048  11.143  0.50 12.22 ? 54  ARG A O   1 
ATOM   485 O  O   B ARG A 1 56 ? 0.408   17.032  11.157  0.50 12.41 ? 54  ARG A O   1 
ATOM   486 C  CB  A ARG A 1 56 ? -1.587  18.766  10.541  0.50 13.23 ? 54  ARG A CB  1 
ATOM   487 C  CB  B ARG A 1 56 ? -1.616  18.743  10.589  0.50 13.58 ? 54  ARG A CB  1 
ATOM   488 C  CG  A ARG A 1 56 ? -2.695  19.735  10.130  0.46 16.50 ? 54  ARG A CG  1 
ATOM   489 C  CG  B ARG A 1 56 ? -2.895  19.534  10.296  0.54 16.69 ? 54  ARG A CG  1 
ATOM   490 C  CD  A ARG A 1 56 ? -2.286  20.630  8.956   0.39 18.89 ? 54  ARG A CD  1 
ATOM   491 C  CD  B ARG A 1 56 ? -2.797  20.243  8.950   0.61 20.05 ? 54  ARG A CD  1 
ATOM   492 N  NE  A ARG A 1 56 ? -2.610  20.063  7.648   0.66 20.27 ? 54  ARG A NE  1 
ATOM   493 N  NE  B ARG A 1 56 ? -3.909  19.933  8.057   0.34 22.93 ? 54  ARG A NE  1 
ATOM   494 C  CZ  A ARG A 1 56 ? -2.370  20.673  6.487   0.52 20.32 ? 54  ARG A CZ  1 
ATOM   495 C  CZ  B ARG A 1 56 ? -5.124  20.471  8.135   0.48 22.84 ? 54  ARG A CZ  1 
ATOM   496 N  NH1 A ARG A 1 56 ? -1.800  21.870  6.464   0.41 21.86 ? 54  ARG A NH1 1 
ATOM   497 N  NH1 B ARG A 1 56 ? -5.416  21.366  9.072   0.59 23.41 ? 54  ARG A NH1 1 
ATOM   498 N  NH2 A ARG A 1 56 ? -2.714  20.099  5.345   0.47 19.20 ? 54  ARG A NH2 1 
ATOM   499 N  NH2 B ARG A 1 56 ? -6.050  20.117  7.257   0.53 24.33 ? 54  ARG A NH2 1 
ATOM   500 N  N   . LEU A 1 57 ? 0.109   15.649  9.410   1.00 10.91 ? 55  LEU A N   1 
ATOM   501 C  CA  . LEU A 1 57 ? 1.134   14.713  9.854   1.00 11.89 ? 55  LEU A CA  1 
ATOM   502 C  C   . LEU A 1 57 ? 2.536   15.042  9.398   1.00 14.90 ? 55  LEU A C   1 
ATOM   503 O  O   . LEU A 1 57 ? 2.734   15.608  8.324   1.00 13.47 ? 55  LEU A O   1 
ATOM   504 C  CB  . LEU A 1 57 ? 0.790   13.289  9.400   1.00 12.41 ? 55  LEU A CB  1 
ATOM   505 C  CG  . LEU A 1 57 ? -0.630  12.838  9.746   1.00 9.66  ? 55  LEU A CG  1 
ATOM   506 C  CD1 . LEU A 1 57 ? -0.887  11.441  9.162   1.00 13.72 ? 55  LEU A CD1 1 
ATOM   507 C  CD2 . LEU A 1 57 ? -0.803  12.850  11.263  1.00 10.27 ? 55  LEU A CD2 1 
ATOM   508 N  N   . ASN A 1 58 ? 3.487   14.666  10.243  1.00 14.64 ? 56  ASN A N   1 
ATOM   509 C  CA  . ASN A 1 58 ? 4.905   14.884  10.022  1.00 17.35 ? 56  ASN A CA  1 
ATOM   510 C  C   . ASN A 1 58 ? 5.635   13.534  10.068  1.00 18.97 ? 56  ASN A C   1 
ATOM   511 O  O   . ASN A 1 58 ? 5.648   12.861  11.087  1.00 17.33 ? 56  ASN A O   1 
ATOM   512 C  CB  . ASN A 1 58 ? 5.424   15.823  11.116  1.00 14.39 ? 56  ASN A CB  1 
ATOM   513 C  CG  . ASN A 1 58 ? 6.927   16.024  11.048  1.00 15.24 ? 56  ASN A CG  1 
ATOM   514 O  OD1 . ASN A 1 58 ? 7.593   15.473  10.180  1.00 18.06 ? 56  ASN A OD1 1 
ATOM   515 N  ND2 . ASN A 1 58 ? 7.457   16.806  11.962  1.00 16.06 ? 56  ASN A ND2 1 
HETATM 516 N  N   . MSE A 1 59 ? 6.238   13.128  8.955   1.00 22.61 ? 57  MSE A N   1 
HETATM 517 C  CA  . MSE A 1 59 ? 6.936   11.844  8.916   1.00 25.99 ? 57  MSE A CA  1 
HETATM 518 C  C   . MSE A 1 59 ? 8.052   11.666  9.931   1.00 25.94 ? 57  MSE A C   1 
HETATM 519 O  O   . MSE A 1 59 ? 8.475   10.538  10.192  1.00 26.19 ? 57  MSE A O   1 
HETATM 520 C  CB  . MSE A 1 59 ? 7.471   11.570  7.507   1.00 30.25 ? 57  MSE A CB  1 
HETATM 521 C  CG  . MSE A 1 59 ? 6.371   11.260  6.533   1.00 37.20 ? 57  MSE A CG  1 
HETATM 522 SE SE  . MSE A 1 59 ? 5.327   9.772   7.188   0.64 46.13 ? 57  MSE A SE  1 
HETATM 523 C  CE  . MSE A 1 59 ? 5.477   8.581   5.682   1.00 41.71 ? 57  MSE A CE  1 
HETATM 524 N  N   . MSE A 1 60 ? 8.517   12.757  10.524  1.00 23.87 ? 58  MSE A N   1 
HETATM 525 C  CA  . MSE A 1 60 ? 9.583   12.658  11.508  1.00 25.12 ? 58  MSE A CA  1 
HETATM 526 C  C   . MSE A 1 60 ? 9.014   12.447  12.920  1.00 23.70 ? 58  MSE A C   1 
HETATM 527 O  O   . MSE A 1 60 ? 9.755   12.215  13.873  1.00 24.36 ? 58  MSE A O   1 
HETATM 528 C  CB  . MSE A 1 60 ? 10.463  13.911  11.438  1.00 28.71 ? 58  MSE A CB  1 
HETATM 529 C  CG  . MSE A 1 60 ? 11.017  14.205  10.021  1.00 31.84 ? 58  MSE A CG  1 
HETATM 530 SE SE  . MSE A 1 60 ? 12.146  12.814  9.174   0.72 39.84 ? 58  MSE A SE  1 
HETATM 531 C  CE  . MSE A 1 60 ? 10.884  12.058  7.933   1.00 35.55 ? 58  MSE A CE  1 
ATOM   532 N  N   . ASN A 1 61 ? 7.690   12.533  13.050  1.00 20.04 ? 59  ASN A N   1 
ATOM   533 C  CA  . ASN A 1 61 ? 7.031   12.322  14.335  1.00 18.59 ? 59  ASN A CA  1 
ATOM   534 C  C   . ASN A 1 61 ? 6.670   10.838  14.424  1.00 16.72 ? 59  ASN A C   1 
ATOM   535 O  O   . ASN A 1 61 ? 5.959   10.315  13.569  1.00 15.79 ? 59  ASN A O   1 
ATOM   536 C  CB  . ASN A 1 61 ? 5.785   13.203  14.426  1.00 15.30 ? 59  ASN A CB  1 
ATOM   537 C  CG  . ASN A 1 61 ? 4.978   12.959  15.690  1.00 19.85 ? 59  ASN A CG  1 
ATOM   538 O  OD1 . ASN A 1 61 ? 4.425   11.883  15.886  1.00 16.02 ? 59  ASN A OD1 1 
ATOM   539 N  ND2 . ASN A 1 61 ? 4.901   13.972  16.551  1.00 19.42 ? 59  ASN A ND2 1 
ATOM   540 N  N   . ALA A 1 62 ? 7.167   10.160  15.459  1.00 17.38 ? 60  ALA A N   1 
ATOM   541 C  CA  . ALA A 1 62 ? 6.936   8.720   15.620  1.00 15.18 ? 60  ALA A CA  1 
ATOM   542 C  C   . ALA A 1 62 ? 5.480   8.312   15.692  1.00 14.31 ? 60  ALA A C   1 
ATOM   543 O  O   . ALA A 1 62 ? 5.106   7.276   15.143  1.00 14.27 ? 60  ALA A O   1 
ATOM   544 C  CB  . ALA A 1 62 ? 7.669   8.204   16.862  1.00 15.01 ? 60  ALA A CB  1 
ATOM   545 N  N   . GLU A 1 63 ? 4.668   9.101   16.397  1.00 14.01 ? 61  GLU A N   1 
ATOM   546 C  CA  . GLU A 1 63 ? 3.241   8.804   16.514  1.00 14.20 ? 61  GLU A CA  1 
ATOM   547 C  C   . GLU A 1 63 ? 2.542   8.940   15.163  1.00 12.52 ? 61  GLU A C   1 
ATOM   548 O  O   . GLU A 1 63 ? 1.693   8.121   14.825  1.00 11.39 ? 61  GLU A O   1 
ATOM   549 C  CB  . GLU A 1 63 ? 2.576   9.735   17.537  1.00 16.54 ? 61  GLU A CB  1 
ATOM   550 C  CG  . GLU A 1 63 ? 3.037   9.537   18.973  1.00 20.59 ? 61  GLU A CG  1 
ATOM   551 C  CD  . GLU A 1 63 ? 3.117   8.077   19.375  1.00 28.09 ? 61  GLU A CD  1 
ATOM   552 O  OE1 . GLU A 1 63 ? 2.087   7.367   19.307  1.00 28.04 ? 61  GLU A OE1 1 
ATOM   553 O  OE2 . GLU A 1 63 ? 4.226   7.637   19.759  1.00 33.23 ? 61  GLU A OE2 1 
ATOM   554 N  N   . ASP A 1 64 ? 2.892   9.975   14.396  1.00 12.95 ? 62  ASP A N   1 
ATOM   555 C  CA  . ASP A 1 64 ? 2.287   10.166  13.071  1.00 11.94 ? 62  ASP A CA  1 
ATOM   556 C  C   . ASP A 1 64 ? 2.658   8.974   12.172  1.00 12.75 ? 62  ASP A C   1 
ATOM   557 O  O   . ASP A 1 64 ? 1.826   8.480   11.393  1.00 10.95 ? 62  ASP A O   1 
ATOM   558 C  CB  . ASP A 1 64 ? 2.775   11.481  12.435  1.00 11.63 ? 62  ASP A CB  1 
ATOM   559 C  CG  . ASP A 1 64 ? 2.230   12.720  13.144  1.00 12.79 ? 62  ASP A CG  1 
ATOM   560 O  OD1 . ASP A 1 64 ? 1.364   12.578  14.038  1.00 11.86 ? 62  ASP A OD1 1 
ATOM   561 O  OD2 . ASP A 1 64 ? 2.668   13.844  12.802  1.00 13.05 ? 62  ASP A OD2 1 
ATOM   562 N  N   . ARG A 1 65 ? 3.904   8.511   12.272  1.00 13.18 ? 63  ARG A N   1 
ATOM   563 C  CA  . ARG A 1 65 ? 4.326   7.354   11.474  1.00 14.88 ? 63  ARG A CA  1 
ATOM   564 C  C   . ARG A 1 65 ? 3.587   6.091   11.910  1.00 14.94 ? 63  ARG A C   1 
ATOM   565 O  O   . ARG A 1 65 ? 3.190   5.262   11.080  1.00 15.33 ? 63  ARG A O   1 
ATOM   566 C  CB  . ARG A 1 65 ? 5.831   7.098   11.609  1.00 17.55 ? 63  ARG A CB  1 
ATOM   567 C  CG  . ARG A 1 65 ? 6.708   8.120   10.971  1.00 17.65 ? 63  ARG A CG  1 
ATOM   568 C  CD  . ARG A 1 65 ? 8.103   7.510   10.729  1.00 20.91 ? 63  ARG A CD  1 
ATOM   569 N  NE  . ARG A 1 65 ? 8.723   7.058   11.969  1.00 18.95 ? 63  ARG A NE  1 
ATOM   570 C  CZ  . ARG A 1 65 ? 9.288   7.860   12.867  1.00 22.44 ? 63  ARG A CZ  1 
ATOM   571 N  NH1 . ARG A 1 65 ? 9.315   9.170   12.672  1.00 22.69 ? 63  ARG A NH1 1 
ATOM   572 N  NH2 . ARG A 1 65 ? 9.844   7.350   13.959  1.00 20.77 ? 63  ARG A NH2 1 
ATOM   573 N  N   . LYS A 1 66 ? 3.433   5.930   13.219  1.00 15.06 ? 64  LYS A N   1 
ATOM   574 C  CA  . LYS A 1 66 ? 2.736   4.768   13.752  1.00 14.25 ? 64  LYS A CA  1 
ATOM   575 C  C   . LYS A 1 66 ? 1.313   4.749   13.196  1.00 15.09 ? 64  LYS A C   1 
ATOM   576 O  O   . LYS A 1 66 ? 0.824   3.710   12.742  1.00 14.21 ? 64  LYS A O   1 
ATOM   577 C  CB  . LYS A 1 66 ? 2.724   4.823   15.278  1.00 16.77 ? 64  LYS A CB  1 
ATOM   578 C  CG  . LYS A 1 66 ? 2.071   3.633   15.957  1.00 22.43 ? 64  LYS A CG  1 
ATOM   579 C  CD  . LYS A 1 66 ? 2.278   3.718   17.464  1.00 26.72 ? 64  LYS A CD  1 
ATOM   580 C  CE  . LYS A 1 66 ? 1.601   2.567   18.194  1.00 31.56 ? 64  LYS A CE  1 
ATOM   581 N  NZ  . LYS A 1 66 ? 1.928   2.594   19.653  1.00 34.62 ? 64  LYS A NZ  1 
ATOM   582 N  N   . PHE A 1 67 ? 0.648   5.904   13.230  1.00 11.57 ? 65  PHE A N   1 
ATOM   583 C  CA  . PHE A 1 67 ? -0.712  6.007   12.707  1.00 10.00 ? 65  PHE A CA  1 
ATOM   584 C  C   . PHE A 1 67 ? -0.750  5.564   11.244  1.00 12.18 ? 65  PHE A C   1 
ATOM   585 O  O   . PHE A 1 67 ? -1.573  4.734   10.846  1.00 11.02 ? 65  PHE A O   1 
ATOM   586 C  CB  . PHE A 1 67 ? -1.202  7.457   12.825  1.00 12.36 ? 65  PHE A CB  1 
ATOM   587 C  CG  . PHE A 1 67 ? -2.524  7.700   12.157  1.00 13.64 ? 65  PHE A CG  1 
ATOM   588 C  CD1 . PHE A 1 67 ? -2.589  8.388   10.951  1.00 13.67 ? 65  PHE A CD1 1 
ATOM   589 C  CD2 . PHE A 1 67 ? -3.700  7.195   12.711  1.00 16.32 ? 65  PHE A CD2 1 
ATOM   590 C  CE1 . PHE A 1 67 ? -3.817  8.570   10.280  1.00 16.81 ? 65  PHE A CE1 1 
ATOM   591 C  CE2 . PHE A 1 67 ? -4.934  7.371   12.059  1.00 17.94 ? 65  PHE A CE2 1 
ATOM   592 C  CZ  . PHE A 1 67 ? -4.991  8.060   10.841  1.00 15.94 ? 65  PHE A CZ  1 
ATOM   593 N  N   . LEU A 1 68 ? 0.154   6.107   10.439  1.00 10.91 ? 66  LEU A N   1 
ATOM   594 C  CA  . LEU A 1 68 ? 0.152   5.766   9.024   1.00 13.07 ? 66  LEU A CA  1 
ATOM   595 C  C   . LEU A 1 68 ? 0.458   4.292   8.814   1.00 14.59 ? 66  LEU A C   1 
ATOM   596 O  O   . LEU A 1 68 ? -0.135  3.651   7.953   1.00 11.77 ? 66  LEU A O   1 
ATOM   597 C  CB  . LEU A 1 68 ? 1.138   6.657   8.254   1.00 13.02 ? 66  LEU A CB  1 
ATOM   598 C  CG  . LEU A 1 68 ? 0.734   8.141   8.105   1.00 11.85 ? 66  LEU A CG  1 
ATOM   599 C  CD1 . LEU A 1 68 ? 1.847   8.919   7.407   1.00 14.90 ? 66  LEU A CD1 1 
ATOM   600 C  CD2 . LEU A 1 68 ? -0.562  8.259   7.290   1.00 12.98 ? 66  LEU A CD2 1 
ATOM   601 N  N   . GLN A 1 69 ? 1.370   3.750   9.614   1.00 14.70 ? 67  GLN A N   1 
ATOM   602 C  CA  . GLN A 1 69 ? 1.724   2.341   9.493   1.00 16.77 ? 67  GLN A CA  1 
ATOM   603 C  C   . GLN A 1 69 ? 0.508   1.461   9.815   1.00 15.52 ? 67  GLN A C   1 
ATOM   604 O  O   . GLN A 1 69 ? 0.277   0.451   9.149   1.00 17.79 ? 67  GLN A O   1 
ATOM   605 C  CB  . GLN A 1 69 ? 2.889   2.009   10.432  1.00 19.93 ? 67  GLN A CB  1 
ATOM   606 C  CG  . GLN A 1 69 ? 3.157   0.525   10.545  1.00 28.67 ? 67  GLN A CG  1 
ATOM   607 C  CD  . GLN A 1 69 ? 3.666   -0.069  9.262   1.00 32.71 ? 67  GLN A CD  1 
ATOM   608 O  OE1 . GLN A 1 69 ? 3.518   -1.268  9.023   1.00 39.43 ? 67  GLN A OE1 1 
ATOM   609 N  NE2 . GLN A 1 69 ? 4.285   0.760   8.424   1.00 37.76 ? 67  GLN A NE2 1 
ATOM   610 N  N   . GLN A 1 70 ? -0.267  1.848   10.829  1.00 14.47 ? 68  GLN A N   1 
ATOM   611 C  CA  . GLN A 1 70 ? -1.468  1.092   11.198  1.00 16.94 ? 68  GLN A CA  1 
ATOM   612 C  C   . GLN A 1 70 ? -2.526  1.169   10.081  1.00 15.04 ? 68  GLN A C   1 
ATOM   613 O  O   . GLN A 1 70 ? -3.202  0.184   9.788   1.00 14.26 ? 68  GLN A O   1 
ATOM   614 C  CB  . GLN A 1 70 ? -2.078  1.644   12.494  1.00 19.75 ? 68  GLN A CB  1 
ATOM   615 C  CG  . GLN A 1 70 ? -1.126  1.632   13.690  1.00 26.25 ? 68  GLN A CG  1 
ATOM   616 C  CD  . GLN A 1 70 ? -1.725  2.287   14.924  1.00 28.17 ? 68  GLN A CD  1 
ATOM   617 O  OE1 . GLN A 1 70 ? -2.527  3.227   14.827  1.00 29.25 ? 68  GLN A OE1 1 
ATOM   618 N  NE2 . GLN A 1 70 ? -1.324  1.808   16.094  1.00 30.27 ? 68  GLN A NE2 1 
ATOM   619 N  N   . GLU A 1 71 ? -2.688  2.344   9.476   1.00 12.51 ? 69  GLU A N   1 
ATOM   620 C  CA  . GLU A 1 71 ? -3.683  2.481   8.401   1.00 10.80 ? 69  GLU A CA  1 
ATOM   621 C  C   . GLU A 1 71 ? -3.236  1.719   7.147   1.00 10.13 ? 69  GLU A C   1 
ATOM   622 O  O   . GLU A 1 71 ? -4.057  1.110   6.458   1.00 12.21 ? 69  GLU A O   1 
ATOM   623 C  CB  . GLU A 1 71 ? -3.910  3.951   8.063   1.00 11.40 ? 69  GLU A CB  1 
ATOM   624 C  CG  . GLU A 1 71 ? -4.619  4.725   9.175   1.00 15.57 ? 69  GLU A CG  1 
ATOM   625 C  CD  . GLU A 1 71 ? -5.996  4.132   9.504   1.00 18.43 ? 69  GLU A CD  1 
ATOM   626 O  OE1 . GLU A 1 71 ? -6.828  3.996   8.584   1.00 19.91 ? 69  GLU A OE1 1 
ATOM   627 O  OE2 . GLU A 1 71 ? -6.237  3.809   10.682  1.00 19.64 ? 69  GLU A OE2 1 
HETATM 628 N  N   . MSE A 1 72 ? -1.944  1.758   6.846   1.00 11.43 ? 70  MSE A N   1 
HETATM 629 C  CA  . MSE A 1 72 ? -1.432  1.039   5.684   1.00 10.23 ? 70  MSE A CA  1 
HETATM 630 C  C   . MSE A 1 72 ? -1.700  -0.456  5.841   1.00 12.01 ? 70  MSE A C   1 
HETATM 631 O  O   . MSE A 1 72 ? -2.209  -1.098  4.918   1.00 11.00 ? 70  MSE A O   1 
HETATM 632 C  CB  . MSE A 1 72 ? 0.075   1.268   5.510   1.00 13.50 ? 70  MSE A CB  1 
HETATM 633 C  CG  . MSE A 1 72 ? 0.623   0.519   4.306   1.00 18.11 ? 70  MSE A CG  1 
HETATM 634 SE SE  . MSE A 1 72 ? 2.529   0.743   4.058   0.92 29.36 ? 70  MSE A SE  1 
HETATM 635 C  CE  . MSE A 1 72 ? 3.161   -0.488  5.380   1.00 27.71 ? 70  MSE A CE  1 
ATOM   636 N  N   . ASP A 1 73 ? -1.360  -1.009  7.008   1.00 13.99 ? 71  ASP A N   1 
ATOM   637 C  CA  . ASP A 1 73 ? -1.590  -2.433  7.273   1.00 15.26 ? 71  ASP A CA  1 
ATOM   638 C  C   . ASP A 1 73 ? -3.070  -2.764  7.049   1.00 15.76 ? 71  ASP A C   1 
ATOM   639 O  O   . ASP A 1 73 ? -3.400  -3.741  6.391   1.00 16.00 ? 71  ASP A O   1 
ATOM   640 C  CB  . ASP A 1 73 ? -1.203  -2.803  8.715   1.00 16.45 ? 71  ASP A CB  1 
ATOM   641 C  CG  . ASP A 1 73 ? 0.298   -2.838  8.932   1.00 21.17 ? 71  ASP A CG  1 
ATOM   642 O  OD1 . ASP A 1 73 ? 1.042   -2.863  7.932   1.00 23.44 ? 71  ASP A OD1 1 
ATOM   643 O  OD2 . ASP A 1 73 ? 0.738   -2.849  10.103  1.00 22.78 ? 71  ASP A OD2 1 
ATOM   644 N  N   . LYS A 1 74 ? -3.965  -1.948  7.593   1.00 14.03 ? 72  LYS A N   1 
ATOM   645 C  CA  . LYS A 1 74 ? -5.389  -2.212  7.398   1.00 17.19 ? 72  LYS A CA  1 
ATOM   646 C  C   . LYS A 1 74 ? -5.792  -2.098  5.924   1.00 15.59 ? 72  LYS A C   1 
ATOM   647 O  O   . LYS A 1 74 ? -6.525  -2.939  5.401   1.00 13.57 ? 72  LYS A O   1 
ATOM   648 C  CB  . LYS A 1 74 ? -6.232  -1.256  8.242   1.00 20.53 ? 72  LYS A CB  1 
ATOM   649 C  CG  . LYS A 1 74 ? -6.044  -1.455  9.745   1.00 26.70 ? 72  LYS A CG  1 
ATOM   650 C  CD  . LYS A 1 74 ? -7.052  -0.655  10.573  1.00 29.62 ? 72  LYS A CD  1 
ATOM   651 C  CE  . LYS A 1 74 ? -6.775  0.838   10.510  1.00 31.32 ? 72  LYS A CE  1 
ATOM   652 N  NZ  . LYS A 1 74 ? -7.735  1.613   11.358  1.00 34.03 ? 72  LYS A NZ  1 
ATOM   653 N  N   . PHE A 1 75 ? -5.294  -1.058  5.262   1.00 13.19 ? 73  PHE A N   1 
ATOM   654 C  CA  . PHE A 1 75 ? -5.602  -0.783  3.857   1.00 12.68 ? 73  PHE A CA  1 
ATOM   655 C  C   . PHE A 1 75 ? -5.245  -1.916  2.885   1.00 11.01 ? 73  PHE A C   1 
ATOM   656 O  O   . PHE A 1 75 ? -5.991  -2.196  1.931   1.00 11.99 ? 73  PHE A O   1 
ATOM   657 C  CB  . PHE A 1 75 ? -4.868  0.502   3.427   1.00 11.99 ? 73  PHE A CB  1 
ATOM   658 C  CG  . PHE A 1 75 ? -5.373  1.096   2.126   1.00 12.04 ? 73  PHE A CG  1 
ATOM   659 C  CD1 . PHE A 1 75 ? -6.418  2.023   2.123   1.00 13.61 ? 73  PHE A CD1 1 
ATOM   660 C  CD2 . PHE A 1 75 ? -4.806  0.724   0.903   1.00 12.50 ? 73  PHE A CD2 1 
ATOM   661 C  CE1 . PHE A 1 75 ? -6.891  2.572   0.927   1.00 14.36 ? 73  PHE A CE1 1 
ATOM   662 C  CE2 . PHE A 1 75 ? -5.272  1.266   -0.297  1.00 11.93 ? 73  PHE A CE2 1 
ATOM   663 C  CZ  . PHE A 1 75 ? -6.318  2.195   -0.286  1.00 14.03 ? 73  PHE A CZ  1 
ATOM   664 N  N   . LEU A 1 76 ? -4.111  -2.562  3.130   1.00 12.24 ? 74  LEU A N   1 
ATOM   665 C  CA  . LEU A 1 76 ? -3.609  -3.631  2.265   1.00 13.01 ? 74  LEU A CA  1 
ATOM   666 C  C   . LEU A 1 76 ? -3.786  -5.043  2.827   1.00 14.76 ? 74  LEU A C   1 
ATOM   667 O  O   . LEU A 1 76 ? -3.229  -6.000  2.278   1.00 15.11 ? 74  LEU A O   1 
ATOM   668 C  CB  . LEU A 1 76 ? -2.119  -3.392  2.000   1.00 11.39 ? 74  LEU A CB  1 
ATOM   669 C  CG  . LEU A 1 76 ? -1.798  -2.012  1.409   1.00 9.57  ? 74  LEU A CG  1 
ATOM   670 C  CD1 . LEU A 1 76 ? -0.271  -1.780  1.359   1.00 11.13 ? 74  LEU A CD1 1 
ATOM   671 C  CD2 . LEU A 1 76 ? -2.415  -1.942  -0.003  1.00 8.72  ? 74  LEU A CD2 1 
ATOM   672 N  N   . SER A 1 77 ? -4.583  -5.180  3.882   1.00 16.07 ? 75  SER A N   1 
ATOM   673 C  CA  . SER A 1 77 ? -4.749  -6.481  4.539   1.00 18.31 ? 75  SER A CA  1 
ATOM   674 C  C   . SER A 1 77 ? -5.635  -7.554  3.905   1.00 20.40 ? 75  SER A C   1 
ATOM   675 O  O   . SER A 1 77 ? -5.458  -8.745  4.182   1.00 20.08 ? 75  SER A O   1 
ATOM   676 C  CB  . SER A 1 77 ? -5.253  -6.272  5.963   1.00 18.16 ? 75  SER A CB  1 
ATOM   677 O  OG  . SER A 1 77 ? -6.593  -5.811  5.932   1.00 17.99 ? 75  SER A OG  1 
ATOM   678 N  N   . GLY A 1 78 ? -6.594  -7.149  3.087   1.00 19.78 ? 76  GLY A N   1 
ATOM   679 C  CA  . GLY A 1 78 ? -7.492  -8.141  2.517   1.00 19.05 ? 76  GLY A CA  1 
ATOM   680 C  C   . GLY A 1 78 ? -8.873  -7.845  3.062   1.00 18.98 ? 76  GLY A C   1 
ATOM   681 O  O   . GLY A 1 78 ? -9.875  -8.351  2.557   1.00 16.72 ? 76  GLY A O   1 
ATOM   682 N  N   A GLU A 1 79 ? -8.926  -7.024  4.108   0.50 19.49 ? 77  GLU A N   1 
ATOM   683 N  N   B GLU A 1 79 ? -8.926  -7.022  4.106   0.50 19.88 ? 77  GLU A N   1 
ATOM   684 C  CA  A GLU A 1 79 ? -10.200 -6.643  4.710   0.50 23.29 ? 77  GLU A CA  1 
ATOM   685 C  CA  B GLU A 1 79 ? -10.201 -6.638  4.707   0.50 23.89 ? 77  GLU A CA  1 
ATOM   686 C  C   A GLU A 1 79 ? -10.765 -5.455  3.929   0.50 24.74 ? 77  GLU A C   1 
ATOM   687 C  C   B GLU A 1 79 ? -10.768 -5.460  3.918   0.50 25.13 ? 77  GLU A C   1 
ATOM   688 O  O   A GLU A 1 79 ? -10.063 -4.839  3.119   0.50 23.45 ? 77  GLU A O   1 
ATOM   689 O  O   B GLU A 1 79 ? -10.074 -4.856  3.094   0.50 23.86 ? 77  GLU A O   1 
ATOM   690 C  CB  A GLU A 1 79 ? -10.006 -6.227  6.177   0.50 25.14 ? 77  GLU A CB  1 
ATOM   691 C  CB  B GLU A 1 79 ? -10.011 -6.183  6.161   0.50 26.26 ? 77  GLU A CB  1 
ATOM   692 C  CG  A GLU A 1 79 ? -9.657  -4.753  6.356   0.47 26.88 ? 77  GLU A CG  1 
ATOM   693 C  CG  B GLU A 1 79 ? -9.085  -7.037  7.006   0.53 28.79 ? 77  GLU A CG  1 
ATOM   694 C  CD  A GLU A 1 79 ? -9.622  -4.308  7.815   0.46 29.23 ? 77  GLU A CD  1 
ATOM   695 C  CD  B GLU A 1 79 ? -8.971  -6.515  8.428   0.54 32.26 ? 77  GLU A CD  1 
ATOM   696 O  OE1 A GLU A 1 79 ? -9.829  -3.102  8.073   0.62 30.64 ? 77  GLU A OE1 1 
ATOM   697 O  OE1 B GLU A 1 79 ? -7.993  -6.867  9.116   0.38 32.94 ? 77  GLU A OE1 1 
ATOM   698 O  OE2 A GLU A 1 79 ? -9.381  -5.153  8.703   0.53 30.54 ? 77  GLU A OE2 1 
ATOM   699 O  OE2 B GLU A 1 79 ? -9.864  -5.755  8.861   0.47 33.80 ? 77  GLU A OE2 1 
ATOM   700 N  N   . ASP A 1 80 ? -12.030 -5.134  4.176   1.00 26.23 ? 78  ASP A N   1 
ATOM   701 C  CA  . ASP A 1 80 ? -12.667 -4.001  3.516   1.00 30.65 ? 78  ASP A CA  1 
ATOM   702 C  C   . ASP A 1 80 ? -12.122 -2.810  4.297   1.00 31.28 ? 78  ASP A C   1 
ATOM   703 O  O   . ASP A 1 80 ? -12.382 -2.689  5.493   1.00 30.18 ? 78  ASP A O   1 
ATOM   704 C  CB  . ASP A 1 80 ? -14.190 -4.055  3.677   1.00 35.36 ? 78  ASP A CB  1 
ATOM   705 C  CG  . ASP A 1 80 ? -14.883 -4.737  2.513   1.00 39.93 ? 78  ASP A CG  1 
ATOM   706 O  OD1 . ASP A 1 80 ? -16.127 -4.856  2.550   1.00 44.68 ? 78  ASP A OD1 1 
ATOM   707 O  OD2 . ASP A 1 80 ? -14.191 -5.148  1.559   1.00 44.27 ? 78  ASP A OD2 1 
ATOM   708 N  N   . TYR A 1 81 ? -11.346 -1.951  3.647   1.00 32.27 ? 79  TYR A N   1 
ATOM   709 C  CA  . TYR A 1 81 ? -10.792 -0.799  4.346   1.00 34.04 ? 79  TYR A CA  1 
ATOM   710 C  C   . TYR A 1 81 ? -11.880 0.215   4.675   1.00 35.58 ? 79  TYR A C   1 
ATOM   711 O  O   . TYR A 1 81 ? -11.913 0.683   5.832   1.00 37.13 ? 79  TYR A O   1 
ATOM   712 C  CB  . TYR A 1 81 ? -9.706  -0.114  3.517   1.00 31.74 ? 79  TYR A CB  1 
ATOM   713 C  CG  . TYR A 1 81 ? -9.062  1.055   4.239   1.00 30.85 ? 79  TYR A CG  1 
ATOM   714 C  CD1 . TYR A 1 81 ? -8.211  0.845   5.324   1.00 28.83 ? 79  TYR A CD1 1 
ATOM   715 C  CD2 . TYR A 1 81 ? -9.305  2.369   3.839   1.00 29.26 ? 79  TYR A CD2 1 
ATOM   716 C  CE1 . TYR A 1 81 ? -7.610  1.907   5.991   1.00 27.84 ? 79  TYR A CE1 1 
ATOM   717 C  CE2 . TYR A 1 81 ? -8.710  3.444   4.500   1.00 28.98 ? 79  TYR A CE2 1 
ATOM   718 C  CZ  . TYR A 1 81 ? -7.860  3.205   5.576   1.00 31.14 ? 79  TYR A CZ  1 
ATOM   719 O  OH  . TYR A 1 81 ? -7.250  4.258   6.234   1.00 30.27 ? 79  TYR A OH  1 
HETATM 720 O  O   . HOH B 2 .  ? -2.589  -3.094  -10.415 1.00 10.55 ? 93  HOH A O   1 
HETATM 721 O  O   . HOH B 2 .  ? -3.009  11.879  13.819  1.00 10.73 ? 94  HOH A O   1 
HETATM 722 O  O   . HOH B 2 .  ? 3.212   -6.327  -6.626  1.00 11.01 ? 95  HOH A O   1 
HETATM 723 O  O   . HOH B 2 .  ? -6.986  -11.345 -0.021  1.00 14.95 ? 96  HOH A O   1 
HETATM 724 O  O   . HOH B 2 .  ? 2.560   15.700  16.786  1.00 46.85 ? 97  HOH A O   1 
HETATM 725 O  O   . HOH B 2 .  ? 10.699  -4.213  4.366   1.00 18.06 ? 98  HOH A O   1 
HETATM 726 O  O   . HOH B 2 .  ? -12.965 -11.065 -5.782  1.00 19.30 ? 99  HOH A O   1 
HETATM 727 O  O   . HOH B 2 .  ? -1.636  -5.467  5.217   1.00 19.03 ? 100 HOH A O   1 
HETATM 728 O  O   . HOH B 2 .  ? 13.235  -1.141  4.299   1.00 20.06 ? 101 HOH A O   1 
HETATM 729 O  O   . HOH B 2 .  ? -0.439  -12.845 -4.185  1.00 15.91 ? 102 HOH A O   1 
HETATM 730 O  O   . HOH B 2 .  ? 11.116  9.630   15.302  1.00 27.43 ? 103 HOH A O   1 
HETATM 731 O  O   . HOH B 2 .  ? 3.215   -13.179 -6.194  1.00 22.70 ? 104 HOH A O   1 
HETATM 732 O  O   . HOH B 2 .  ? -10.036 -2.800  0.961   1.00 20.23 ? 105 HOH A O   1 
HETATM 733 O  O   . HOH B 2 .  ? 3.228   16.148  14.264  1.00 20.34 ? 106 HOH A O   1 
HETATM 734 O  O   . HOH B 2 .  ? -7.378  -4.813  2.134   1.00 21.35 ? 107 HOH A O   1 
HETATM 735 O  O   . HOH B 2 .  ? -13.557 -6.557  6.198   1.00 23.02 ? 108 HOH A O   1 
HETATM 736 O  O   . HOH B 2 .  ? -9.978  1.045   0.052   1.00 24.36 ? 109 HOH A O   1 
HETATM 737 O  O   . HOH B 2 .  ? 12.259  -6.161  -0.411  1.00 28.00 ? 110 HOH A O   1 
HETATM 738 O  O   . HOH B 2 .  ? 10.356  -5.662  7.002   1.00 25.93 ? 111 HOH A O   1 
HETATM 739 O  O   . HOH B 2 .  ? 7.889   -0.887  -9.107  1.00 29.73 ? 112 HOH A O   1 
HETATM 740 O  O   . HOH B 2 .  ? 1.762   9.039   -0.131  1.00 27.78 ? 113 HOH A O   1 
HETATM 741 O  O   . HOH B 2 .  ? -8.593  -8.802  -12.973 1.00 25.87 ? 114 HOH A O   1 
HETATM 742 O  O   . HOH B 2 .  ? 3.543   17.562  17.695  1.00 54.34 ? 115 HOH A O   1 
HETATM 743 O  O   . HOH B 2 .  ? -8.808  6.517   6.612   1.00 32.76 ? 116 HOH A O   1 
HETATM 744 O  O   . HOH B 2 .  ? 3.568   -17.153 3.393   1.00 59.90 ? 117 HOH A O   1 
HETATM 745 O  O   . HOH B 2 .  ? 10.295  17.635  12.235  1.00 25.91 ? 118 HOH A O   1 
HETATM 746 O  O   . HOH B 2 .  ? 9.182   11.312  17.346  1.00 25.73 ? 119 HOH A O   1 
HETATM 747 O  O   . HOH B 2 .  ? 8.094   -11.360 2.969   1.00 31.02 ? 120 HOH A O   1 
HETATM 748 O  O   . HOH B 2 .  ? 12.261  11.696  14.526  1.00 36.12 ? 121 HOH A O   1 
HETATM 749 O  O   . HOH B 2 .  ? 4.894   -5.566  -15.115 1.00 24.67 ? 122 HOH A O   1 
HETATM 750 O  O   . HOH B 2 .  ? 9.908   2.896   -3.333  1.00 34.43 ? 123 HOH A O   1 
HETATM 751 O  O   . HOH B 2 .  ? 13.183  -7.668  6.705   1.00 25.96 ? 124 HOH A O   1 
HETATM 752 O  O   . HOH B 2 .  ? 0.991   -4.335  4.825   1.00 33.96 ? 125 HOH A O   1 
HETATM 753 O  O   . HOH B 2 .  ? -0.197  -14.174 -6.904  1.00 26.22 ? 126 HOH A O   1 
HETATM 754 O  O   . HOH B 2 .  ? -5.086  3.759   13.241  1.00 32.75 ? 127 HOH A O   1 
HETATM 755 O  O   . HOH B 2 .  ? -8.575  9.971   9.847   1.00 30.71 ? 128 HOH A O   1 
HETATM 756 O  O   . HOH B 2 .  ? 6.362   14.819  6.753   1.00 33.94 ? 129 HOH A O   1 
HETATM 757 O  O   . HOH B 2 .  ? -3.370  -1.932  11.436  1.00 35.39 ? 130 HOH A O   1 
HETATM 758 O  O   . HOH B 2 .  ? 6.465   4.791   15.038  1.00 31.01 ? 131 HOH A O   1 
HETATM 759 O  O   . HOH B 2 .  ? -9.341  6.591   -5.895  1.00 44.32 ? 132 HOH A O   1 
HETATM 760 O  O   . HOH B 2 .  ? 6.186   -12.730 -6.656  1.00 40.38 ? 133 HOH A O   1 
HETATM 761 O  O   . HOH B 2 .  ? 6.786   1.409   5.170   1.00 31.58 ? 134 HOH A O   1 
HETATM 762 O  O   . HOH B 2 .  ? 3.060   -3.303  11.368  1.00 40.92 ? 135 HOH A O   1 
HETATM 763 O  O   . HOH B 2 .  ? 3.854   4.245   2.287   1.00 34.48 ? 136 HOH A O   1 
HETATM 764 O  O   . HOH B 2 .  ? -8.443  19.535  6.936   1.00 37.44 ? 137 HOH A O   1 
HETATM 765 O  O   . HOH B 2 .  ? -0.779  7.076   -6.373  1.00 37.30 ? 138 HOH A O   1 
HETATM 766 O  O   . HOH B 2 .  ? -4.423  4.273   -8.831  1.00 47.84 ? 139 HOH A O   1 
HETATM 767 O  O   . HOH B 2 .  ? 5.126   -0.611  -11.098 1.00 35.26 ? 140 HOH A O   1 
HETATM 768 O  O   . HOH B 2 .  ? 1.368   15.847  1.607   1.00 39.26 ? 141 HOH A O   1 
HETATM 769 O  O   . HOH B 2 .  ? -11.209 -5.796  -0.079  1.00 52.53 ? 142 HOH A O   1 
HETATM 770 O  O   . HOH B 2 .  ? -0.126  23.019  4.539   1.00 42.85 ? 143 HOH A O   1 
HETATM 771 O  O   . HOH B 2 .  ? -6.962  6.025   -2.437  1.00 38.02 ? 144 HOH A O   1 
HETATM 772 O  O   . HOH B 2 .  ? -9.615  1.164   -3.198  1.00 31.09 ? 145 HOH A O   1 
HETATM 773 O  O   . HOH B 2 .  ? 0.132   10.773  -3.471  1.00 36.36 ? 146 HOH A O   1 
HETATM 774 O  O   . HOH B 2 .  ? -0.961  -11.956 3.688   1.00 26.08 ? 147 HOH A O   1 
HETATM 775 O  O   . HOH B 2 .  ? 6.548   16.807  15.868  1.00 33.62 ? 148 HOH A O   1 
HETATM 776 O  O   . HOH B 2 .  ? -5.555  15.975  0.297   1.00 34.90 ? 149 HOH A O   1 
HETATM 777 O  O   . HOH B 2 .  ? 3.967   -4.574  -23.304 1.00 42.35 ? 150 HOH A O   1 
HETATM 778 O  O   . HOH B 2 .  ? 2.288   12.727  0.706   1.00 36.48 ? 151 HOH A O   1 
HETATM 779 O  O   . HOH B 2 .  ? -0.425  -2.958  -51.420 1.00 53.06 ? 152 HOH A O   1 
HETATM 780 O  O   . HOH B 2 .  ? -2.868  -15.390 -8.949  1.00 42.83 ? 153 HOH A O   1 
HETATM 781 O  O   . HOH B 2 .  ? 5.670   2.613   3.339   1.00 47.36 ? 154 HOH A O   1 
HETATM 782 O  O   . HOH B 2 .  ? 3.897   -5.876  4.214   1.00 43.30 ? 155 HOH A O   1 
HETATM 783 O  O   . HOH B 2 .  ? -1.170  16.950  -1.686  1.00 35.56 ? 156 HOH A O   1 
HETATM 784 O  O   . HOH B 2 .  ? 9.223   4.570   13.390  1.00 38.28 ? 157 HOH A O   1 
HETATM 785 O  O   . HOH B 2 .  ? -5.909  1.204   13.499  1.00 44.08 ? 158 HOH A O   1 
HETATM 786 O  O   . HOH B 2 .  ? 6.479   -12.179 1.113   1.00 38.68 ? 159 HOH A O   1 
HETATM 787 O  O   . HOH B 2 .  ? 4.262   -13.946 0.695   1.00 37.43 ? 160 HOH A O   1 
HETATM 788 O  O   . HOH B 2 .  ? 15.317  -9.227  4.782   1.00 44.01 ? 161 HOH A O   1 
HETATM 789 O  O   . HOH B 2 .  ? -2.334  2.461   -10.582 1.00 36.13 ? 162 HOH A O   1 
HETATM 790 O  O   . HOH B 2 .  ? -7.545  7.494   -10.321 1.00 42.87 ? 163 HOH A O   1 
HETATM 791 O  O   . HOH B 2 .  ? -9.260  3.046   8.932   1.00 35.22 ? 164 HOH A O   1 
HETATM 792 O  O   . HOH B 2 .  ? -8.788  17.739  9.622   1.00 55.18 ? 165 HOH A O   1 
HETATM 793 O  O   . HOH B 2 .  ? -4.794  9.520   -9.351  1.00 42.30 ? 166 HOH A O   1 
HETATM 794 O  O   . HOH B 2 .  ? 4.489   -3.505  -17.505 1.00 41.57 ? 167 HOH A O   1 
HETATM 795 O  O   . HOH B 2 .  ? -5.040  7.059   -10.321 1.00 43.28 ? 168 HOH A O   1 
HETATM 796 O  O   . HOH B 2 .  ? 10.759  -3.222  6.818   1.00 35.44 ? 169 HOH A O   1 
HETATM 797 O  O   . HOH B 2 .  ? 14.229  -7.999  0.212   1.00 38.75 ? 170 HOH A O   1 
HETATM 798 O  O   . HOH B 2 .  ? 13.659  -9.967  2.276   1.00 41.28 ? 171 HOH A O   1 
HETATM 799 O  O   . HOH B 2 .  ? 4.603   4.858   6.357   1.00 42.97 ? 172 HOH A O   1 
HETATM 800 O  O   . HOH B 2 .  ? -0.581  10.925  15.129  1.00 13.68 ? 173 HOH A O   1 
HETATM 801 O  O   . HOH B 2 .  ? -11.940 -8.794  6.393   1.00 26.55 ? 174 HOH A O   1 
HETATM 802 O  O   . HOH B 2 .  ? 0.727   18.174  18.835  1.00 36.21 ? 175 HOH A O   1 
HETATM 803 O  O   . HOH B 2 .  ? -12.210 -4.646  8.530   1.00 34.03 ? 176 HOH A O   1 
HETATM 804 O  O   . HOH B 2 .  ? 7.169   3.240   -2.569  1.00 34.38 ? 177 HOH A O   1 
HETATM 805 O  O   . HOH B 2 .  ? 0.076   13.184  -4.742  1.00 47.10 ? 178 HOH A O   1 
HETATM 806 O  O   . HOH B 2 .  ? 0.420   4.760   19.950  1.00 48.34 ? 179 HOH A O   1 
HETATM 807 O  O   . HOH B 2 .  ? -11.437 13.651  1.932   1.00 51.25 ? 180 HOH A O   1 
HETATM 808 O  O   . HOH B 2 .  ? 3.959   10.743  1.548   1.00 37.49 ? 181 HOH A O   1 
HETATM 809 O  O   . HOH B 2 .  ? -1.851  -7.696  6.694   1.00 45.56 ? 182 HOH A O   1 
HETATM 810 O  O   . HOH B 2 .  ? 2.543   10.231  -4.071  1.00 43.35 ? 183 HOH A O   1 
HETATM 811 O  O   . HOH B 2 .  ? -7.987  9.709   -7.036  1.00 40.02 ? 184 HOH A O   1 
HETATM 812 O  O   . HOH B 2 .  ? 12.181  -7.416  -9.311  1.00 44.14 ? 185 HOH A O   1 
HETATM 813 O  O   . HOH B 2 .  ? -4.474  12.097  -2.447  1.00 32.03 ? 186 HOH A O   1 
HETATM 814 O  O   . HOH B 2 .  ? -11.639 1.459   -5.167  1.00 46.49 ? 187 HOH A O   1 
HETATM 815 O  O   . HOH B 2 .  ? -6.076  2.576   -10.423 1.00 47.52 ? 188 HOH A O   1 
HETATM 816 O  O   . HOH B 2 .  ? -7.900  8.177   -1.116  1.00 38.86 ? 189 HOH A O   1 
HETATM 817 O  O   . HOH B 2 .  ? -0.549  -2.552  12.221  1.00 27.69 ? 190 HOH A O   1 
HETATM 818 O  O   . HOH B 2 .  ? 3.407   -3.590  5.239   1.00 36.48 ? 191 HOH A O   1 
HETATM 819 O  O   . HOH B 2 .  ? 14.333  14.068  15.656  1.00 42.45 ? 192 HOH A O   1 
HETATM 820 O  O   . HOH B 2 .  ? 10.298  0.451   -12.888 1.00 50.15 ? 193 HOH A O   1 
HETATM 821 O  O   . HOH B 2 .  ? -11.913 -6.815  -6.783  1.00 36.95 ? 194 HOH A O   1 
HETATM 822 O  O   . HOH B 2 .  ? -8.484  15.410  1.010   1.00 53.86 ? 195 HOH A O   1 
HETATM 823 O  O   . HOH B 2 .  ? -14.873 -1.007  7.786   1.00 46.42 ? 196 HOH A O   1 
HETATM 824 O  O   . HOH B 2 .  ? -4.427  -5.266  9.918   1.00 38.37 ? 197 HOH A O   1 
HETATM 825 O  O   . HOH B 2 .  ? -8.598  7.593   9.270   1.00 37.18 ? 198 HOH A O   1 
HETATM 826 O  O   . HOH B 2 .  ? -10.075 7.325   11.263  1.00 41.02 ? 199 HOH A O   1 
HETATM 827 O  O   . HOH B 2 .  ? -8.999  11.654  8.313   1.00 42.30 ? 200 HOH A O   1 
HETATM 828 O  O   . HOH B 2 .  ? 0.362   7.236   21.121  1.00 29.96 ? 201 HOH A O   1 
HETATM 829 O  O   . HOH B 2 .  ? -1.598  3.708   18.748  1.00 35.45 ? 202 HOH A O   1 
HETATM 830 O  O   . HOH B 2 .  ? -2.813  -12.912 -14.414 1.00 34.91 ? 203 HOH A O   1 
HETATM 831 O  O   . HOH B 2 .  ? 2.774   -4.341  -13.665 1.00 43.96 ? 204 HOH A O   1 
HETATM 832 O  O   . HOH B 2 .  ? -1.076  -0.493  -13.657 1.00 41.61 ? 205 HOH A O   1 
HETATM 833 O  O   . HOH B 2 .  ? -3.232  0.190   -11.974 1.00 51.59 ? 206 HOH A O   1 
HETATM 834 O  O   . HOH B 2 .  ? 4.182   -8.910  6.537   1.00 41.18 ? 207 HOH A O   1 
HETATM 835 O  O   . HOH B 2 .  ? 3.525   -3.224  7.589   1.00 41.32 ? 208 HOH A O   1 
# 
